data_8UYC
#
_entry.id   8UYC
#
_cell.length_a   1.00
_cell.length_b   1.00
_cell.length_c   1.00
_cell.angle_alpha   90.00
_cell.angle_beta   90.00
_cell.angle_gamma   90.00
#
_symmetry.space_group_name_H-M   'P 1'
#
loop_
_entity.id
_entity.type
_entity.pdbx_description
1 polymer 'Magnesium-transporting ATPase, P-type 1'
2 non-polymer 'MAGNESIUM ION'
#
_entity_poly.entity_id   1
_entity_poly.type   'polypeptide(L)'
_entity_poly.pdbx_seq_one_letter_code
;MFKEIFTRLIRHLPSRLVHRDPLPGAQQTVNTVVPPSLSAHCLKMAVMPEEELWKTFDTHPEGLNQAEVESAREQHGENK
LPAQQPSPWWVHLWVCYRNPFNILLTILGAISYATEDLFAAGVIALMVAISTLLNFIQEARSTKAADALKAMVSNTATVL
RVINDKGENGWLEIPIDQLVPGDIIKLAAGDMIPADLRILQARDLFVAQASLTGESLPVEKAATTRQPEHSNPLECDTLC
FMGTTVVSGTAQAMVIATGANTWFGQLAGRVSEQESEPNAFQQGISRVSMLLIRFMLVMAPVVLLINGYTKGDWWEAALF
ALSVAVGLTPEMLPMIVTSTLARGAVKLSKQKVIVKHLDAIQNFGAMDILCTDKTGTLTQDKIVLENHTDISGKTSERVL
HSAWLNSHYQTGLKNLLDTAVLEGTDEESARSLASRWQKIDEIPFDFERRRMSVVVAENTEHHQLVCKGALQEILNVCSQ
VRHNGEIVPLDDIMLRKIKRVTDTLNRQGLRVVAVATKYLPAREGDYQRADESDLILEGYIAFLDPPKETTAPALKALKA
SGITVKILTGDSELVAAKVCHEVGLDAGEVVIGSDIETLSDDELANLAQRTTLFARLTPMHKERIVTLLKREGHVVGFMG
DGINDAPALRAADIGISVDGAVDIAREAADIILLEKSLMVLEEGVIEGRRTFANMLKYIKMTASSNFGNVFSVLVASAFL
PFLPMLPLHLLIQNLLYDVSQVAIPFDNVDDEQIQKPQRWNPADLGRFMIFFGPISSIFDILTFCLMWWVFHANTPETQT
LFQSGWFVVGLLSQTLIVHMIRTRRVPFIQSCASWPLMIMTVIVMIVGIALPFSPLASYLQLQALPLSYFPWLVAILAGY
MTLTQLVKGFYSRRYGWQHHHHHH
;
_entity_poly.pdbx_strand_id   A,B
#
loop_
_chem_comp.id
_chem_comp.type
_chem_comp.name
_chem_comp.formula
MG non-polymer 'MAGNESIUM ION' 'Mg 2'
#
# COMPACT_ATOMS: atom_id res chain seq x y z
N MET A 1 -40.91 -15.45 -32.15
CA MET A 1 -40.16 -15.11 -30.95
C MET A 1 -41.11 -14.80 -29.79
N PHE A 2 -41.57 -13.55 -29.73
CA PHE A 2 -42.46 -13.08 -28.68
C PHE A 2 -41.88 -13.37 -27.30
N LYS A 3 -42.32 -14.47 -26.68
CA LYS A 3 -41.82 -14.92 -25.38
C LYS A 3 -42.01 -13.85 -24.31
N GLU A 4 -43.23 -13.31 -24.22
CA GLU A 4 -43.55 -12.39 -23.14
C GLU A 4 -43.50 -13.07 -21.78
N ILE A 5 -43.89 -14.34 -21.70
CA ILE A 5 -43.83 -15.10 -20.45
C ILE A 5 -42.43 -15.23 -19.90
N PHE A 6 -41.41 -14.85 -20.67
CA PHE A 6 -40.05 -14.79 -20.14
C PHE A 6 -39.97 -13.83 -18.97
N THR A 7 -40.85 -12.84 -18.92
CA THR A 7 -40.91 -11.97 -17.75
C THR A 7 -41.16 -12.77 -16.48
N ARG A 8 -42.00 -13.80 -16.58
CA ARG A 8 -42.17 -14.74 -15.47
C ARG A 8 -40.88 -15.51 -15.21
N LEU A 9 -40.21 -15.96 -16.28
CA LEU A 9 -39.02 -16.79 -16.16
C LEU A 9 -37.86 -16.04 -15.52
N ILE A 10 -37.54 -14.84 -16.04
CA ILE A 10 -36.40 -14.08 -15.56
C ILE A 10 -36.69 -13.54 -14.16
N ARG A 11 -35.82 -13.85 -13.21
CA ARG A 11 -35.88 -13.22 -11.90
C ARG A 11 -34.88 -12.08 -11.83
N HIS A 12 -35.37 -10.91 -11.44
CA HIS A 12 -34.57 -9.69 -11.37
C HIS A 12 -33.92 -9.59 -10.01
N LEU A 13 -32.68 -9.10 -9.99
CA LEU A 13 -31.95 -8.88 -8.74
C LEU A 13 -32.66 -7.82 -7.92
N PRO A 14 -32.50 -7.82 -6.59
CA PRO A 14 -33.14 -6.78 -5.78
C PRO A 14 -32.69 -5.39 -6.21
N SER A 15 -33.62 -4.44 -6.17
CA SER A 15 -33.41 -3.10 -6.69
C SER A 15 -32.49 -2.25 -5.83
N ARG A 16 -31.84 -2.83 -4.83
CA ARG A 16 -30.91 -2.07 -3.97
C ARG A 16 -29.46 -2.36 -4.33
N LEU A 17 -29.15 -3.59 -4.74
CA LEU A 17 -27.79 -3.89 -5.21
C LEU A 17 -27.51 -3.20 -6.54
N VAL A 18 -28.46 -3.26 -7.47
CA VAL A 18 -28.36 -2.58 -8.74
C VAL A 18 -29.31 -1.39 -8.73
N HIS A 19 -29.05 -0.44 -9.63
CA HIS A 19 -29.82 0.79 -9.75
C HIS A 19 -29.60 1.70 -8.54
N ARG A 20 -29.68 3.01 -8.76
CA ARG A 20 -29.35 3.97 -7.72
C ARG A 20 -30.52 4.17 -6.76
N ASP A 21 -30.33 5.07 -5.81
CA ASP A 21 -31.29 5.46 -4.79
C ASP A 21 -32.13 6.64 -5.28
N PRO A 22 -33.29 6.88 -4.64
CA PRO A 22 -34.16 7.97 -5.13
C PRO A 22 -33.50 9.34 -5.19
N LEU A 23 -32.63 9.69 -4.22
CA LEU A 23 -31.98 10.99 -4.18
C LEU A 23 -32.99 12.14 -4.25
N PRO A 24 -33.59 12.53 -3.13
CA PRO A 24 -34.72 13.47 -3.19
C PRO A 24 -34.35 14.83 -3.73
N GLY A 25 -33.86 14.86 -4.98
CA GLY A 25 -33.70 16.10 -5.74
C GLY A 25 -33.90 15.80 -7.22
N ALA A 26 -35.13 15.92 -7.71
CA ALA A 26 -35.48 15.55 -9.06
C ALA A 26 -36.97 15.79 -9.33
N GLN A 27 -37.38 15.77 -10.59
CA GLN A 27 -38.79 15.82 -10.97
C GLN A 27 -39.49 17.03 -10.34
N GLN A 28 -39.07 18.24 -10.72
CA GLN A 28 -39.64 19.46 -10.17
C GLN A 28 -41.11 19.65 -10.54
N THR A 29 -41.68 18.80 -11.39
CA THR A 29 -43.09 18.86 -11.70
C THR A 29 -43.91 18.48 -10.47
N VAL A 30 -45.20 18.76 -10.52
CA VAL A 30 -46.08 18.54 -9.38
C VAL A 30 -46.57 17.10 -9.36
N ASN A 31 -45.83 16.23 -8.69
CA ASN A 31 -46.28 14.85 -8.52
C ASN A 31 -47.48 14.81 -7.57
N THR A 32 -48.57 14.20 -8.04
CA THR A 32 -49.85 14.17 -7.33
C THR A 32 -50.36 15.58 -7.03
N VAL A 33 -49.86 16.57 -7.76
CA VAL A 33 -50.22 17.98 -7.65
C VAL A 33 -50.34 18.41 -6.18
N VAL A 34 -49.29 18.15 -5.40
CA VAL A 34 -49.24 18.51 -3.98
C VAL A 34 -50.50 17.97 -3.30
N PRO A 35 -50.59 16.66 -3.07
CA PRO A 35 -51.87 16.05 -2.67
C PRO A 35 -52.45 16.72 -1.44
N PRO A 36 -53.78 16.93 -1.42
CA PRO A 36 -54.39 17.76 -0.37
C PRO A 36 -54.13 17.27 1.05
N SER A 37 -54.08 15.95 1.27
CA SER A 37 -53.85 15.44 2.61
C SER A 37 -52.48 15.86 3.12
N LEU A 38 -51.44 15.62 2.33
CA LEU A 38 -50.09 15.96 2.74
C LEU A 38 -49.93 17.46 2.93
N SER A 39 -50.45 18.25 1.98
CA SER A 39 -50.31 19.70 2.06
C SER A 39 -51.02 20.24 3.29
N ALA A 40 -52.24 19.76 3.56
CA ALA A 40 -52.99 20.21 4.72
C ALA A 40 -52.29 19.81 6.01
N HIS A 41 -51.75 18.59 6.06
CA HIS A 41 -51.05 18.14 7.26
C HIS A 41 -49.82 18.99 7.52
N CYS A 42 -49.04 19.28 6.47
CA CYS A 42 -47.86 20.11 6.62
C CYS A 42 -48.23 21.52 7.07
N LEU A 43 -49.28 22.09 6.47
CA LEU A 43 -49.69 23.45 6.81
C LEU A 43 -50.16 23.51 8.27
N LYS A 44 -50.90 22.51 8.72
CA LYS A 44 -51.36 22.48 10.10
C LYS A 44 -50.20 22.27 11.07
N MET A 45 -49.22 21.46 10.66
CA MET A 45 -48.10 21.16 11.53
C MET A 45 -47.12 22.33 11.62
N ALA A 46 -47.10 23.20 10.60
CA ALA A 46 -46.17 24.31 10.60
C ALA A 46 -46.44 25.27 11.77
N VAL A 47 -47.65 25.81 11.82
CA VAL A 47 -48.01 26.78 12.87
C VAL A 47 -48.49 26.13 14.15
N MET A 48 -48.30 24.82 14.29
CA MET A 48 -48.72 24.09 15.48
C MET A 48 -48.06 24.68 16.72
N PRO A 49 -48.82 24.99 17.77
CA PRO A 49 -48.21 25.46 19.02
C PRO A 49 -47.25 24.43 19.59
N GLU A 50 -46.17 24.93 20.21
CA GLU A 50 -45.11 24.04 20.69
C GLU A 50 -45.60 23.17 21.84
N GLU A 51 -46.57 23.64 22.62
CA GLU A 51 -47.02 22.89 23.79
C GLU A 51 -47.65 21.56 23.39
N GLU A 52 -48.63 21.60 22.48
CA GLU A 52 -49.31 20.38 22.08
C GLU A 52 -48.50 19.55 21.09
N LEU A 53 -47.37 20.07 20.60
CA LEU A 53 -46.50 19.27 19.75
C LEU A 53 -45.95 18.07 20.51
N TRP A 54 -45.67 18.23 21.80
CA TRP A 54 -45.17 17.12 22.60
C TRP A 54 -46.20 16.01 22.69
N LYS A 55 -47.48 16.37 22.89
CA LYS A 55 -48.53 15.37 22.99
C LYS A 55 -48.85 14.75 21.64
N THR A 56 -48.72 15.52 20.55
CA THR A 56 -49.08 15.01 19.23
C THR A 56 -48.23 13.81 18.84
N PHE A 57 -46.92 13.88 19.08
CA PHE A 57 -46.01 12.82 18.70
C PHE A 57 -45.50 12.01 19.88
N ASP A 58 -46.10 12.19 21.06
CA ASP A 58 -45.72 11.46 22.27
C ASP A 58 -44.23 11.63 22.56
N THR A 59 -43.78 12.88 22.60
CA THR A 59 -42.38 13.21 22.78
C THR A 59 -42.21 14.08 24.01
N HIS A 60 -41.11 13.86 24.73
CA HIS A 60 -40.75 14.64 25.89
C HIS A 60 -39.54 15.53 25.59
N PRO A 61 -39.39 16.66 26.28
CA PRO A 61 -38.23 17.51 26.01
C PRO A 61 -36.90 16.81 26.19
N GLU A 62 -36.79 15.91 27.17
CA GLU A 62 -35.52 15.21 27.41
C GLU A 62 -35.22 14.20 26.32
N GLY A 63 -36.20 13.80 25.51
CA GLY A 63 -36.01 12.86 24.43
C GLY A 63 -36.88 11.63 24.59
N LEU A 64 -36.42 10.52 24.00
CA LEU A 64 -37.16 9.27 24.00
C LEU A 64 -36.27 8.16 24.54
N ASN A 65 -36.84 7.27 25.35
CA ASN A 65 -36.12 6.10 25.83
C ASN A 65 -36.36 4.93 24.89
N GLN A 66 -35.82 3.76 25.26
CA GLN A 66 -35.86 2.59 24.39
C GLN A 66 -37.28 2.15 24.05
N ALA A 67 -38.03 1.73 25.06
CA ALA A 67 -39.35 1.15 24.81
C ALA A 67 -40.18 2.08 23.93
N GLU A 68 -40.08 3.39 24.18
CA GLU A 68 -40.79 4.35 23.34
C GLU A 68 -40.28 4.35 21.91
N VAL A 69 -38.97 4.24 21.71
CA VAL A 69 -38.45 4.35 20.34
C VAL A 69 -38.80 3.11 19.53
N GLU A 70 -38.71 1.91 20.12
CA GLU A 70 -39.18 0.72 19.39
C GLU A 70 -40.70 0.75 19.20
N SER A 71 -41.46 1.28 20.17
CA SER A 71 -42.90 1.39 19.96
C SER A 71 -43.22 2.31 18.79
N ALA A 72 -42.52 3.45 18.71
CA ALA A 72 -42.74 4.38 17.62
C ALA A 72 -42.31 3.78 16.29
N ARG A 73 -41.20 3.05 16.28
CA ARG A 73 -40.75 2.41 15.04
C ARG A 73 -41.75 1.37 14.57
N GLU A 74 -42.31 0.59 15.50
CA GLU A 74 -43.33 -0.39 15.12
C GLU A 74 -44.59 0.31 14.60
N GLN A 75 -44.98 1.42 15.22
CA GLN A 75 -46.22 2.08 14.82
C GLN A 75 -46.07 2.77 13.46
N HIS A 76 -44.96 3.47 13.24
CA HIS A 76 -44.79 4.30 12.06
C HIS A 76 -43.80 3.73 11.05
N GLY A 77 -43.36 2.49 11.23
CA GLY A 77 -42.43 1.90 10.29
C GLY A 77 -41.00 2.38 10.51
N GLU A 78 -40.18 2.13 9.49
CA GLU A 78 -38.77 2.48 9.51
C GLU A 78 -38.48 3.61 8.54
N ASN A 79 -37.42 4.37 8.82
CA ASN A 79 -37.06 5.54 8.02
C ASN A 79 -36.31 5.09 6.76
N LYS A 80 -37.05 4.37 5.90
CA LYS A 80 -36.51 3.88 4.64
C LYS A 80 -37.62 3.86 3.61
N LEU A 81 -37.23 3.82 2.34
CA LEU A 81 -38.14 3.70 1.22
C LEU A 81 -38.61 2.26 1.08
N PRO A 82 -39.76 2.03 0.44
CA PRO A 82 -40.25 0.65 0.30
C PRO A 82 -39.31 -0.25 -0.48
N ALA A 83 -38.42 0.31 -1.29
CA ALA A 83 -37.47 -0.48 -2.07
C ALA A 83 -36.17 -0.76 -1.33
N GLN A 84 -36.06 -0.34 -0.07
CA GLN A 84 -34.82 -0.48 0.69
C GLN A 84 -34.87 -1.56 1.76
N GLN A 85 -36.04 -2.18 1.98
CA GLN A 85 -36.15 -3.22 3.00
C GLN A 85 -35.80 -4.57 2.39
N PRO A 86 -34.74 -5.23 2.85
CA PRO A 86 -34.44 -6.58 2.34
C PRO A 86 -35.50 -7.58 2.75
N SER A 87 -35.72 -8.56 1.87
CA SER A 87 -36.68 -9.61 2.15
C SER A 87 -36.12 -10.60 3.17
N PRO A 88 -36.99 -11.30 3.90
CA PRO A 88 -36.52 -12.31 4.85
C PRO A 88 -35.84 -13.46 4.13
N TRP A 89 -34.93 -14.13 4.85
CA TRP A 89 -34.12 -15.17 4.25
C TRP A 89 -34.97 -16.34 3.75
N TRP A 90 -36.01 -16.72 4.50
CA TRP A 90 -36.86 -17.82 4.05
C TRP A 90 -37.64 -17.44 2.80
N VAL A 91 -38.06 -16.18 2.68
CA VAL A 91 -38.71 -15.72 1.46
C VAL A 91 -37.75 -15.80 0.28
N HIS A 92 -36.49 -15.41 0.49
CA HIS A 92 -35.50 -15.51 -0.57
C HIS A 92 -35.27 -16.95 -0.99
N LEU A 93 -35.18 -17.86 -0.01
CA LEU A 93 -35.03 -19.28 -0.33
C LEU A 93 -36.22 -19.81 -1.11
N TRP A 94 -37.43 -19.43 -0.70
CA TRP A 94 -38.63 -19.89 -1.41
C TRP A 94 -38.66 -19.35 -2.83
N VAL A 95 -38.35 -18.07 -3.03
CA VAL A 95 -38.38 -17.52 -4.38
C VAL A 95 -37.28 -18.10 -5.24
N CYS A 96 -36.15 -18.50 -4.63
CA CYS A 96 -35.13 -19.22 -5.39
C CYS A 96 -35.63 -20.60 -5.80
N TYR A 97 -36.33 -21.29 -4.90
CA TYR A 97 -36.82 -22.63 -5.19
C TYR A 97 -38.05 -22.62 -6.10
N ARG A 98 -38.84 -21.54 -6.08
CA ARG A 98 -40.10 -21.49 -6.80
C ARG A 98 -39.91 -21.25 -8.30
N ASN A 99 -38.68 -21.27 -8.80
CA ASN A 99 -38.46 -21.01 -10.22
C ASN A 99 -39.06 -22.13 -11.07
N PRO A 100 -39.48 -21.83 -12.30
CA PRO A 100 -40.15 -22.84 -13.12
C PRO A 100 -39.28 -24.05 -13.41
N PHE A 101 -37.97 -23.89 -13.55
CA PHE A 101 -37.12 -24.99 -13.98
C PHE A 101 -37.06 -26.09 -12.92
N ASN A 102 -36.81 -25.73 -11.66
CA ASN A 102 -36.72 -26.75 -10.62
C ASN A 102 -38.05 -27.42 -10.37
N ILE A 103 -39.15 -26.65 -10.37
CA ILE A 103 -40.47 -27.22 -10.17
C ILE A 103 -40.80 -28.18 -11.30
N LEU A 104 -40.51 -27.80 -12.55
CA LEU A 104 -40.77 -28.67 -13.67
C LEU A 104 -39.89 -29.92 -13.62
N LEU A 105 -38.64 -29.78 -13.19
CA LEU A 105 -37.77 -30.94 -13.02
C LEU A 105 -38.34 -31.91 -12.00
N THR A 106 -38.79 -31.40 -10.86
CA THR A 106 -39.36 -32.27 -9.83
C THR A 106 -40.63 -32.95 -10.33
N ILE A 107 -41.50 -32.20 -11.01
CA ILE A 107 -42.75 -32.76 -11.51
C ILE A 107 -42.47 -33.85 -12.54
N LEU A 108 -41.53 -33.58 -13.46
CA LEU A 108 -41.18 -34.58 -14.46
C LEU A 108 -40.52 -35.79 -13.83
N GLY A 109 -39.71 -35.60 -12.80
CA GLY A 109 -39.15 -36.74 -12.09
C GLY A 109 -40.22 -37.62 -11.47
N ALA A 110 -41.17 -36.99 -10.78
CA ALA A 110 -42.27 -37.75 -10.18
C ALA A 110 -43.07 -38.49 -11.24
N ILE A 111 -43.37 -37.82 -12.36
CA ILE A 111 -44.15 -38.46 -13.41
C ILE A 111 -43.40 -39.62 -14.02
N SER A 112 -42.10 -39.44 -14.30
CA SER A 112 -41.33 -40.46 -15.00
C SER A 112 -41.03 -41.66 -14.12
N TYR A 113 -40.76 -41.44 -12.83
CA TYR A 113 -40.39 -42.51 -11.93
C TYR A 113 -41.47 -42.80 -10.90
N ALA A 114 -42.72 -42.48 -11.21
CA ALA A 114 -43.84 -42.88 -10.37
C ALA A 114 -44.27 -44.32 -10.60
N THR A 115 -43.71 -44.97 -11.62
CA THR A 115 -44.03 -46.37 -11.88
C THR A 115 -43.27 -47.29 -10.93
N GLU A 116 -43.53 -47.13 -9.64
CA GLU A 116 -42.90 -47.91 -8.57
C GLU A 116 -41.39 -47.72 -8.50
N ASP A 117 -40.84 -46.78 -9.27
CA ASP A 117 -39.39 -46.53 -9.28
C ASP A 117 -39.06 -45.33 -8.39
N LEU A 118 -39.30 -45.51 -7.09
CA LEU A 118 -39.00 -44.46 -6.13
C LEU A 118 -37.48 -44.41 -5.91
N PHE A 119 -37.05 -43.42 -5.14
CA PHE A 119 -35.64 -43.19 -4.82
C PHE A 119 -34.87 -42.75 -6.06
N ALA A 120 -35.55 -42.70 -7.20
CA ALA A 120 -34.99 -42.06 -8.39
C ALA A 120 -35.41 -40.61 -8.47
N ALA A 121 -36.72 -40.36 -8.53
CA ALA A 121 -37.23 -39.00 -8.46
C ALA A 121 -36.84 -38.35 -7.13
N GLY A 122 -36.75 -39.16 -6.07
CA GLY A 122 -36.30 -38.62 -4.79
C GLY A 122 -34.90 -38.06 -4.86
N VAL A 123 -33.98 -38.80 -5.47
CA VAL A 123 -32.61 -38.32 -5.60
C VAL A 123 -32.54 -37.13 -6.56
N ILE A 124 -33.38 -37.14 -7.60
CA ILE A 124 -33.42 -35.99 -8.51
C ILE A 124 -33.84 -34.73 -7.75
N ALA A 125 -34.90 -34.85 -6.95
CA ALA A 125 -35.36 -33.71 -6.15
C ALA A 125 -34.32 -33.31 -5.11
N LEU A 126 -33.59 -34.29 -4.58
CA LEU A 126 -32.51 -33.99 -3.64
C LEU A 126 -31.42 -33.16 -4.30
N MET A 127 -31.05 -33.54 -5.52
CA MET A 127 -30.04 -32.77 -6.26
C MET A 127 -30.54 -31.38 -6.59
N VAL A 128 -31.81 -31.28 -6.97
CA VAL A 128 -32.45 -29.99 -7.25
C VAL A 128 -32.37 -29.11 -6.00
N ALA A 129 -32.70 -29.69 -4.85
CA ALA A 129 -32.66 -28.94 -3.60
C ALA A 129 -31.24 -28.54 -3.25
N ILE A 130 -30.26 -29.42 -3.49
CA ILE A 130 -28.88 -29.09 -3.18
C ILE A 130 -28.42 -27.90 -4.02
N SER A 131 -28.75 -27.92 -5.31
CA SER A 131 -28.42 -26.78 -6.17
C SER A 131 -29.12 -25.51 -5.70
N THR A 132 -30.39 -25.63 -5.31
CA THR A 132 -31.14 -24.46 -4.85
C THR A 132 -30.52 -23.87 -3.59
N LEU A 133 -30.16 -24.71 -2.62
CA LEU A 133 -29.52 -24.22 -1.41
C LEU A 133 -28.13 -23.64 -1.68
N LEU A 134 -27.39 -24.24 -2.63
CA LEU A 134 -26.11 -23.65 -3.00
C LEU A 134 -26.29 -22.23 -3.54
N ASN A 135 -27.21 -22.07 -4.49
CA ASN A 135 -27.46 -20.75 -5.07
C ASN A 135 -27.95 -19.78 -3.99
N PHE A 136 -28.84 -20.24 -3.11
CA PHE A 136 -29.39 -19.37 -2.08
C PHE A 136 -28.31 -18.95 -1.09
N ILE A 137 -27.42 -19.86 -0.71
CA ILE A 137 -26.34 -19.52 0.22
C ILE A 137 -25.43 -18.48 -0.42
N GLN A 138 -25.05 -18.70 -1.67
CA GLN A 138 -24.20 -17.72 -2.36
C GLN A 138 -24.86 -16.35 -2.38
N GLU A 139 -26.12 -16.29 -2.83
CA GLU A 139 -26.80 -15.01 -2.95
C GLU A 139 -26.99 -14.34 -1.59
N ALA A 140 -27.37 -15.12 -0.57
CA ALA A 140 -27.61 -14.54 0.75
C ALA A 140 -26.32 -13.99 1.35
N ARG A 141 -25.22 -14.74 1.28
CA ARG A 141 -23.96 -14.24 1.81
C ARG A 141 -23.51 -12.99 1.09
N SER A 142 -23.59 -12.99 -0.25
CA SER A 142 -23.13 -11.82 -1.00
C SER A 142 -24.01 -10.60 -0.74
N THR A 143 -25.33 -10.80 -0.67
CA THR A 143 -26.23 -9.68 -0.39
C THR A 143 -26.02 -9.14 1.01
N LYS A 144 -25.79 -10.02 1.98
CA LYS A 144 -25.50 -9.55 3.34
C LYS A 144 -24.22 -8.73 3.36
N ALA A 145 -23.18 -9.19 2.65
CA ALA A 145 -21.94 -8.42 2.60
C ALA A 145 -22.17 -7.06 1.93
N ALA A 146 -22.92 -7.04 0.83
CA ALA A 146 -23.17 -5.79 0.12
C ALA A 146 -23.98 -4.81 0.98
N ASP A 147 -24.99 -5.32 1.70
CA ASP A 147 -25.78 -4.46 2.56
C ASP A 147 -24.96 -3.92 3.72
N ALA A 148 -24.08 -4.75 4.28
CA ALA A 148 -23.17 -4.26 5.32
C ALA A 148 -22.26 -3.17 4.79
N LEU A 149 -21.73 -3.36 3.57
CA LEU A 149 -20.88 -2.34 2.97
C LEU A 149 -21.63 -1.04 2.74
N LYS A 150 -22.87 -1.13 2.26
CA LYS A 150 -23.68 0.07 2.06
C LYS A 150 -24.04 0.74 3.36
N ALA A 151 -24.19 -0.01 4.44
CA ALA A 151 -24.48 0.57 5.76
C ALA A 151 -23.23 1.09 6.45
N MET A 152 -22.04 0.72 5.98
CA MET A 152 -20.81 1.25 6.56
C MET A 152 -20.73 2.76 6.37
N VAL A 153 -21.04 3.24 5.17
CA VAL A 153 -21.04 4.68 4.91
C VAL A 153 -22.46 5.15 4.65
N SER A 154 -23.13 5.59 5.71
CA SER A 154 -24.50 6.07 5.63
C SER A 154 -24.62 7.37 6.40
N ASN A 155 -25.49 8.26 5.91
CA ASN A 155 -25.69 9.54 6.56
C ASN A 155 -26.21 9.32 7.99
N THR A 156 -25.60 10.02 8.93
CA THR A 156 -25.94 9.90 10.34
C THR A 156 -26.54 11.21 10.85
N ALA A 157 -27.27 11.10 11.96
CA ALA A 157 -27.89 12.24 12.61
C ALA A 157 -27.61 12.17 14.11
N THR A 158 -27.59 13.34 14.74
CA THR A 158 -27.33 13.45 16.16
C THR A 158 -28.66 13.55 16.90
N VAL A 159 -28.92 12.61 17.81
CA VAL A 159 -30.19 12.49 18.49
C VAL A 159 -29.98 12.54 19.99
N LEU A 160 -31.00 13.01 20.71
CA LEU A 160 -30.97 13.05 22.16
C LEU A 160 -30.89 11.64 22.75
N ARG A 161 -31.94 10.85 22.54
CA ARG A 161 -32.04 9.49 23.06
C ARG A 161 -31.82 9.42 24.56
N VAL A 162 -31.61 8.20 25.07
CA VAL A 162 -31.36 7.96 26.48
C VAL A 162 -30.18 7.01 26.61
N ILE A 163 -29.24 7.34 27.49
CA ILE A 163 -28.04 6.55 27.71
C ILE A 163 -28.14 5.87 29.07
N ASN A 164 -27.90 4.56 29.08
CA ASN A 164 -27.85 3.75 30.29
C ASN A 164 -29.19 3.68 31.01
N ASP A 165 -29.26 2.90 32.08
CA ASP A 165 -30.50 2.76 32.84
C ASP A 165 -30.79 3.97 33.72
N LYS A 166 -29.77 4.77 34.01
CA LYS A 166 -29.98 5.94 34.87
C LYS A 166 -30.85 6.99 34.21
N GLY A 167 -31.02 6.91 32.89
CA GLY A 167 -31.78 7.90 32.16
C GLY A 167 -31.00 9.10 31.69
N GLU A 168 -29.68 9.07 31.78
CA GLU A 168 -28.86 10.19 31.34
C GLU A 168 -28.99 10.39 29.83
N ASN A 169 -28.99 11.64 29.41
CA ASN A 169 -29.16 12.00 28.01
C ASN A 169 -27.84 12.46 27.42
N GLY A 170 -27.56 11.98 26.20
CA GLY A 170 -26.38 12.37 25.46
C GLY A 170 -26.76 12.82 24.05
N TRP A 171 -25.83 12.62 23.13
CA TRP A 171 -26.03 12.98 21.72
C TRP A 171 -25.47 11.83 20.88
N LEU A 172 -26.33 10.87 20.56
CA LEU A 172 -25.93 9.68 19.82
C LEU A 172 -25.90 9.97 18.32
N GLU A 173 -24.87 9.46 17.66
CA GLU A 173 -24.76 9.55 16.20
C GLU A 173 -25.35 8.26 15.63
N ILE A 174 -26.59 8.32 15.17
CA ILE A 174 -27.27 7.11 14.69
C ILE A 174 -27.57 7.25 13.21
N PRO A 175 -27.61 6.14 12.45
CA PRO A 175 -27.98 6.23 11.04
C PRO A 175 -29.39 6.76 10.87
N ILE A 176 -29.61 7.47 9.76
CA ILE A 176 -30.88 8.15 9.53
C ILE A 176 -32.05 7.17 9.44
N ASP A 177 -31.80 5.92 9.03
CA ASP A 177 -32.88 4.95 8.89
C ASP A 177 -33.45 4.54 10.24
N GLN A 178 -32.76 4.83 11.34
CA GLN A 178 -33.23 4.49 12.67
C GLN A 178 -34.12 5.57 13.27
N LEU A 179 -34.36 6.67 12.56
CA LEU A 179 -35.16 7.77 13.08
C LEU A 179 -36.62 7.36 13.15
N VAL A 180 -37.31 7.81 14.20
CA VAL A 180 -38.75 7.57 14.37
C VAL A 180 -39.44 8.92 14.47
N PRO A 181 -40.73 9.02 14.15
CA PRO A 181 -41.43 10.30 14.32
C PRO A 181 -41.44 10.74 15.78
N GLY A 182 -41.44 12.05 15.97
CA GLY A 182 -41.35 12.61 17.31
C GLY A 182 -40.01 12.39 17.97
N ASP A 183 -38.92 12.54 17.22
CA ASP A 183 -37.58 12.42 17.74
C ASP A 183 -36.85 13.75 17.60
N ILE A 184 -36.12 14.12 18.64
CA ILE A 184 -35.45 15.42 18.71
C ILE A 184 -34.03 15.24 18.19
N ILE A 185 -33.66 16.05 17.19
CA ILE A 185 -32.32 16.04 16.61
C ILE A 185 -31.80 17.47 16.60
N LYS A 186 -30.49 17.58 16.39
CA LYS A 186 -29.84 18.88 16.25
C LYS A 186 -29.17 18.96 14.89
N LEU A 187 -29.17 20.16 14.32
CA LEU A 187 -28.69 20.40 12.97
C LEU A 187 -27.57 21.43 13.01
N ALA A 188 -26.48 21.13 12.30
CA ALA A 188 -25.34 22.02 12.18
C ALA A 188 -25.06 22.25 10.70
N ALA A 189 -23.99 22.99 10.41
CA ALA A 189 -23.64 23.31 9.03
C ALA A 189 -23.21 22.05 8.29
N GLY A 190 -23.74 21.88 7.08
CA GLY A 190 -23.37 20.78 6.23
C GLY A 190 -24.16 19.50 6.41
N ASP A 191 -25.03 19.45 7.41
CA ASP A 191 -25.84 18.26 7.66
C ASP A 191 -27.15 18.36 6.90
N MET A 192 -27.45 17.36 6.08
CA MET A 192 -28.69 17.33 5.33
C MET A 192 -29.86 17.03 6.25
N ILE A 193 -31.05 17.43 5.81
CA ILE A 193 -32.27 17.18 6.57
C ILE A 193 -32.66 15.71 6.37
N PRO A 194 -32.74 14.91 7.43
CA PRO A 194 -32.99 13.48 7.25
C PRO A 194 -34.45 13.14 7.04
N ALA A 195 -35.34 13.98 7.56
CA ALA A 195 -36.77 13.74 7.45
C ALA A 195 -37.50 15.05 7.74
N ASP A 196 -38.81 15.04 7.60
CA ASP A 196 -39.61 16.22 7.88
C ASP A 196 -39.41 16.65 9.33
N LEU A 197 -39.13 17.94 9.53
CA LEU A 197 -38.73 18.46 10.82
C LEU A 197 -39.59 19.67 11.19
N ARG A 198 -39.86 19.79 12.49
CA ARG A 198 -40.47 20.98 13.07
C ARG A 198 -39.42 21.67 13.92
N ILE A 199 -39.07 22.91 13.56
CA ILE A 199 -37.96 23.59 14.21
C ILE A 199 -38.37 24.03 15.60
N LEU A 200 -37.71 23.46 16.62
CA LEU A 200 -37.93 23.88 17.99
C LEU A 200 -37.16 25.16 18.32
N GLN A 201 -35.89 25.22 17.93
CA GLN A 201 -35.10 26.43 18.09
C GLN A 201 -34.11 26.53 16.94
N ALA A 202 -33.74 27.76 16.60
CA ALA A 202 -32.85 28.00 15.46
C ALA A 202 -32.02 29.25 15.71
N ARG A 203 -30.72 29.14 15.47
CA ARG A 203 -29.78 30.25 15.55
C ARG A 203 -29.21 30.46 14.15
N ASP A 204 -29.72 31.47 13.45
CA ASP A 204 -29.26 31.87 12.12
C ASP A 204 -29.25 30.70 11.14
N LEU A 205 -30.33 29.91 11.18
CA LEU A 205 -30.40 28.71 10.37
C LEU A 205 -30.78 29.07 8.93
N PHE A 206 -29.83 28.89 8.02
CA PHE A 206 -30.04 29.05 6.59
C PHE A 206 -29.86 27.70 5.92
N VAL A 207 -30.87 27.28 5.16
CA VAL A 207 -30.90 25.96 4.53
C VAL A 207 -31.03 26.13 3.03
N ALA A 208 -30.53 25.16 2.27
CA ALA A 208 -30.59 25.18 0.81
C ALA A 208 -31.74 24.29 0.35
N GLN A 209 -32.80 24.90 -0.17
CA GLN A 209 -33.95 24.17 -0.67
C GLN A 209 -34.03 24.20 -2.20
N ALA A 210 -32.89 24.38 -2.87
CA ALA A 210 -32.90 24.40 -4.33
C ALA A 210 -33.34 23.07 -4.91
N SER A 211 -33.20 21.98 -4.13
CA SER A 211 -33.63 20.67 -4.60
C SER A 211 -35.15 20.61 -4.79
N LEU A 212 -35.90 21.16 -3.84
CA LEU A 212 -37.36 21.04 -3.87
C LEU A 212 -38.01 22.24 -4.53
N THR A 213 -37.80 23.44 -3.98
CA THR A 213 -38.47 24.63 -4.50
C THR A 213 -37.78 25.22 -5.72
N GLY A 214 -36.56 24.79 -6.03
CA GLY A 214 -35.87 25.28 -7.21
C GLY A 214 -35.20 26.62 -7.06
N GLU A 215 -35.15 27.17 -5.84
CA GLU A 215 -34.51 28.46 -5.59
C GLU A 215 -33.12 28.23 -5.03
N SER A 216 -32.11 28.76 -5.73
CA SER A 216 -30.72 28.51 -5.35
C SER A 216 -30.35 29.17 -4.02
N LEU A 217 -30.89 30.36 -3.75
CA LEU A 217 -30.52 31.08 -2.54
C LEU A 217 -31.00 30.34 -1.31
N PRO A 218 -30.19 30.23 -0.25
CA PRO A 218 -30.67 29.63 0.99
C PRO A 218 -31.77 30.47 1.62
N VAL A 219 -32.64 29.81 2.36
CA VAL A 219 -33.76 30.45 3.04
C VAL A 219 -33.58 30.28 4.53
N GLU A 220 -34.19 31.19 5.28
CA GLU A 220 -34.07 31.20 6.74
C GLU A 220 -35.17 30.37 7.38
N LYS A 221 -34.79 29.52 8.32
CA LYS A 221 -35.73 28.74 9.10
C LYS A 221 -35.64 29.19 10.56
N ALA A 222 -36.78 29.56 11.12
CA ALA A 222 -36.86 30.06 12.48
C ALA A 222 -37.64 29.11 13.37
N ALA A 223 -37.49 29.29 14.68
CA ALA A 223 -38.23 28.47 15.65
C ALA A 223 -39.73 28.71 15.53
N THR A 224 -40.14 29.97 15.38
CA THR A 224 -41.54 30.33 15.21
C THR A 224 -41.72 31.01 13.86
N THR A 225 -42.89 30.82 13.26
CA THR A 225 -43.16 31.40 11.95
C THR A 225 -43.18 32.93 12.04
N ARG A 226 -42.70 33.57 10.97
CA ARG A 226 -42.66 35.02 10.91
C ARG A 226 -43.40 35.57 9.70
N GLN A 227 -44.20 34.76 9.01
CA GLN A 227 -44.89 35.15 7.80
C GLN A 227 -46.35 34.75 7.88
N PRO A 228 -47.26 35.53 7.30
CA PRO A 228 -48.66 35.10 7.23
C PRO A 228 -48.80 33.79 6.46
N GLU A 229 -49.83 33.02 6.81
CA GLU A 229 -49.98 31.67 6.28
C GLU A 229 -50.04 31.67 4.76
N HIS A 230 -49.28 30.75 4.16
CA HIS A 230 -49.19 30.60 2.72
C HIS A 230 -49.44 29.14 2.37
N SER A 231 -50.05 28.91 1.20
CA SER A 231 -50.45 27.56 0.82
C SER A 231 -49.25 26.63 0.65
N ASN A 232 -48.19 27.12 0.01
CA ASN A 232 -47.04 26.29 -0.37
C ASN A 232 -46.37 25.68 0.85
N PRO A 233 -46.43 24.34 1.00
CA PRO A 233 -45.77 23.72 2.16
C PRO A 233 -44.26 23.91 2.16
N LEU A 234 -43.63 23.93 0.98
CA LEU A 234 -42.18 24.03 0.91
C LEU A 234 -41.66 25.42 1.27
N GLU A 235 -42.52 26.42 1.35
CA GLU A 235 -42.09 27.76 1.72
C GLU A 235 -42.23 28.06 3.21
N CYS A 236 -42.70 27.09 4.00
CA CYS A 236 -42.85 27.29 5.43
C CYS A 236 -41.51 27.58 6.08
N ASP A 237 -41.47 28.66 6.87
CA ASP A 237 -40.24 29.10 7.51
C ASP A 237 -39.97 28.39 8.83
N THR A 238 -40.76 27.36 9.15
CA THR A 238 -40.58 26.60 10.38
C THR A 238 -40.48 25.10 10.18
N LEU A 239 -40.72 24.59 8.98
CA LEU A 239 -40.65 23.16 8.69
C LEU A 239 -39.51 22.89 7.72
N CYS A 240 -38.69 21.89 8.03
CA CYS A 240 -37.67 21.42 7.11
C CYS A 240 -38.23 20.26 6.27
N PHE A 241 -37.47 19.83 5.28
CA PHE A 241 -37.91 18.77 4.39
C PHE A 241 -36.73 17.90 4.00
N MET A 242 -36.97 16.60 3.85
CA MET A 242 -35.92 15.67 3.50
C MET A 242 -35.37 15.98 2.11
N GLY A 243 -34.05 15.83 1.97
CA GLY A 243 -33.37 16.12 0.73
C GLY A 243 -32.67 17.46 0.67
N THR A 244 -32.90 18.33 1.65
CA THR A 244 -32.27 19.64 1.71
C THR A 244 -31.14 19.64 2.73
N THR A 245 -30.23 20.60 2.58
CA THR A 245 -29.07 20.73 3.45
C THR A 245 -29.14 22.02 4.26
N VAL A 246 -28.34 22.05 5.32
CA VAL A 246 -28.22 23.23 6.17
C VAL A 246 -26.98 23.99 5.74
N VAL A 247 -27.17 25.15 5.11
CA VAL A 247 -26.04 25.95 4.65
C VAL A 247 -25.26 26.51 5.83
N SER A 248 -25.96 27.08 6.80
CA SER A 248 -25.29 27.74 7.91
C SER A 248 -26.22 27.80 9.11
N GLY A 249 -25.64 28.08 10.27
CA GLY A 249 -26.40 28.21 11.50
C GLY A 249 -26.63 26.89 12.20
N THR A 250 -27.23 26.97 13.37
CA THR A 250 -27.51 25.80 14.19
C THR A 250 -29.00 25.71 14.47
N ALA A 251 -29.45 24.51 14.80
CA ALA A 251 -30.87 24.34 15.12
C ALA A 251 -31.07 23.09 15.94
N GLN A 252 -32.23 23.04 16.60
CA GLN A 252 -32.73 21.82 17.23
C GLN A 252 -34.18 21.66 16.83
N ALA A 253 -34.52 20.50 16.27
CA ALA A 253 -35.82 20.27 15.67
C ALA A 253 -36.36 18.90 16.08
N MET A 254 -37.60 18.66 15.70
CA MET A 254 -38.31 17.42 15.99
C MET A 254 -38.79 16.77 14.69
N VAL A 255 -38.63 15.46 14.59
CA VAL A 255 -39.07 14.72 13.42
C VAL A 255 -40.59 14.61 13.47
N ILE A 256 -41.25 15.00 12.39
CA ILE A 256 -42.71 14.91 12.29
C ILE A 256 -43.18 13.89 11.27
N ALA A 257 -42.31 13.44 10.36
CA ALA A 257 -42.66 12.41 9.40
C ALA A 257 -41.40 11.63 9.06
N THR A 258 -41.59 10.40 8.61
CA THR A 258 -40.45 9.53 8.34
C THR A 258 -40.84 8.52 7.27
N GLY A 259 -39.81 7.93 6.66
CA GLY A 259 -40.03 6.91 5.64
C GLY A 259 -40.81 7.45 4.47
N ALA A 260 -41.79 6.67 4.02
CA ALA A 260 -42.65 7.07 2.92
C ALA A 260 -43.62 8.18 3.31
N ASN A 261 -43.86 8.38 4.60
CA ASN A 261 -44.75 9.45 5.04
C ASN A 261 -44.14 10.83 4.82
N THR A 262 -42.84 10.90 4.57
CA THR A 262 -42.18 12.17 4.32
C THR A 262 -42.66 12.75 3.00
N TRP A 263 -42.50 14.07 2.84
CA TRP A 263 -42.90 14.77 1.63
C TRP A 263 -42.35 14.10 0.37
N PHE A 264 -41.06 13.77 0.37
CA PHE A 264 -40.50 13.09 -0.79
C PHE A 264 -40.96 11.64 -0.86
N GLY A 265 -41.35 11.07 0.28
CA GLY A 265 -41.80 9.68 0.33
C GLY A 265 -42.95 9.44 -0.63
N GLN A 266 -43.88 10.38 -0.70
CA GLN A 266 -44.92 10.32 -1.73
C GLN A 266 -44.34 10.62 -3.11
N LEU A 267 -43.53 11.68 -3.20
CA LEU A 267 -42.99 12.16 -4.47
C LEU A 267 -42.16 11.10 -5.16
N ALA A 268 -42.64 10.65 -6.33
CA ALA A 268 -41.96 9.69 -7.19
C ALA A 268 -41.88 8.31 -6.55
N GLY A 269 -42.30 8.19 -5.30
CA GLY A 269 -42.40 6.88 -4.68
C GLY A 269 -43.82 6.35 -4.66
N ARG A 270 -44.76 7.20 -4.26
CA ARG A 270 -46.18 6.87 -4.26
C ARG A 270 -47.01 7.86 -5.06
N VAL A 271 -46.58 9.12 -5.17
CA VAL A 271 -47.30 10.09 -5.98
C VAL A 271 -47.25 9.69 -7.45
N SER A 272 -46.08 9.29 -7.93
CA SER A 272 -45.93 8.78 -9.29
C SER A 272 -46.02 7.27 -9.36
N GLU A 273 -45.16 6.56 -8.62
CA GLU A 273 -45.17 5.10 -8.56
C GLU A 273 -45.14 4.48 -9.95
N GLN A 274 -44.28 5.03 -10.81
CA GLN A 274 -44.12 4.57 -12.17
C GLN A 274 -43.01 3.54 -12.27
N GLU A 275 -42.96 2.86 -13.41
CA GLU A 275 -41.95 1.84 -13.67
C GLU A 275 -40.65 2.53 -14.07
N SER A 276 -39.62 2.42 -13.23
CA SER A 276 -38.35 3.06 -13.52
C SER A 276 -37.64 2.35 -14.65
N GLU A 277 -37.12 3.12 -15.60
CA GLU A 277 -36.41 2.54 -16.73
C GLU A 277 -35.10 1.94 -16.26
N PRO A 278 -34.79 0.69 -16.63
CA PRO A 278 -33.56 0.05 -16.15
C PRO A 278 -32.32 0.75 -16.67
N ASN A 279 -31.26 0.68 -15.86
CA ASN A 279 -29.98 1.31 -16.21
C ASN A 279 -29.18 0.42 -17.15
N ALA A 280 -27.90 0.75 -17.35
CA ALA A 280 -27.04 0.02 -18.28
C ALA A 280 -26.85 -1.43 -17.85
N PHE A 281 -26.59 -1.64 -16.56
CA PHE A 281 -26.31 -2.98 -16.05
C PHE A 281 -27.53 -3.90 -16.17
N GLN A 282 -28.70 -3.40 -15.74
CA GLN A 282 -29.91 -4.21 -15.79
C GLN A 282 -30.26 -4.57 -17.22
N GLN A 283 -30.07 -3.65 -18.16
CA GLN A 283 -30.31 -3.95 -19.57
C GLN A 283 -29.39 -5.05 -20.07
N GLY A 284 -28.10 -5.00 -19.71
CA GLY A 284 -27.19 -6.05 -20.14
C GLY A 284 -27.53 -7.40 -19.55
N ILE A 285 -27.89 -7.41 -18.27
CA ILE A 285 -28.29 -8.67 -17.62
C ILE A 285 -29.54 -9.23 -18.28
N SER A 286 -30.50 -8.37 -18.59
CA SER A 286 -31.71 -8.81 -19.28
C SER A 286 -31.37 -9.38 -20.66
N ARG A 287 -30.45 -8.73 -21.38
CA ARG A 287 -30.03 -9.24 -22.69
C ARG A 287 -29.40 -10.62 -22.56
N VAL A 288 -28.52 -10.80 -21.58
CA VAL A 288 -27.87 -12.10 -21.39
C VAL A 288 -28.90 -13.17 -21.05
N SER A 289 -29.82 -12.85 -20.13
CA SER A 289 -30.86 -13.82 -19.76
C SER A 289 -31.74 -14.16 -20.94
N MET A 290 -32.11 -13.17 -21.75
CA MET A 290 -32.95 -13.42 -22.92
C MET A 290 -32.22 -14.29 -23.93
N LEU A 291 -30.93 -14.05 -24.13
CA LEU A 291 -30.16 -14.87 -25.06
C LEU A 291 -30.09 -16.31 -24.60
N LEU A 292 -29.85 -16.53 -23.29
CA LEU A 292 -29.85 -17.88 -22.76
C LEU A 292 -31.20 -18.55 -22.90
N ILE A 293 -32.28 -17.80 -22.65
CA ILE A 293 -33.63 -18.35 -22.80
C ILE A 293 -33.90 -18.74 -24.25
N ARG A 294 -33.48 -17.89 -25.19
CA ARG A 294 -33.65 -18.20 -26.61
C ARG A 294 -32.94 -19.49 -26.96
N PHE A 295 -31.67 -19.61 -26.57
CA PHE A 295 -30.91 -20.82 -26.90
C PHE A 295 -31.55 -22.06 -26.29
N MET A 296 -31.97 -21.96 -25.02
CA MET A 296 -32.58 -23.10 -24.35
C MET A 296 -33.89 -23.50 -25.02
N LEU A 297 -34.80 -22.55 -25.21
CA LEU A 297 -36.09 -22.80 -25.81
C LEU A 297 -36.01 -23.18 -27.26
N VAL A 298 -34.88 -22.96 -27.92
CA VAL A 298 -34.67 -23.43 -29.29
C VAL A 298 -34.16 -24.86 -29.31
N MET A 299 -33.17 -25.19 -28.45
CA MET A 299 -32.50 -26.48 -28.61
C MET A 299 -33.16 -27.58 -27.79
N ALA A 300 -33.64 -27.28 -26.58
CA ALA A 300 -34.23 -28.32 -25.75
C ALA A 300 -35.46 -28.97 -26.39
N PRO A 301 -36.42 -28.23 -26.96
CA PRO A 301 -37.55 -28.92 -27.61
C PRO A 301 -37.14 -29.84 -28.75
N VAL A 302 -36.06 -29.52 -29.47
CA VAL A 302 -35.59 -30.41 -30.52
C VAL A 302 -35.12 -31.74 -29.93
N VAL A 303 -34.38 -31.68 -28.83
CA VAL A 303 -33.93 -32.90 -28.15
C VAL A 303 -35.14 -33.70 -27.67
N LEU A 304 -36.12 -33.00 -27.08
CA LEU A 304 -37.34 -33.65 -26.65
C LEU A 304 -38.04 -34.38 -27.79
N LEU A 305 -38.20 -33.69 -28.93
CA LEU A 305 -38.87 -34.28 -30.08
C LEU A 305 -38.12 -35.50 -30.59
N ILE A 306 -36.79 -35.38 -30.72
CA ILE A 306 -35.99 -36.48 -31.25
C ILE A 306 -36.08 -37.70 -30.35
N ASN A 307 -35.92 -37.49 -29.05
CA ASN A 307 -35.93 -38.62 -28.12
C ASN A 307 -37.32 -39.25 -28.04
N GLY A 308 -38.37 -38.43 -28.04
CA GLY A 308 -39.72 -38.98 -28.00
C GLY A 308 -40.05 -39.77 -29.26
N TYR A 309 -39.61 -39.27 -30.42
CA TYR A 309 -39.89 -39.96 -31.67
C TYR A 309 -39.11 -41.26 -31.77
N THR A 310 -37.87 -41.27 -31.29
CA THR A 310 -37.02 -42.44 -31.47
C THR A 310 -37.05 -43.38 -30.27
N LYS A 311 -36.69 -42.87 -29.09
CA LYS A 311 -36.48 -43.72 -27.93
C LYS A 311 -37.73 -44.43 -27.45
N GLY A 312 -38.86 -43.72 -27.44
CA GLY A 312 -40.04 -44.26 -26.80
C GLY A 312 -40.66 -43.32 -25.78
N ASP A 313 -40.55 -43.67 -24.50
CA ASP A 313 -41.16 -42.93 -23.40
C ASP A 313 -40.96 -41.42 -23.54
N TRP A 314 -42.07 -40.68 -23.63
CA TRP A 314 -41.99 -39.24 -23.85
C TRP A 314 -41.63 -38.52 -22.57
N TRP A 315 -42.09 -39.01 -21.42
CA TRP A 315 -41.87 -38.32 -20.16
C TRP A 315 -40.39 -38.29 -19.80
N GLU A 316 -39.71 -39.43 -19.93
CA GLU A 316 -38.28 -39.48 -19.67
C GLU A 316 -37.51 -38.61 -20.66
N ALA A 317 -37.99 -38.56 -21.91
CA ALA A 317 -37.36 -37.70 -22.91
C ALA A 317 -37.47 -36.23 -22.51
N ALA A 318 -38.65 -35.80 -22.06
CA ALA A 318 -38.82 -34.42 -21.61
C ALA A 318 -37.98 -34.13 -20.39
N LEU A 319 -37.91 -35.09 -19.46
CA LEU A 319 -37.06 -34.91 -18.28
C LEU A 319 -35.60 -34.75 -18.67
N PHE A 320 -35.14 -35.57 -19.62
CA PHE A 320 -33.75 -35.50 -20.06
C PHE A 320 -33.46 -34.19 -20.78
N ALA A 321 -34.39 -33.73 -21.63
CA ALA A 321 -34.23 -32.45 -22.31
C ALA A 321 -34.19 -31.30 -21.32
N LEU A 322 -35.07 -31.32 -20.32
CA LEU A 322 -35.05 -30.28 -19.30
C LEU A 322 -33.75 -30.33 -18.50
N SER A 323 -33.27 -31.53 -18.21
CA SER A 323 -32.03 -31.66 -17.44
C SER A 323 -30.84 -31.08 -18.20
N VAL A 324 -30.74 -31.36 -19.50
CA VAL A 324 -29.63 -30.77 -20.26
C VAL A 324 -29.84 -29.28 -20.44
N ALA A 325 -31.09 -28.82 -20.52
CA ALA A 325 -31.34 -27.39 -20.68
C ALA A 325 -31.06 -26.63 -19.38
N VAL A 326 -31.08 -27.32 -18.25
CA VAL A 326 -30.80 -26.71 -16.95
C VAL A 326 -29.40 -26.11 -16.96
N GLY A 327 -28.50 -26.71 -17.74
CA GLY A 327 -27.16 -26.15 -17.85
C GLY A 327 -27.16 -24.72 -18.32
N LEU A 328 -28.04 -24.38 -19.26
CA LEU A 328 -28.16 -23.02 -19.78
C LEU A 328 -29.28 -22.25 -19.11
N THR A 329 -29.55 -22.48 -17.83
CA THR A 329 -30.63 -21.78 -17.16
C THR A 329 -30.28 -20.30 -17.02
N PRO A 330 -31.26 -19.40 -17.12
CA PRO A 330 -30.99 -17.97 -16.95
C PRO A 330 -31.02 -17.50 -15.50
N GLU A 331 -31.43 -18.35 -14.55
CA GLU A 331 -31.53 -17.95 -13.16
C GLU A 331 -30.21 -18.15 -12.40
N MET A 332 -29.16 -18.58 -13.08
CA MET A 332 -27.84 -18.53 -12.50
C MET A 332 -27.28 -17.12 -12.43
N LEU A 333 -27.73 -16.23 -13.31
CA LEU A 333 -27.25 -14.85 -13.32
C LEU A 333 -27.49 -14.12 -12.01
N PRO A 334 -28.66 -14.22 -11.34
CA PRO A 334 -28.83 -13.53 -10.06
C PRO A 334 -27.77 -13.92 -9.03
N MET A 335 -27.32 -15.18 -9.06
CA MET A 335 -26.22 -15.57 -8.18
C MET A 335 -24.89 -15.03 -8.68
N ILE A 336 -24.55 -15.34 -9.94
CA ILE A 336 -23.24 -15.05 -10.52
C ILE A 336 -22.83 -13.62 -10.25
N VAL A 337 -23.62 -12.68 -10.77
CA VAL A 337 -23.34 -11.25 -10.54
C VAL A 337 -23.16 -11.00 -9.05
N THR A 338 -24.16 -11.37 -8.25
CA THR A 338 -24.11 -11.12 -6.83
C THR A 338 -22.92 -11.83 -6.20
N SER A 339 -22.58 -13.01 -6.70
CA SER A 339 -21.45 -13.75 -6.12
C SER A 339 -20.13 -13.13 -6.52
N THR A 340 -20.07 -12.44 -7.66
CA THR A 340 -18.80 -11.89 -8.12
C THR A 340 -18.60 -10.46 -7.65
N LEU A 341 -19.51 -9.56 -8.04
CA LEU A 341 -19.32 -8.14 -7.77
C LEU A 341 -19.15 -7.88 -6.29
N ALA A 342 -20.02 -8.46 -5.46
CA ALA A 342 -19.91 -8.28 -4.02
C ALA A 342 -18.52 -8.64 -3.52
N ARG A 343 -17.96 -9.76 -4.00
CA ARG A 343 -16.60 -10.13 -3.64
C ARG A 343 -15.65 -8.98 -3.93
N GLY A 344 -15.69 -8.47 -5.16
CA GLY A 344 -14.85 -7.32 -5.49
C GLY A 344 -15.12 -6.15 -4.57
N ALA A 345 -16.41 -5.90 -4.29
CA ALA A 345 -16.78 -4.84 -3.36
C ALA A 345 -16.07 -5.05 -2.02
N VAL A 346 -16.08 -6.28 -1.51
CA VAL A 346 -15.40 -6.55 -0.26
C VAL A 346 -13.92 -6.24 -0.40
N LYS A 347 -13.30 -6.67 -1.50
CA LYS A 347 -11.91 -6.34 -1.74
C LYS A 347 -11.73 -4.83 -1.85
N LEU A 348 -12.70 -4.15 -2.48
CA LEU A 348 -12.62 -2.70 -2.57
C LEU A 348 -12.73 -2.07 -1.19
N SER A 349 -13.45 -2.72 -0.27
CA SER A 349 -13.51 -2.21 1.09
C SER A 349 -12.19 -2.33 1.82
N LYS A 350 -11.27 -3.17 1.33
CA LYS A 350 -9.93 -3.25 1.89
C LYS A 350 -8.96 -2.31 1.18
N GLN A 351 -9.40 -1.62 0.13
CA GLN A 351 -8.60 -0.61 -0.55
C GLN A 351 -9.14 0.79 -0.31
N LYS A 352 -9.87 1.00 0.78
CA LYS A 352 -10.43 2.30 1.16
C LYS A 352 -11.39 2.81 0.07
N VAL A 353 -12.15 1.90 -0.52
CA VAL A 353 -13.13 2.23 -1.54
C VAL A 353 -14.42 1.47 -1.26
N ILE A 354 -15.40 2.13 -0.64
CA ILE A 354 -16.68 1.53 -0.31
C ILE A 354 -17.62 1.72 -1.49
N VAL A 355 -18.24 0.62 -1.94
CA VAL A 355 -19.17 0.62 -3.05
C VAL A 355 -20.58 0.51 -2.49
N LYS A 356 -21.38 1.55 -2.66
CA LYS A 356 -22.73 1.57 -2.09
C LYS A 356 -23.65 0.59 -2.81
N HIS A 357 -23.57 0.49 -4.13
CA HIS A 357 -24.40 -0.44 -4.90
C HIS A 357 -23.52 -1.13 -5.93
N LEU A 358 -23.74 -2.43 -6.11
CA LEU A 358 -22.84 -3.25 -6.93
C LEU A 358 -22.77 -2.77 -8.37
N ASP A 359 -23.85 -2.18 -8.88
CA ASP A 359 -23.88 -1.70 -10.26
C ASP A 359 -22.68 -0.80 -10.55
N ALA A 360 -22.31 0.05 -9.60
CA ALA A 360 -21.22 0.99 -9.77
C ALA A 360 -19.94 0.27 -10.20
N ILE A 361 -19.73 -0.93 -9.68
CA ILE A 361 -18.52 -1.69 -10.00
C ILE A 361 -18.35 -1.90 -11.49
N GLN A 362 -19.43 -2.00 -12.25
CA GLN A 362 -19.33 -1.99 -13.70
C GLN A 362 -18.85 -0.63 -14.20
N ASN A 363 -19.61 0.42 -13.91
CA ASN A 363 -19.27 1.75 -14.42
C ASN A 363 -17.93 2.21 -13.88
N PHE A 364 -17.62 1.88 -12.63
CA PHE A 364 -16.35 2.29 -12.05
C PHE A 364 -15.17 1.66 -12.77
N GLY A 365 -15.43 0.59 -13.52
CA GLY A 365 -14.40 0.00 -14.36
C GLY A 365 -14.45 0.49 -15.79
N ALA A 366 -15.60 1.01 -16.21
CA ALA A 366 -15.80 1.51 -17.56
C ALA A 366 -15.54 3.00 -17.67
N MET A 367 -15.16 3.67 -16.59
CA MET A 367 -14.90 5.09 -16.62
C MET A 367 -13.71 5.40 -17.51
N ASP A 368 -13.85 6.44 -18.34
CA ASP A 368 -12.75 6.92 -19.17
C ASP A 368 -12.56 8.43 -19.10
N ILE A 369 -13.50 9.16 -18.50
CA ILE A 369 -13.37 10.59 -18.29
C ILE A 369 -13.74 10.85 -16.83
N LEU A 370 -12.81 11.41 -16.06
CA LEU A 370 -13.01 11.65 -14.63
C LEU A 370 -12.92 13.15 -14.38
N CYS A 371 -14.07 13.77 -14.12
CA CYS A 371 -14.11 15.18 -13.77
C CYS A 371 -13.90 15.35 -12.28
N THR A 372 -13.11 16.34 -11.89
CA THR A 372 -12.74 16.54 -10.51
C THR A 372 -12.60 18.01 -10.16
N ASP A 373 -11.99 18.31 -9.02
CA ASP A 373 -11.73 19.67 -8.59
C ASP A 373 -10.29 19.74 -8.11
N LYS A 374 -9.70 20.95 -8.22
CA LYS A 374 -8.30 21.11 -7.83
C LYS A 374 -8.10 20.88 -6.34
N THR A 375 -9.02 21.36 -5.51
CA THR A 375 -8.90 21.20 -4.06
C THR A 375 -9.10 19.75 -3.68
N GLY A 376 -8.31 19.29 -2.72
CA GLY A 376 -8.44 17.94 -2.20
C GLY A 376 -7.77 16.87 -3.05
N THR A 377 -8.16 16.79 -4.32
CA THR A 377 -7.60 15.75 -5.20
C THR A 377 -6.21 16.13 -5.68
N LEU A 378 -6.10 17.23 -6.41
CA LEU A 378 -4.80 17.67 -6.93
C LEU A 378 -3.95 18.26 -5.82
N THR A 379 -4.45 19.32 -5.18
CA THR A 379 -3.72 19.93 -4.08
C THR A 379 -4.29 19.47 -2.75
N GLN A 380 -3.59 19.81 -1.67
CA GLN A 380 -4.03 19.41 -0.36
C GLN A 380 -5.04 20.38 0.18
N ASP A 381 -5.68 20.01 1.27
CA ASP A 381 -6.68 20.88 1.89
C ASP A 381 -6.06 21.82 2.91
N LYS A 382 -4.76 21.73 3.14
CA LYS A 382 -4.06 22.61 4.08
C LYS A 382 -3.10 23.50 3.31
N ILE A 383 -3.13 24.79 3.64
CA ILE A 383 -2.31 25.79 2.95
C ILE A 383 -1.08 26.08 3.78
N VAL A 384 0.08 26.17 3.12
CA VAL A 384 1.34 26.27 3.84
C VAL A 384 1.73 27.72 4.07
N LEU A 385 1.85 28.49 3.00
CA LEU A 385 2.28 29.88 3.09
C LEU A 385 1.08 30.80 2.93
N GLU A 386 0.98 31.77 3.83
CA GLU A 386 -0.07 32.78 3.75
C GLU A 386 0.45 34.08 4.33
N ASN A 387 0.19 35.17 3.61
CA ASN A 387 0.60 36.50 4.07
C ASN A 387 -0.59 37.45 3.95
N HIS A 388 -0.87 38.18 5.01
CA HIS A 388 -1.98 39.12 5.07
C HIS A 388 -1.43 40.53 4.88
N THR A 389 -1.73 41.12 3.73
CA THR A 389 -1.23 42.43 3.35
C THR A 389 -2.39 43.32 2.90
N ASP A 390 -2.14 44.63 2.96
CA ASP A 390 -3.09 45.61 2.45
C ASP A 390 -2.87 45.80 0.94
N ILE A 391 -3.49 46.83 0.37
CA ILE A 391 -3.36 47.07 -1.05
C ILE A 391 -1.95 47.47 -1.44
N SER A 392 -1.19 48.09 -0.53
CA SER A 392 0.16 48.53 -0.83
C SER A 392 1.19 47.41 -0.77
N GLY A 393 0.82 46.24 -0.24
CA GLY A 393 1.71 45.10 -0.17
C GLY A 393 2.33 44.87 1.20
N LYS A 394 2.35 45.88 2.07
CA LYS A 394 2.90 45.71 3.40
C LYS A 394 1.94 44.87 4.25
N THR A 395 2.50 44.09 5.17
CA THR A 395 1.67 43.29 6.07
C THR A 395 0.80 44.21 6.94
N SER A 396 -0.48 43.88 7.06
CA SER A 396 -1.43 44.67 7.82
C SER A 396 -2.11 43.79 8.85
N GLU A 397 -2.08 44.22 10.11
CA GLU A 397 -2.74 43.47 11.17
C GLU A 397 -4.25 43.65 11.11
N ARG A 398 -4.72 44.76 10.55
CA ARG A 398 -6.15 45.00 10.43
C ARG A 398 -6.83 43.95 9.56
N VAL A 399 -6.19 43.60 8.43
CA VAL A 399 -6.75 42.60 7.54
C VAL A 399 -6.84 41.26 8.23
N LEU A 400 -5.79 40.87 8.95
CA LEU A 400 -5.78 39.59 9.65
C LEU A 400 -6.84 39.57 10.74
N HIS A 401 -7.01 40.67 11.47
CA HIS A 401 -8.02 40.70 12.53
C HIS A 401 -9.44 40.65 11.96
N SER A 402 -9.68 41.35 10.84
CA SER A 402 -11.00 41.28 10.21
C SER A 402 -11.30 39.88 9.71
N ALA A 403 -10.31 39.23 9.08
CA ALA A 403 -10.49 37.85 8.65
C ALA A 403 -10.71 36.92 9.83
N TRP A 404 -10.02 37.15 10.94
CA TRP A 404 -10.24 36.33 12.13
C TRP A 404 -11.64 36.51 12.66
N LEU A 405 -12.14 37.74 12.70
CA LEU A 405 -13.51 37.98 13.14
C LEU A 405 -14.51 37.24 12.24
N ASN A 406 -14.34 37.37 10.93
CA ASN A 406 -15.26 36.74 9.99
C ASN A 406 -15.21 35.22 10.11
N SER A 407 -14.02 34.65 10.31
CA SER A 407 -13.89 33.19 10.38
C SER A 407 -14.39 32.66 11.71
N HIS A 408 -14.16 33.39 12.80
CA HIS A 408 -14.55 32.90 14.12
C HIS A 408 -16.04 33.03 14.34
N TYR A 409 -16.66 34.09 13.84
CA TYR A 409 -18.07 34.32 14.06
C TYR A 409 -18.96 33.77 12.96
N GLN A 410 -18.39 33.05 11.99
CA GLN A 410 -19.19 32.38 10.99
C GLN A 410 -19.80 31.10 11.55
N THR A 411 -20.86 30.63 10.89
CA THR A 411 -21.48 29.36 11.25
C THR A 411 -21.67 28.43 10.06
N GLY A 412 -21.08 28.75 8.92
CA GLY A 412 -21.17 27.90 7.74
C GLY A 412 -20.14 26.78 7.77
N LEU A 413 -19.87 26.24 6.58
CA LEU A 413 -18.88 25.19 6.45
C LEU A 413 -17.49 25.73 6.76
N LYS A 414 -16.69 24.91 7.44
CA LYS A 414 -15.31 25.26 7.69
C LYS A 414 -14.51 25.27 6.40
N ASN A 415 -13.60 26.23 6.28
CA ASN A 415 -12.80 26.40 5.09
C ASN A 415 -11.32 26.40 5.46
N LEU A 416 -10.47 26.10 4.46
CA LEU A 416 -9.04 26.10 4.69
C LEU A 416 -8.54 27.48 5.09
N LEU A 417 -9.07 28.53 4.45
CA LEU A 417 -8.70 29.88 4.84
C LEU A 417 -9.10 30.18 6.27
N ASP A 418 -10.29 29.75 6.67
CA ASP A 418 -10.75 30.00 8.04
C ASP A 418 -9.84 29.32 9.05
N THR A 419 -9.48 28.06 8.80
CA THR A 419 -8.59 27.35 9.71
C THR A 419 -7.21 28.00 9.76
N ALA A 420 -6.68 28.41 8.61
CA ALA A 420 -5.37 29.04 8.57
C ALA A 420 -5.38 30.36 9.32
N VAL A 421 -6.43 31.16 9.14
CA VAL A 421 -6.52 32.44 9.84
C VAL A 421 -6.65 32.22 11.35
N LEU A 422 -7.46 31.24 11.76
CA LEU A 422 -7.59 30.94 13.18
C LEU A 422 -6.28 30.49 13.79
N GLU A 423 -5.52 29.66 13.08
CA GLU A 423 -4.25 29.17 13.59
C GLU A 423 -3.15 30.22 13.58
N GLY A 424 -3.18 31.14 12.61
CA GLY A 424 -2.15 32.15 12.49
C GLY A 424 -2.30 33.37 13.36
N THR A 425 -3.38 33.45 14.13
CA THR A 425 -3.61 34.56 15.05
C THR A 425 -3.17 34.16 16.45
N ASP A 426 -2.39 35.02 17.09
CA ASP A 426 -1.89 34.72 18.43
C ASP A 426 -3.05 34.64 19.43
N GLU A 427 -2.84 33.84 20.48
CA GLU A 427 -3.90 33.58 21.44
C GLU A 427 -4.34 34.86 22.15
N GLU A 428 -3.40 35.73 22.48
CA GLU A 428 -3.73 36.96 23.20
C GLU A 428 -4.67 37.85 22.38
N SER A 429 -4.29 38.13 21.14
CA SER A 429 -5.13 38.98 20.29
C SER A 429 -6.46 38.29 19.97
N ALA A 430 -6.43 36.98 19.77
CA ALA A 430 -7.66 36.26 19.47
C ALA A 430 -8.64 36.33 20.63
N ARG A 431 -8.16 36.13 21.86
CA ARG A 431 -9.05 36.22 23.01
C ARG A 431 -9.49 37.66 23.27
N SER A 432 -8.62 38.63 22.99
CA SER A 432 -9.03 40.03 23.13
C SER A 432 -10.16 40.37 22.16
N LEU A 433 -10.04 39.91 20.91
CA LEU A 433 -11.11 40.15 19.94
C LEU A 433 -12.38 39.40 20.32
N ALA A 434 -12.24 38.17 20.81
CA ALA A 434 -13.42 37.39 21.21
C ALA A 434 -14.17 38.07 22.35
N SER A 435 -13.44 38.56 23.36
CA SER A 435 -14.08 39.24 24.47
C SER A 435 -14.45 40.69 24.15
N ARG A 436 -13.98 41.20 23.01
CA ARG A 436 -14.23 42.58 22.64
C ARG A 436 -15.36 42.72 21.62
N TRP A 437 -15.64 41.68 20.86
CA TRP A 437 -16.65 41.69 19.82
C TRP A 437 -17.68 40.60 20.08
N GLN A 438 -18.91 40.83 19.64
CA GLN A 438 -19.99 39.86 19.76
C GLN A 438 -20.77 39.78 18.45
N LYS A 439 -21.15 38.57 18.07
CA LYS A 439 -21.86 38.34 16.83
C LYS A 439 -23.31 38.80 16.93
N ILE A 440 -23.83 39.32 15.81
CA ILE A 440 -25.22 39.70 15.69
C ILE A 440 -25.91 38.94 14.56
N ASP A 441 -25.41 39.07 13.34
CA ASP A 441 -26.07 38.46 12.19
C ASP A 441 -25.03 37.89 11.25
N GLU A 442 -25.50 37.09 10.30
CA GLU A 442 -24.62 36.45 9.33
C GLU A 442 -25.33 36.35 7.98
N ILE A 443 -24.63 36.73 6.92
CA ILE A 443 -25.12 36.61 5.55
C ILE A 443 -24.31 35.51 4.88
N PRO A 444 -24.90 34.32 4.66
CA PRO A 444 -24.10 33.16 4.24
C PRO A 444 -23.55 33.26 2.83
N PHE A 445 -22.89 32.20 2.38
CA PHE A 445 -22.26 32.17 1.08
C PHE A 445 -23.23 31.64 0.02
N ASP A 446 -23.28 32.33 -1.11
CA ASP A 446 -24.07 31.90 -2.26
C ASP A 446 -23.36 32.32 -3.52
N PHE A 447 -23.60 31.58 -4.60
CA PHE A 447 -22.83 31.74 -5.84
C PHE A 447 -23.26 32.94 -6.68
N GLU A 448 -24.41 33.56 -6.39
CA GLU A 448 -24.79 34.75 -7.13
C GLU A 448 -23.87 35.92 -6.82
N ARG A 449 -23.33 35.98 -5.61
CA ARG A 449 -22.42 37.04 -5.21
C ARG A 449 -21.07 36.55 -4.71
N ARG A 450 -20.98 35.28 -4.29
CA ARG A 450 -19.73 34.65 -3.86
C ARG A 450 -19.03 35.41 -2.74
N ARG A 451 -19.79 36.00 -1.82
CA ARG A 451 -19.25 36.73 -0.69
C ARG A 451 -19.93 36.26 0.59
N MET A 452 -19.17 36.16 1.68
CA MET A 452 -19.74 35.84 2.98
C MET A 452 -19.58 37.01 3.92
N SER A 453 -20.59 37.25 4.75
CA SER A 453 -20.56 38.41 5.63
C SER A 453 -20.99 38.04 7.03
N VAL A 454 -20.41 38.73 8.01
CA VAL A 454 -20.80 38.60 9.41
C VAL A 454 -20.90 40.00 9.99
N VAL A 455 -22.04 40.31 10.62
CA VAL A 455 -22.26 41.59 11.26
C VAL A 455 -22.13 41.41 12.77
N VAL A 456 -21.12 42.04 13.34
CA VAL A 456 -20.83 41.98 14.77
C VAL A 456 -20.96 43.38 15.34
N ALA A 457 -20.73 43.50 16.65
CA ALA A 457 -20.76 44.81 17.29
C ALA A 457 -19.83 44.81 18.49
N GLU A 458 -19.14 45.93 18.69
CA GLU A 458 -18.35 46.17 19.89
C GLU A 458 -19.14 46.83 21.00
N ASN A 459 -20.34 47.33 20.69
CA ASN A 459 -21.20 48.00 21.66
C ASN A 459 -22.63 47.94 21.14
N THR A 460 -23.51 48.71 21.76
CA THR A 460 -24.91 48.78 21.34
C THR A 460 -25.20 50.01 20.47
N GLU A 461 -24.16 50.76 20.10
CA GLU A 461 -24.32 51.98 19.31
C GLU A 461 -24.19 51.73 17.81
N HIS A 462 -23.11 51.06 17.39
CA HIS A 462 -22.86 50.82 15.98
C HIS A 462 -22.48 49.37 15.76
N HIS A 463 -22.74 48.88 14.55
CA HIS A 463 -22.39 47.52 14.15
C HIS A 463 -21.38 47.57 13.02
N GLN A 464 -20.53 46.55 12.97
CA GLN A 464 -19.53 46.41 11.92
C GLN A 464 -19.84 45.18 11.09
N LEU A 465 -20.03 45.38 9.79
CA LEU A 465 -20.20 44.29 8.84
C LEU A 465 -18.84 43.98 8.23
N VAL A 466 -18.38 42.74 8.41
CA VAL A 466 -17.10 42.28 7.87
C VAL A 466 -17.44 41.19 6.86
N CYS A 467 -17.05 41.41 5.61
CA CYS A 467 -17.30 40.46 4.54
C CYS A 467 -15.99 40.04 3.89
N LYS A 468 -15.97 38.84 3.33
CA LYS A 468 -14.79 38.32 2.66
C LYS A 468 -15.21 37.49 1.46
N GLY A 469 -14.34 37.42 0.47
CA GLY A 469 -14.65 36.63 -0.71
C GLY A 469 -13.62 36.84 -1.80
N ALA A 470 -13.96 36.36 -3.00
CA ALA A 470 -13.08 36.52 -4.15
C ALA A 470 -12.85 38.00 -4.42
N LEU A 471 -11.70 38.30 -5.02
CA LEU A 471 -11.27 39.70 -5.17
C LEU A 471 -12.27 40.52 -5.99
N GLN A 472 -12.68 39.99 -7.15
CA GLN A 472 -13.53 40.76 -8.04
C GLN A 472 -14.88 41.06 -7.41
N GLU A 473 -15.47 40.08 -6.73
CA GLU A 473 -16.77 40.28 -6.11
C GLU A 473 -16.71 41.30 -4.99
N ILE A 474 -15.63 41.25 -4.18
CA ILE A 474 -15.45 42.26 -3.14
C ILE A 474 -15.26 43.64 -3.74
N LEU A 475 -14.44 43.74 -4.79
CA LEU A 475 -14.18 45.03 -5.41
C LEU A 475 -15.43 45.60 -6.08
N ASN A 476 -16.35 44.74 -6.52
CA ASN A 476 -17.59 45.22 -7.12
C ASN A 476 -18.42 46.00 -6.12
N VAL A 477 -18.34 45.64 -4.84
CA VAL A 477 -19.13 46.29 -3.80
C VAL A 477 -18.29 47.13 -2.87
N CYS A 478 -17.10 47.56 -3.30
CA CYS A 478 -16.23 48.40 -2.49
C CYS A 478 -16.09 49.77 -3.15
N SER A 479 -16.28 50.82 -2.35
CA SER A 479 -16.12 52.20 -2.82
C SER A 479 -14.98 52.94 -2.14
N GLN A 480 -14.55 52.50 -0.96
CA GLN A 480 -13.48 53.14 -0.21
C GLN A 480 -12.43 52.09 0.15
N VAL A 481 -11.21 52.55 0.34
CA VAL A 481 -10.09 51.67 0.71
C VAL A 481 -9.27 52.37 1.80
N ARG A 482 -8.82 51.58 2.77
CA ARG A 482 -8.01 52.09 3.87
C ARG A 482 -6.55 52.03 3.46
N HIS A 483 -6.05 53.12 2.91
CA HIS A 483 -4.68 53.22 2.41
C HIS A 483 -3.89 54.13 3.32
N ASN A 484 -2.74 53.65 3.81
CA ASN A 484 -1.85 54.43 4.67
C ASN A 484 -2.56 54.93 5.92
N GLY A 485 -3.54 54.18 6.40
CA GLY A 485 -4.30 54.56 7.58
C GLY A 485 -5.41 55.55 7.33
N GLU A 486 -5.66 55.93 6.08
CA GLU A 486 -6.71 56.89 5.75
C GLU A 486 -7.71 56.27 4.79
N ILE A 487 -8.99 56.58 4.99
CA ILE A 487 -10.05 56.08 4.14
C ILE A 487 -10.12 56.96 2.89
N VAL A 488 -9.69 56.42 1.75
CA VAL A 488 -9.65 57.18 0.50
C VAL A 488 -10.58 56.51 -0.51
N PRO A 489 -11.29 57.27 -1.33
CA PRO A 489 -12.13 56.65 -2.37
C PRO A 489 -11.30 55.78 -3.31
N LEU A 490 -11.89 54.65 -3.70
CA LEU A 490 -11.21 53.67 -4.54
C LEU A 490 -11.45 54.03 -6.00
N ASP A 491 -10.44 54.66 -6.62
CA ASP A 491 -10.55 55.09 -8.00
C ASP A 491 -10.12 53.97 -8.94
N ASP A 492 -10.10 54.28 -10.24
CA ASP A 492 -9.78 53.26 -11.24
C ASP A 492 -8.31 52.87 -11.22
N ILE A 493 -7.42 53.81 -10.91
CA ILE A 493 -5.99 53.51 -10.90
C ILE A 493 -5.67 52.46 -9.84
N MET A 494 -6.20 52.65 -8.64
CA MET A 494 -6.00 51.67 -7.58
C MET A 494 -6.64 50.34 -7.93
N LEU A 495 -7.80 50.35 -8.59
CA LEU A 495 -8.43 49.11 -9.02
C LEU A 495 -7.54 48.34 -9.98
N ARG A 496 -6.97 49.04 -10.97
CA ARG A 496 -6.12 48.37 -11.95
C ARG A 496 -4.82 47.87 -11.30
N LYS A 497 -4.26 48.65 -10.38
CA LYS A 497 -3.05 48.21 -9.67
C LYS A 497 -3.34 46.96 -8.85
N ILE A 498 -4.46 46.95 -8.14
CA ILE A 498 -4.85 45.77 -7.36
C ILE A 498 -5.05 44.57 -8.28
N LYS A 499 -5.70 44.80 -9.41
CA LYS A 499 -5.94 43.72 -10.36
C LYS A 499 -4.63 43.12 -10.87
N ARG A 500 -3.66 43.97 -11.21
CA ARG A 500 -2.41 43.44 -11.75
C ARG A 500 -1.60 42.72 -10.67
N VAL A 501 -1.60 43.25 -9.45
CA VAL A 501 -0.87 42.60 -8.36
C VAL A 501 -1.48 41.23 -8.07
N THR A 502 -2.82 41.17 -8.00
CA THR A 502 -3.47 39.90 -7.71
C THR A 502 -3.33 38.93 -8.88
N ASP A 503 -3.26 39.44 -10.11
CA ASP A 503 -3.00 38.57 -11.25
C ASP A 503 -1.61 37.97 -11.17
N THR A 504 -0.61 38.76 -10.77
CA THR A 504 0.72 38.22 -10.58
C THR A 504 0.74 37.17 -9.47
N LEU A 505 0.05 37.45 -8.36
CA LEU A 505 -0.01 36.48 -7.27
C LEU A 505 -0.70 35.18 -7.72
N ASN A 506 -1.78 35.29 -8.50
CA ASN A 506 -2.44 34.10 -9.03
C ASN A 506 -1.53 33.33 -9.95
N ARG A 507 -0.78 34.04 -10.81
CA ARG A 507 0.20 33.39 -11.67
C ARG A 507 1.31 32.70 -10.90
N GLN A 508 1.61 33.17 -9.69
CA GLN A 508 2.54 32.47 -8.81
C GLN A 508 1.89 31.32 -8.07
N GLY A 509 0.59 31.08 -8.28
CA GLY A 509 -0.11 30.02 -7.60
C GLY A 509 -0.77 30.40 -6.29
N LEU A 510 -0.73 31.66 -5.92
CA LEU A 510 -1.33 32.14 -4.67
C LEU A 510 -2.79 32.47 -4.91
N ARG A 511 -3.67 31.92 -4.09
CA ARG A 511 -5.07 32.32 -4.09
C ARG A 511 -5.24 33.57 -3.23
N VAL A 512 -6.00 34.52 -3.74
CA VAL A 512 -6.18 35.83 -3.11
C VAL A 512 -7.64 35.98 -2.69
N VAL A 513 -7.86 36.32 -1.43
CA VAL A 513 -9.20 36.54 -0.89
C VAL A 513 -9.23 37.93 -0.26
N ALA A 514 -10.16 38.75 -0.72
CA ALA A 514 -10.28 40.13 -0.25
C ALA A 514 -11.26 40.22 0.91
N VAL A 515 -11.03 41.22 1.77
CA VAL A 515 -11.81 41.45 2.97
C VAL A 515 -12.21 42.92 3.01
N ALA A 516 -13.48 43.17 3.34
CA ALA A 516 -14.00 44.52 3.46
C ALA A 516 -14.75 44.65 4.78
N THR A 517 -14.76 45.88 5.31
CA THR A 517 -15.46 46.20 6.54
C THR A 517 -16.27 47.48 6.34
N LYS A 518 -17.38 47.58 7.07
CA LYS A 518 -18.23 48.75 7.01
C LYS A 518 -18.88 48.97 8.36
N TYR A 519 -19.16 50.23 8.68
CA TYR A 519 -19.81 50.60 9.93
C TYR A 519 -21.22 51.11 9.65
N LEU A 520 -22.20 50.60 10.39
CA LEU A 520 -23.58 51.00 10.25
C LEU A 520 -24.18 51.32 11.62
N PRO A 521 -25.22 52.16 11.67
CA PRO A 521 -25.92 52.38 12.93
C PRO A 521 -26.64 51.11 13.40
N ALA A 522 -26.79 51.00 14.71
CA ALA A 522 -27.44 49.83 15.28
C ALA A 522 -28.90 49.75 14.84
N ARG A 523 -29.34 48.55 14.51
CA ARG A 523 -30.70 48.33 14.05
C ARG A 523 -31.16 46.94 14.48
N GLU A 524 -32.48 46.77 14.56
CA GLU A 524 -33.06 45.51 15.02
C GLU A 524 -33.30 44.52 13.89
N GLY A 525 -33.55 45.01 12.67
CA GLY A 525 -33.84 44.12 11.57
C GLY A 525 -32.62 43.32 11.13
N ASP A 526 -32.90 42.16 10.54
CA ASP A 526 -31.84 41.30 10.05
C ASP A 526 -31.16 41.92 8.84
N TYR A 527 -29.87 41.66 8.70
CA TYR A 527 -29.08 42.18 7.60
C TYR A 527 -29.24 41.29 6.37
N GLN A 528 -29.56 41.91 5.24
CA GLN A 528 -29.77 41.22 3.98
C GLN A 528 -28.57 41.43 3.06
N ARG A 529 -28.65 40.84 1.87
CA ARG A 529 -27.57 40.97 0.90
C ARG A 529 -27.42 42.39 0.38
N ALA A 530 -28.46 43.23 0.52
CA ALA A 530 -28.38 44.59 0.02
C ALA A 530 -27.46 45.45 0.87
N ASP A 531 -27.14 45.01 2.08
CA ASP A 531 -26.27 45.78 2.98
C ASP A 531 -24.81 45.76 2.56
N GLU A 532 -24.43 44.91 1.60
CA GLU A 532 -23.05 44.85 1.13
C GLU A 532 -22.82 45.87 0.03
N SER A 533 -22.69 47.13 0.45
CA SER A 533 -22.46 48.22 -0.47
C SER A 533 -21.65 49.31 0.22
N ASP A 534 -20.88 50.06 -0.57
CA ASP A 534 -20.05 51.15 -0.09
C ASP A 534 -19.12 50.67 1.02
N LEU A 535 -18.51 49.51 0.81
CA LEU A 535 -17.65 48.90 1.80
C LEU A 535 -16.26 49.57 1.78
N ILE A 536 -15.47 49.25 2.81
CA ILE A 536 -14.09 49.71 2.92
C ILE A 536 -13.19 48.49 2.78
N LEU A 537 -12.42 48.45 1.70
CA LEU A 537 -11.56 47.30 1.42
C LEU A 537 -10.35 47.36 2.33
N GLU A 538 -10.28 46.46 3.31
CA GLU A 538 -9.14 46.48 4.23
C GLU A 538 -7.89 45.93 3.58
N GLY A 539 -8.02 44.89 2.78
CA GLY A 539 -6.88 44.29 2.10
C GLY A 539 -7.23 42.92 1.59
N TYR A 540 -6.18 42.17 1.23
CA TYR A 540 -6.36 40.82 0.71
C TYR A 540 -5.34 39.90 1.34
N ILE A 541 -5.70 38.62 1.45
CA ILE A 541 -4.84 37.60 2.02
C ILE A 541 -4.50 36.61 0.92
N ALA A 542 -3.20 36.44 0.65
CA ALA A 542 -2.72 35.50 -0.35
C ALA A 542 -2.17 34.28 0.36
N PHE A 543 -2.64 33.10 -0.04
CA PHE A 543 -2.23 31.86 0.59
C PHE A 543 -1.89 30.83 -0.49
N LEU A 544 -0.91 29.99 -0.18
CA LEU A 544 -0.44 28.96 -1.11
C LEU A 544 -0.97 27.59 -0.67
N ASP A 545 -1.61 26.89 -1.59
CA ASP A 545 -2.10 25.53 -1.37
C ASP A 545 -1.23 24.58 -2.18
N PRO A 546 -0.32 23.85 -1.55
CA PRO A 546 0.66 23.06 -2.31
C PRO A 546 0.03 21.82 -2.91
N PRO A 547 0.44 21.43 -4.11
CA PRO A 547 -0.07 20.19 -4.69
C PRO A 547 0.43 18.98 -3.90
N LYS A 548 -0.39 17.93 -3.90
CA LYS A 548 -0.02 16.70 -3.22
C LYS A 548 1.18 16.05 -3.89
N GLU A 549 2.02 15.39 -3.08
CA GLU A 549 3.21 14.74 -3.61
C GLU A 549 2.86 13.59 -4.54
N THR A 550 1.73 12.92 -4.30
CA THR A 550 1.33 11.75 -5.07
C THR A 550 0.38 12.08 -6.22
N THR A 551 0.12 13.36 -6.47
CA THR A 551 -0.83 13.72 -7.52
C THR A 551 -0.31 13.39 -8.91
N ALA A 552 0.94 13.76 -9.19
CA ALA A 552 1.50 13.51 -10.52
C ALA A 552 1.62 12.02 -10.84
N PRO A 553 2.18 11.16 -9.97
CA PRO A 553 2.18 9.73 -10.30
C PRO A 553 0.79 9.15 -10.47
N ALA A 554 -0.17 9.60 -9.65
CA ALA A 554 -1.54 9.10 -9.78
C ALA A 554 -2.15 9.52 -11.11
N LEU A 555 -1.91 10.76 -11.53
CA LEU A 555 -2.40 11.21 -12.83
C LEU A 555 -1.76 10.44 -13.96
N LYS A 556 -0.45 10.14 -13.85
CA LYS A 556 0.22 9.34 -14.86
C LYS A 556 -0.37 7.94 -14.94
N ALA A 557 -0.64 7.33 -13.78
CA ALA A 557 -1.24 6.00 -13.77
C ALA A 557 -2.64 6.03 -14.37
N LEU A 558 -3.42 7.06 -14.05
CA LEU A 558 -4.75 7.19 -14.62
C LEU A 558 -4.71 7.34 -16.13
N LYS A 559 -3.78 8.15 -16.64
CA LYS A 559 -3.64 8.29 -18.08
C LYS A 559 -3.19 6.98 -18.72
N ALA A 560 -2.32 6.23 -18.02
CA ALA A 560 -1.92 4.92 -18.53
C ALA A 560 -3.10 3.98 -18.62
N SER A 561 -3.99 4.01 -17.62
CA SER A 561 -5.20 3.21 -17.67
C SER A 561 -6.09 3.64 -18.84
N GLY A 562 -6.20 4.95 -19.06
CA GLY A 562 -7.01 5.46 -20.14
C GLY A 562 -8.08 6.43 -19.68
N ILE A 563 -8.01 6.84 -18.41
CA ILE A 563 -9.00 7.73 -17.81
C ILE A 563 -8.49 9.16 -18.00
N THR A 564 -9.08 9.88 -18.97
CA THR A 564 -8.71 11.26 -19.21
C THR A 564 -9.26 12.13 -18.08
N VAL A 565 -8.36 12.74 -17.31
CA VAL A 565 -8.75 13.54 -16.15
C VAL A 565 -9.04 14.97 -16.62
N LYS A 566 -10.21 15.47 -16.26
CA LYS A 566 -10.61 16.84 -16.54
C LYS A 566 -10.93 17.56 -15.24
N ILE A 567 -10.61 18.85 -15.20
CA ILE A 567 -10.77 19.66 -13.99
C ILE A 567 -11.93 20.61 -14.20
N LEU A 568 -12.95 20.51 -13.35
CA LEU A 568 -14.06 21.45 -13.31
C LEU A 568 -14.01 22.17 -11.97
N THR A 569 -13.47 23.39 -11.97
CA THR A 569 -13.27 24.15 -10.75
C THR A 569 -13.82 25.55 -10.90
N GLY A 570 -14.32 26.10 -9.80
CA GLY A 570 -14.84 27.45 -9.75
C GLY A 570 -13.82 28.51 -9.40
N ASP A 571 -12.54 28.15 -9.26
CA ASP A 571 -11.50 29.09 -8.91
C ASP A 571 -11.06 29.87 -10.15
N SER A 572 -10.11 30.77 -9.95
CA SER A 572 -9.58 31.56 -11.06
C SER A 572 -8.81 30.67 -12.03
N GLU A 573 -8.81 31.07 -13.30
CA GLU A 573 -8.14 30.28 -14.32
C GLU A 573 -6.62 30.32 -14.15
N LEU A 574 -6.08 31.39 -13.59
CA LEU A 574 -4.64 31.47 -13.39
C LEU A 574 -4.17 30.47 -12.33
N VAL A 575 -4.87 30.41 -11.19
CA VAL A 575 -4.50 29.48 -10.14
C VAL A 575 -4.68 28.04 -10.61
N ALA A 576 -5.78 27.76 -11.30
CA ALA A 576 -6.02 26.41 -11.81
C ALA A 576 -4.96 26.01 -12.83
N ALA A 577 -4.58 26.93 -13.72
CA ALA A 577 -3.55 26.64 -14.70
C ALA A 577 -2.21 26.38 -14.02
N LYS A 578 -1.86 27.19 -13.02
CA LYS A 578 -0.61 26.97 -12.29
C LYS A 578 -0.61 25.62 -11.59
N VAL A 579 -1.74 25.26 -10.96
CA VAL A 579 -1.83 23.97 -10.28
C VAL A 579 -1.69 22.83 -11.28
N CYS A 580 -2.36 22.94 -12.42
CA CYS A 580 -2.28 21.90 -13.44
C CYS A 580 -0.85 21.76 -13.97
N HIS A 581 -0.16 22.89 -14.19
CA HIS A 581 1.23 22.83 -14.63
C HIS A 581 2.12 22.21 -13.55
N GLU A 582 1.85 22.52 -12.28
CA GLU A 582 2.63 21.94 -11.20
C GLU A 582 2.46 20.43 -11.13
N VAL A 583 1.22 19.94 -11.28
CA VAL A 583 0.95 18.51 -11.18
C VAL A 583 1.23 17.76 -12.48
N GLY A 584 1.64 18.47 -13.53
CA GLY A 584 1.99 17.84 -14.79
C GLY A 584 0.86 17.74 -15.78
N LEU A 585 -0.36 18.08 -15.39
CA LEU A 585 -1.49 18.03 -16.32
C LEU A 585 -1.34 19.10 -17.39
N ASP A 586 -1.79 18.78 -18.60
CA ASP A 586 -1.71 19.71 -19.72
C ASP A 586 -2.98 20.56 -19.74
N ALA A 587 -2.86 21.82 -19.30
CA ALA A 587 -4.01 22.71 -19.28
C ALA A 587 -4.50 23.04 -20.68
N GLY A 588 -3.57 23.20 -21.64
CA GLY A 588 -3.97 23.60 -22.97
C GLY A 588 -4.60 24.97 -22.96
N GLU A 589 -5.79 25.08 -23.52
CA GLU A 589 -6.57 26.31 -23.51
C GLU A 589 -7.69 26.19 -22.49
N VAL A 590 -7.83 27.20 -21.65
CA VAL A 590 -8.81 27.18 -20.57
C VAL A 590 -10.13 27.74 -21.08
N VAL A 591 -11.22 27.24 -20.51
CA VAL A 591 -12.57 27.70 -20.83
C VAL A 591 -13.22 28.16 -19.53
N ILE A 592 -13.66 29.41 -19.51
CA ILE A 592 -14.34 29.96 -18.34
C ILE A 592 -15.84 29.74 -18.47
N GLY A 593 -16.54 29.85 -17.34
CA GLY A 593 -17.97 29.62 -17.34
C GLY A 593 -18.73 30.62 -18.20
N SER A 594 -18.34 31.88 -18.17
CA SER A 594 -19.04 32.91 -18.94
C SER A 594 -18.96 32.65 -20.44
N ASP A 595 -18.05 31.79 -20.88
CA ASP A 595 -17.89 31.46 -22.28
C ASP A 595 -18.62 30.18 -22.69
N ILE A 596 -19.41 29.58 -21.79
CA ILE A 596 -20.20 28.41 -22.16
C ILE A 596 -21.70 28.69 -22.12
N GLU A 597 -22.14 29.79 -21.51
CA GLU A 597 -23.57 30.12 -21.53
C GLU A 597 -24.03 30.44 -22.95
N THR A 598 -23.22 31.18 -23.70
CA THR A 598 -23.59 31.51 -25.08
C THR A 598 -23.49 30.28 -25.98
N LEU A 599 -22.55 29.38 -25.69
CA LEU A 599 -22.39 28.19 -26.51
C LEU A 599 -23.58 27.27 -26.39
N SER A 600 -23.98 26.68 -27.52
CA SER A 600 -25.08 25.74 -27.54
C SER A 600 -24.64 24.39 -27.00
N ASP A 601 -25.58 23.46 -26.89
CA ASP A 601 -25.29 22.12 -26.40
C ASP A 601 -24.27 21.40 -27.28
N ASP A 602 -24.48 21.47 -28.59
CA ASP A 602 -23.55 20.81 -29.53
C ASP A 602 -22.17 21.43 -29.45
N GLU A 603 -22.11 22.76 -29.39
CA GLU A 603 -20.81 23.44 -29.33
C GLU A 603 -20.06 23.07 -28.05
N LEU A 604 -20.76 23.08 -26.91
CA LEU A 604 -20.11 22.73 -25.65
C LEU A 604 -19.68 21.27 -25.64
N ALA A 605 -20.50 20.39 -26.19
CA ALA A 605 -20.13 18.97 -26.28
C ALA A 605 -18.94 18.75 -27.19
N ASN A 606 -18.81 19.50 -28.28
CA ASN A 606 -17.65 19.40 -29.16
C ASN A 606 -16.42 20.10 -28.57
N LEU A 607 -16.61 20.99 -27.61
CA LEU A 607 -15.50 21.68 -26.95
C LEU A 607 -14.98 20.93 -25.73
N ALA A 608 -15.87 20.28 -24.97
CA ALA A 608 -15.47 19.56 -23.77
C ALA A 608 -14.67 18.30 -24.09
N GLN A 609 -14.64 17.86 -25.34
CA GLN A 609 -13.87 16.69 -25.73
C GLN A 609 -12.41 17.03 -26.05
N ARG A 610 -12.02 18.29 -25.96
CA ARG A 610 -10.66 18.72 -26.25
C ARG A 610 -10.06 19.56 -25.13
N THR A 611 -10.89 20.21 -24.33
CA THR A 611 -10.43 21.07 -23.25
C THR A 611 -10.23 20.24 -21.99
N THR A 612 -9.10 20.45 -21.31
CA THR A 612 -8.79 19.70 -20.10
C THR A 612 -9.15 20.45 -18.83
N LEU A 613 -8.93 21.76 -18.79
CA LEU A 613 -9.15 22.56 -17.60
C LEU A 613 -10.29 23.54 -17.85
N PHE A 614 -11.28 23.53 -16.96
CA PHE A 614 -12.39 24.47 -16.97
C PHE A 614 -12.36 25.27 -15.68
N ALA A 615 -12.49 26.59 -15.78
CA ALA A 615 -12.38 27.48 -14.63
C ALA A 615 -13.61 28.36 -14.52
N ARG A 616 -13.78 28.93 -13.32
CA ARG A 616 -14.89 29.84 -13.03
C ARG A 616 -16.23 29.22 -13.40
N LEU A 617 -16.51 28.05 -12.82
CA LEU A 617 -17.70 27.29 -13.13
C LEU A 617 -18.70 27.36 -11.98
N THR A 618 -19.95 27.68 -12.31
CA THR A 618 -21.04 27.53 -11.37
C THR A 618 -21.49 26.07 -11.33
N PRO A 619 -22.18 25.66 -10.27
CA PRO A 619 -22.66 24.26 -10.22
C PRO A 619 -23.53 23.88 -11.40
N MET A 620 -24.34 24.79 -11.92
CA MET A 620 -25.10 24.51 -13.13
C MET A 620 -24.17 24.26 -14.32
N HIS A 621 -23.09 25.03 -14.42
CA HIS A 621 -22.11 24.81 -15.48
C HIS A 621 -21.46 23.44 -15.35
N LYS A 622 -21.11 23.04 -14.11
CA LYS A 622 -20.53 21.73 -13.89
C LYS A 622 -21.50 20.63 -14.30
N GLU A 623 -22.77 20.77 -13.92
CA GLU A 623 -23.76 19.77 -14.28
C GLU A 623 -23.93 19.67 -15.80
N ARG A 624 -23.98 20.82 -16.47
CA ARG A 624 -24.12 20.80 -17.92
C ARG A 624 -22.92 20.16 -18.60
N ILE A 625 -21.71 20.50 -18.15
CA ILE A 625 -20.50 19.95 -18.76
C ILE A 625 -20.45 18.44 -18.55
N VAL A 626 -20.80 17.98 -17.34
CA VAL A 626 -20.81 16.54 -17.08
C VAL A 626 -21.85 15.85 -17.94
N THR A 627 -23.04 16.45 -18.07
CA THR A 627 -24.10 15.85 -18.87
C THR A 627 -23.70 15.73 -20.34
N LEU A 628 -23.07 16.76 -20.89
CA LEU A 628 -22.71 16.75 -22.30
C LEU A 628 -21.44 15.94 -22.60
N LEU A 629 -20.77 15.42 -21.57
CA LEU A 629 -19.56 14.65 -21.79
C LEU A 629 -19.82 13.16 -21.98
N LYS A 630 -21.05 12.70 -21.77
CA LYS A 630 -21.37 11.28 -21.85
C LYS A 630 -22.01 10.87 -23.17
N ARG A 631 -22.48 11.83 -23.97
CA ARG A 631 -23.26 11.49 -25.15
C ARG A 631 -22.44 10.72 -26.19
N GLU A 632 -21.18 11.12 -26.36
CA GLU A 632 -20.32 10.51 -27.39
C GLU A 632 -19.68 9.22 -26.88
N GLY A 633 -20.54 8.33 -26.37
CA GLY A 633 -20.12 7.01 -25.95
C GLY A 633 -19.03 6.99 -24.90
N HIS A 634 -19.14 7.86 -23.90
CA HIS A 634 -18.14 7.95 -22.84
C HIS A 634 -18.82 7.78 -21.50
N VAL A 635 -18.24 6.95 -20.63
CA VAL A 635 -18.72 6.79 -19.27
C VAL A 635 -17.99 7.80 -18.39
N VAL A 636 -18.74 8.72 -17.79
CA VAL A 636 -18.17 9.87 -17.09
C VAL A 636 -18.29 9.65 -15.58
N GLY A 637 -17.18 9.89 -14.89
CA GLY A 637 -17.19 9.88 -13.44
C GLY A 637 -16.88 11.24 -12.87
N PHE A 638 -17.68 11.68 -11.91
CA PHE A 638 -17.51 12.99 -11.28
C PHE A 638 -17.14 12.79 -9.82
N MET A 639 -16.07 13.44 -9.39
CA MET A 639 -15.61 13.38 -8.01
C MET A 639 -15.74 14.75 -7.37
N GLY A 640 -16.53 14.83 -6.31
CA GLY A 640 -16.75 16.09 -5.63
C GLY A 640 -17.28 15.87 -4.23
N ASP A 641 -17.06 16.86 -3.37
CA ASP A 641 -17.49 16.78 -1.98
C ASP A 641 -18.04 18.12 -1.51
N GLY A 642 -18.76 18.82 -2.39
CA GLY A 642 -19.33 20.10 -2.07
C GLY A 642 -20.84 20.02 -1.84
N ILE A 643 -21.39 21.14 -1.38
CA ILE A 643 -22.82 21.21 -1.11
C ILE A 643 -23.62 21.06 -2.41
N ASN A 644 -23.18 21.73 -3.46
CA ASN A 644 -23.91 21.77 -4.73
C ASN A 644 -23.41 20.73 -5.72
N ASP A 645 -22.67 19.73 -5.27
CA ASP A 645 -22.17 18.68 -6.15
C ASP A 645 -23.17 17.55 -6.36
N ALA A 646 -24.32 17.60 -5.68
CA ALA A 646 -25.31 16.54 -5.86
C ALA A 646 -25.84 16.45 -7.28
N PRO A 647 -26.25 17.54 -7.95
CA PRO A 647 -26.64 17.40 -9.36
C PRO A 647 -25.53 16.89 -10.24
N ALA A 648 -24.28 17.31 -9.99
CA ALA A 648 -23.16 16.83 -10.80
C ALA A 648 -22.89 15.36 -10.56
N LEU A 649 -22.91 14.93 -9.29
CA LEU A 649 -22.68 13.53 -8.98
C LEU A 649 -23.77 12.63 -9.54
N ARG A 650 -25.03 13.08 -9.45
CA ARG A 650 -26.13 12.26 -9.96
C ARG A 650 -26.17 12.24 -11.48
N ALA A 651 -25.87 13.36 -12.13
CA ALA A 651 -25.90 13.43 -13.59
C ALA A 651 -24.78 12.65 -14.24
N ALA A 652 -23.67 12.45 -13.54
CA ALA A 652 -22.56 11.67 -14.09
C ALA A 652 -22.93 10.19 -14.14
N ASP A 653 -22.24 9.46 -15.03
CA ASP A 653 -22.44 8.02 -15.09
C ASP A 653 -22.06 7.35 -13.77
N ILE A 654 -21.03 7.85 -13.11
CA ILE A 654 -20.71 7.42 -11.75
C ILE A 654 -20.26 8.62 -10.92
N GLY A 655 -20.65 8.63 -9.65
CA GLY A 655 -20.28 9.69 -8.73
C GLY A 655 -19.43 9.13 -7.59
N ILE A 656 -18.30 9.79 -7.35
CA ILE A 656 -17.35 9.39 -6.33
C ILE A 656 -17.21 10.53 -5.33
N SER A 657 -17.31 10.22 -4.05
CA SER A 657 -17.20 11.21 -2.99
C SER A 657 -16.23 10.72 -1.94
N VAL A 658 -16.08 11.51 -0.87
CA VAL A 658 -15.16 11.21 0.21
C VAL A 658 -15.98 10.98 1.48
N ASP A 659 -15.43 10.18 2.40
CA ASP A 659 -16.12 9.88 3.64
C ASP A 659 -16.38 11.15 4.45
N GLY A 660 -15.38 12.02 4.52
CA GLY A 660 -15.57 13.30 5.19
C GLY A 660 -16.05 14.37 4.24
N ALA A 661 -17.37 14.61 4.21
CA ALA A 661 -17.96 15.58 3.30
C ALA A 661 -19.37 15.87 3.78
N VAL A 662 -20.03 16.80 3.07
CA VAL A 662 -21.42 17.10 3.36
C VAL A 662 -22.28 15.89 3.02
N ASP A 663 -23.44 15.79 3.68
CA ASP A 663 -24.26 14.59 3.54
C ASP A 663 -24.81 14.45 2.11
N ILE A 664 -25.23 15.56 1.50
CA ILE A 664 -25.80 15.49 0.16
C ILE A 664 -24.79 15.08 -0.90
N ALA A 665 -23.50 15.24 -0.64
CA ALA A 665 -22.46 14.76 -1.54
C ALA A 665 -22.14 13.29 -1.32
N ARG A 666 -22.63 12.71 -0.23
CA ARG A 666 -22.46 11.28 0.05
C ARG A 666 -23.70 10.49 -0.33
N GLU A 667 -24.89 11.06 -0.13
CA GLU A 667 -26.12 10.40 -0.54
C GLU A 667 -26.18 10.28 -2.07
N ALA A 668 -25.74 11.32 -2.78
CA ALA A 668 -25.80 11.32 -4.23
C ALA A 668 -24.69 10.52 -4.88
N ALA A 669 -23.64 10.18 -4.14
CA ALA A 669 -22.52 9.47 -4.71
C ALA A 669 -22.80 7.97 -4.80
N ASP A 670 -22.06 7.31 -5.69
CA ASP A 670 -22.13 5.86 -5.83
C ASP A 670 -20.91 5.16 -5.23
N ILE A 671 -19.77 5.84 -5.14
CA ILE A 671 -18.56 5.31 -4.54
C ILE A 671 -18.10 6.28 -3.47
N ILE A 672 -17.62 5.74 -2.34
CA ILE A 672 -17.14 6.56 -1.24
C ILE A 672 -15.70 6.15 -0.95
N LEU A 673 -14.76 7.06 -1.14
CA LEU A 673 -13.38 6.80 -0.78
C LEU A 673 -13.13 7.23 0.66
N LEU A 674 -12.50 6.35 1.43
CA LEU A 674 -12.24 6.66 2.84
C LEU A 674 -11.27 7.82 2.97
N GLU A 675 -10.40 8.03 1.99
CA GLU A 675 -9.54 9.20 1.94
C GLU A 675 -9.56 9.77 0.52
N LYS A 676 -9.39 11.09 0.44
CA LYS A 676 -9.47 11.80 -0.84
C LYS A 676 -8.10 11.75 -1.51
N SER A 677 -7.89 10.74 -2.35
CA SER A 677 -6.63 10.57 -3.05
C SER A 677 -6.89 9.93 -4.40
N LEU A 678 -6.11 10.35 -5.40
CA LEU A 678 -6.27 9.82 -6.75
C LEU A 678 -5.66 8.42 -6.89
N MET A 679 -4.59 8.13 -6.14
CA MET A 679 -3.97 6.81 -6.21
C MET A 679 -4.94 5.73 -5.75
N VAL A 680 -5.66 5.98 -4.67
CA VAL A 680 -6.67 5.03 -4.19
C VAL A 680 -7.73 4.82 -5.27
N LEU A 681 -8.15 5.89 -5.93
CA LEU A 681 -9.15 5.77 -6.98
C LEU A 681 -8.63 4.93 -8.14
N GLU A 682 -7.37 5.14 -8.54
CA GLU A 682 -6.81 4.36 -9.64
C GLU A 682 -6.71 2.88 -9.29
N GLU A 683 -6.23 2.57 -8.08
CA GLU A 683 -6.15 1.17 -7.66
C GLU A 683 -7.54 0.55 -7.60
N GLY A 684 -8.52 1.28 -7.10
CA GLY A 684 -9.88 0.78 -7.08
C GLY A 684 -10.43 0.53 -8.47
N VAL A 685 -10.12 1.42 -9.41
CA VAL A 685 -10.56 1.24 -10.80
C VAL A 685 -9.96 -0.04 -11.37
N ILE A 686 -8.67 -0.26 -11.12
CA ILE A 686 -8.02 -1.47 -11.60
C ILE A 686 -8.68 -2.71 -11.01
N GLU A 687 -8.92 -2.70 -9.70
CA GLU A 687 -9.51 -3.88 -9.05
C GLU A 687 -10.95 -4.11 -9.52
N GLY A 688 -11.72 -3.05 -9.74
CA GLY A 688 -13.06 -3.21 -10.28
C GLY A 688 -13.07 -3.74 -11.69
N ARG A 689 -12.11 -3.31 -12.52
CA ARG A 689 -11.97 -3.90 -13.85
C ARG A 689 -11.67 -5.39 -13.73
N ARG A 690 -10.81 -5.78 -12.79
CA ARG A 690 -10.54 -7.19 -12.56
C ARG A 690 -11.80 -7.95 -12.16
N THR A 691 -12.61 -7.36 -11.27
CA THR A 691 -13.83 -8.02 -10.80
C THR A 691 -14.81 -8.22 -11.95
N PHE A 692 -15.02 -7.18 -12.77
CA PHE A 692 -15.95 -7.30 -13.88
C PHE A 692 -15.45 -8.29 -14.91
N ALA A 693 -14.13 -8.32 -15.14
CA ALA A 693 -13.57 -9.32 -16.04
C ALA A 693 -13.81 -10.72 -15.50
N ASN A 694 -13.67 -10.91 -14.19
CA ASN A 694 -13.95 -12.21 -13.60
C ASN A 694 -15.40 -12.62 -13.81
N MET A 695 -16.33 -11.69 -13.60
CA MET A 695 -17.74 -12.00 -13.79
C MET A 695 -18.03 -12.39 -15.25
N LEU A 696 -17.49 -11.61 -16.19
CA LEU A 696 -17.70 -11.91 -17.60
C LEU A 696 -17.10 -13.27 -17.97
N LYS A 697 -15.92 -13.57 -17.44
CA LYS A 697 -15.30 -14.87 -17.71
C LYS A 697 -16.14 -16.00 -17.15
N TYR A 698 -16.67 -15.83 -15.95
CA TYR A 698 -17.56 -16.83 -15.36
C TYR A 698 -18.74 -17.11 -16.28
N ILE A 699 -19.43 -16.06 -16.69
CA ILE A 699 -20.62 -16.22 -17.52
C ILE A 699 -20.26 -16.89 -18.84
N LYS A 700 -19.18 -16.41 -19.47
CA LYS A 700 -18.78 -16.95 -20.77
C LYS A 700 -18.46 -18.43 -20.69
N MET A 701 -17.62 -18.81 -19.72
CA MET A 701 -17.20 -20.21 -19.62
C MET A 701 -18.38 -21.12 -19.29
N THR A 702 -19.21 -20.74 -18.32
CA THR A 702 -20.34 -21.59 -17.96
C THR A 702 -21.28 -21.76 -19.14
N ALA A 703 -21.64 -20.65 -19.81
CA ALA A 703 -22.56 -20.73 -20.93
C ALA A 703 -21.97 -21.56 -22.06
N SER A 704 -20.69 -21.37 -22.38
CA SER A 704 -20.08 -22.09 -23.48
C SER A 704 -20.05 -23.59 -23.21
N SER A 705 -19.64 -23.98 -21.99
CA SER A 705 -19.56 -25.40 -21.69
C SER A 705 -20.95 -26.05 -21.69
N ASN A 706 -21.94 -25.39 -21.09
CA ASN A 706 -23.26 -25.98 -21.04
C ASN A 706 -23.91 -26.03 -22.43
N PHE A 707 -23.69 -25.00 -23.25
CA PHE A 707 -24.18 -25.04 -24.61
C PHE A 707 -23.52 -26.14 -25.43
N GLY A 708 -22.22 -26.36 -25.21
CA GLY A 708 -21.55 -27.47 -25.88
C GLY A 708 -22.13 -28.81 -25.49
N ASN A 709 -22.42 -28.99 -24.20
CA ASN A 709 -23.06 -30.23 -23.76
C ASN A 709 -24.43 -30.41 -24.40
N VAL A 710 -25.21 -29.32 -24.46
CA VAL A 710 -26.53 -29.39 -25.07
C VAL A 710 -26.43 -29.75 -26.55
N PHE A 711 -25.47 -29.13 -27.25
CA PHE A 711 -25.30 -29.42 -28.67
C PHE A 711 -24.89 -30.86 -28.89
N SER A 712 -23.98 -31.38 -28.06
CA SER A 712 -23.59 -32.78 -28.17
C SER A 712 -24.79 -33.70 -27.97
N VAL A 713 -25.59 -33.43 -26.94
CA VAL A 713 -26.79 -34.22 -26.70
C VAL A 713 -27.72 -34.17 -27.90
N LEU A 714 -27.93 -32.97 -28.45
CA LEU A 714 -28.86 -32.83 -29.57
C LEU A 714 -28.38 -33.60 -30.79
N VAL A 715 -27.09 -33.52 -31.11
CA VAL A 715 -26.61 -34.13 -32.35
C VAL A 715 -26.51 -35.65 -32.21
N ALA A 716 -26.09 -36.13 -31.05
CA ALA A 716 -25.70 -37.53 -30.91
C ALA A 716 -26.80 -38.40 -30.30
N SER A 717 -27.98 -37.84 -30.01
CA SER A 717 -29.02 -38.65 -29.38
C SER A 717 -29.73 -39.56 -30.37
N ALA A 718 -29.84 -39.14 -31.64
CA ALA A 718 -30.65 -39.90 -32.60
C ALA A 718 -30.05 -41.27 -32.87
N PHE A 719 -28.74 -41.34 -33.06
CA PHE A 719 -28.12 -42.61 -33.45
C PHE A 719 -28.13 -43.62 -32.31
N LEU A 720 -27.92 -43.16 -31.08
CA LEU A 720 -27.85 -44.07 -29.95
C LEU A 720 -29.23 -44.66 -29.65
N PRO A 721 -29.29 -45.91 -29.20
CA PRO A 721 -30.57 -46.52 -28.80
C PRO A 721 -30.95 -46.27 -27.35
N PHE A 722 -30.22 -45.43 -26.64
CA PHE A 722 -30.54 -45.09 -25.26
C PHE A 722 -30.01 -43.69 -24.97
N LEU A 723 -30.33 -43.19 -23.80
CA LEU A 723 -29.88 -41.85 -23.41
C LEU A 723 -28.36 -41.84 -23.30
N PRO A 724 -27.68 -40.87 -23.90
CA PRO A 724 -26.21 -40.82 -23.77
C PRO A 724 -25.74 -40.72 -22.34
N MET A 725 -26.49 -40.05 -21.48
CA MET A 725 -26.21 -39.99 -20.05
C MET A 725 -27.52 -39.88 -19.31
N LEU A 726 -27.62 -40.53 -18.16
CA LEU A 726 -28.82 -40.40 -17.35
C LEU A 726 -28.95 -38.96 -16.85
N PRO A 727 -30.16 -38.39 -16.86
CA PRO A 727 -30.32 -37.00 -16.42
C PRO A 727 -29.88 -36.78 -14.98
N LEU A 728 -29.98 -37.80 -14.13
CA LEU A 728 -29.45 -37.69 -12.78
C LEU A 728 -27.94 -37.45 -12.80
N HIS A 729 -27.23 -38.16 -13.68
CA HIS A 729 -25.81 -37.92 -13.83
C HIS A 729 -25.53 -36.52 -14.36
N LEU A 730 -26.39 -36.01 -15.25
CA LEU A 730 -26.23 -34.64 -15.73
C LEU A 730 -26.42 -33.63 -14.62
N LEU A 731 -27.40 -33.86 -13.75
CA LEU A 731 -27.60 -32.97 -12.60
C LEU A 731 -26.39 -33.02 -11.67
N ILE A 732 -25.84 -34.22 -11.44
CA ILE A 732 -24.64 -34.35 -10.64
C ILE A 732 -23.50 -33.57 -11.26
N GLN A 733 -23.33 -33.70 -12.58
CA GLN A 733 -22.28 -32.98 -13.29
C GLN A 733 -22.44 -31.47 -13.15
N ASN A 734 -23.67 -30.98 -13.31
CA ASN A 734 -23.93 -29.54 -13.19
C ASN A 734 -23.63 -29.04 -11.79
N LEU A 735 -24.07 -29.78 -10.78
CA LEU A 735 -23.83 -29.38 -9.39
C LEU A 735 -22.34 -29.34 -9.08
N LEU A 736 -21.61 -30.39 -9.46
CA LEU A 736 -20.18 -30.44 -9.18
C LEU A 736 -19.42 -29.36 -9.95
N TYR A 737 -19.82 -29.11 -11.20
CA TYR A 737 -19.18 -28.06 -11.97
C TYR A 737 -19.42 -26.69 -11.35
N ASP A 738 -20.65 -26.44 -10.86
CA ASP A 738 -20.92 -25.18 -10.19
C ASP A 738 -20.10 -25.04 -8.91
N VAL A 739 -19.98 -26.13 -8.16
CA VAL A 739 -19.14 -26.11 -6.95
C VAL A 739 -17.70 -25.79 -7.32
N SER A 740 -17.20 -26.35 -8.42
CA SER A 740 -15.86 -26.01 -8.88
C SER A 740 -15.76 -24.53 -9.27
N GLN A 741 -16.78 -24.01 -9.96
CA GLN A 741 -16.72 -22.65 -10.45
C GLN A 741 -16.90 -21.63 -9.34
N VAL A 742 -17.36 -22.07 -8.17
CA VAL A 742 -17.51 -21.19 -7.00
C VAL A 742 -16.26 -20.33 -6.78
N ALA A 743 -15.09 -20.88 -7.06
CA ALA A 743 -13.83 -20.20 -6.82
C ALA A 743 -13.43 -19.22 -7.92
N ILE A 744 -14.20 -19.15 -9.01
CA ILE A 744 -13.86 -18.22 -10.09
C ILE A 744 -13.83 -16.76 -9.63
N PRO A 745 -14.78 -16.26 -8.80
CA PRO A 745 -14.67 -14.89 -8.31
C PRO A 745 -13.32 -14.54 -7.70
N PHE A 746 -12.56 -15.55 -7.30
CA PHE A 746 -11.24 -15.37 -6.73
C PHE A 746 -10.11 -15.56 -7.75
N ASP A 747 -10.45 -15.64 -9.04
CA ASP A 747 -9.46 -15.89 -10.08
C ASP A 747 -8.55 -14.67 -10.27
N ASN A 748 -7.46 -14.91 -10.99
CA ASN A 748 -6.55 -13.84 -11.39
C ASN A 748 -6.88 -13.37 -12.80
N VAL A 749 -6.66 -12.09 -13.04
CA VAL A 749 -6.98 -11.46 -14.33
C VAL A 749 -5.70 -10.89 -14.91
N ASP A 750 -5.45 -11.17 -16.19
CA ASP A 750 -4.27 -10.66 -16.87
C ASP A 750 -4.32 -9.14 -16.94
N ASP A 751 -3.15 -8.51 -16.88
CA ASP A 751 -3.06 -7.06 -16.97
C ASP A 751 -3.48 -6.54 -18.34
N GLU A 752 -3.55 -7.41 -19.35
CA GLU A 752 -3.98 -6.97 -20.67
C GLU A 752 -5.47 -6.71 -20.72
N GLN A 753 -6.26 -7.49 -19.97
CA GLN A 753 -7.71 -7.30 -19.98
C GLN A 753 -8.13 -6.08 -19.19
N ILE A 754 -7.26 -5.59 -18.30
CA ILE A 754 -7.60 -4.47 -17.42
C ILE A 754 -6.75 -3.24 -17.71
N GLN A 755 -6.05 -3.22 -18.84
CA GLN A 755 -5.21 -2.10 -19.22
C GLN A 755 -6.00 -0.95 -19.82
N LYS A 756 -7.24 -1.19 -20.24
CA LYS A 756 -8.07 -0.19 -20.90
C LYS A 756 -9.46 -0.24 -20.28
N PRO A 757 -10.23 0.84 -20.40
CA PRO A 757 -11.61 0.79 -19.91
C PRO A 757 -12.40 -0.33 -20.56
N GLN A 758 -13.25 -0.98 -19.76
CA GLN A 758 -13.99 -2.14 -20.22
C GLN A 758 -15.29 -1.72 -20.90
N ARG A 759 -15.57 -2.36 -22.03
CA ARG A 759 -16.84 -2.22 -22.73
C ARG A 759 -17.51 -3.59 -22.79
N TRP A 760 -18.75 -3.66 -22.34
CA TRP A 760 -19.47 -4.91 -22.21
C TRP A 760 -20.50 -5.01 -23.32
N ASN A 761 -20.39 -6.05 -24.13
CA ASN A 761 -21.33 -6.30 -25.23
C ASN A 761 -22.05 -7.62 -24.97
N PRO A 762 -23.34 -7.59 -24.61
CA PRO A 762 -24.06 -8.85 -24.33
C PRO A 762 -24.11 -9.80 -25.52
N ALA A 763 -24.06 -9.27 -26.75
CA ALA A 763 -24.08 -10.14 -27.92
C ALA A 763 -22.81 -10.94 -28.08
N ASP A 764 -21.72 -10.54 -27.42
CA ASP A 764 -20.47 -11.29 -27.52
C ASP A 764 -20.58 -12.66 -26.88
N LEU A 765 -21.46 -12.82 -25.88
CA LEU A 765 -21.64 -14.11 -25.23
C LEU A 765 -22.17 -15.14 -26.20
N GLY A 766 -23.10 -14.74 -27.07
CA GLY A 766 -23.62 -15.68 -28.07
C GLY A 766 -22.54 -16.14 -29.03
N ARG A 767 -21.70 -15.21 -29.50
CA ARG A 767 -20.60 -15.58 -30.37
C ARG A 767 -19.63 -16.51 -29.67
N PHE A 768 -19.32 -16.23 -28.40
CA PHE A 768 -18.43 -17.09 -27.64
C PHE A 768 -19.00 -18.50 -27.51
N MET A 769 -20.30 -18.60 -27.19
CA MET A 769 -20.94 -19.91 -27.07
C MET A 769 -20.92 -20.66 -28.39
N ILE A 770 -21.26 -19.97 -29.48
CA ILE A 770 -21.28 -20.61 -30.79
C ILE A 770 -19.88 -21.09 -31.17
N PHE A 771 -18.85 -20.32 -30.80
CA PHE A 771 -17.49 -20.69 -31.17
C PHE A 771 -16.99 -21.86 -30.33
N PHE A 772 -17.33 -21.90 -29.04
CA PHE A 772 -16.73 -22.87 -28.13
C PHE A 772 -17.64 -24.05 -27.79
N GLY A 773 -18.81 -24.16 -28.41
CA GLY A 773 -19.67 -25.30 -28.20
C GLY A 773 -19.27 -26.52 -29.00
N PRO A 774 -19.23 -26.40 -30.33
CA PRO A 774 -18.83 -27.54 -31.17
C PRO A 774 -17.46 -28.08 -30.85
N ILE A 775 -16.59 -27.26 -30.27
CA ILE A 775 -15.25 -27.71 -29.92
C ILE A 775 -15.37 -28.74 -28.80
N SER A 776 -16.35 -28.53 -27.93
CA SER A 776 -16.60 -29.44 -26.82
C SER A 776 -17.58 -30.55 -27.23
N SER A 777 -18.10 -30.45 -28.44
CA SER A 777 -19.04 -31.44 -28.97
C SER A 777 -18.28 -32.50 -29.74
N ILE A 778 -17.29 -32.08 -30.51
CA ILE A 778 -16.47 -33.00 -31.30
C ILE A 778 -15.89 -34.09 -30.39
N PHE A 779 -15.32 -33.69 -29.25
CA PHE A 779 -14.77 -34.68 -28.34
C PHE A 779 -15.84 -35.47 -27.60
N ASP A 780 -17.03 -34.89 -27.41
CA ASP A 780 -18.14 -35.69 -26.90
C ASP A 780 -18.51 -36.80 -27.89
N ILE A 781 -18.54 -36.47 -29.17
CA ILE A 781 -18.82 -37.48 -30.20
C ILE A 781 -17.71 -38.53 -30.23
N LEU A 782 -16.46 -38.10 -30.08
CA LEU A 782 -15.35 -39.04 -30.04
C LEU A 782 -15.48 -40.00 -28.85
N THR A 783 -15.85 -39.48 -27.69
CA THR A 783 -16.06 -40.33 -26.52
C THR A 783 -17.23 -41.28 -26.74
N PHE A 784 -18.29 -40.80 -27.41
CA PHE A 784 -19.42 -41.67 -27.74
C PHE A 784 -18.98 -42.82 -28.63
N CYS A 785 -18.18 -42.52 -29.65
CA CYS A 785 -17.69 -43.57 -30.55
C CYS A 785 -16.80 -44.54 -29.78
N LEU A 786 -15.94 -44.03 -28.90
CA LEU A 786 -15.06 -44.88 -28.12
C LEU A 786 -15.86 -45.84 -27.24
N MET A 787 -16.91 -45.33 -26.58
CA MET A 787 -17.73 -46.19 -25.74
C MET A 787 -18.57 -47.15 -26.57
N TRP A 788 -18.97 -46.75 -27.78
CA TRP A 788 -19.84 -47.60 -28.58
C TRP A 788 -19.08 -48.78 -29.19
N TRP A 789 -17.92 -48.51 -29.79
CA TRP A 789 -17.18 -49.56 -30.48
C TRP A 789 -16.07 -50.18 -29.64
N VAL A 790 -15.17 -49.35 -29.10
CA VAL A 790 -14.01 -49.89 -28.39
C VAL A 790 -14.43 -50.67 -27.15
N PHE A 791 -15.36 -50.12 -26.37
CA PHE A 791 -15.81 -50.76 -25.13
C PHE A 791 -17.07 -51.58 -25.31
N HIS A 792 -17.61 -51.67 -26.52
CA HIS A 792 -18.70 -52.59 -26.86
C HIS A 792 -19.93 -52.36 -25.98
N ALA A 793 -20.34 -51.11 -25.86
CA ALA A 793 -21.60 -50.75 -25.21
C ALA A 793 -22.70 -50.57 -26.25
N ASN A 794 -23.01 -51.66 -26.94
CA ASN A 794 -23.88 -51.63 -28.10
C ASN A 794 -25.34 -51.90 -27.77
N THR A 795 -25.68 -52.23 -26.53
CA THR A 795 -27.04 -52.59 -26.15
C THR A 795 -27.46 -51.81 -24.92
N PRO A 796 -28.76 -51.55 -24.77
CA PRO A 796 -29.24 -50.91 -23.54
C PRO A 796 -28.94 -51.70 -22.28
N GLU A 797 -28.82 -53.03 -22.39
CA GLU A 797 -28.52 -53.85 -21.21
C GLU A 797 -27.19 -53.46 -20.58
N THR A 798 -26.26 -52.93 -21.37
CA THR A 798 -24.99 -52.43 -20.88
C THR A 798 -24.89 -50.91 -21.00
N GLN A 799 -26.04 -50.22 -21.01
CA GLN A 799 -26.03 -48.77 -21.16
C GLN A 799 -25.38 -48.09 -19.96
N THR A 800 -25.44 -48.72 -18.78
CA THR A 800 -24.89 -48.10 -17.58
C THR A 800 -23.40 -47.85 -17.73
N LEU A 801 -22.69 -48.79 -18.36
CA LEU A 801 -21.28 -48.56 -18.67
C LEU A 801 -21.10 -47.38 -19.61
N PHE A 802 -21.97 -47.27 -20.62
CA PHE A 802 -21.84 -46.20 -21.61
C PHE A 802 -21.99 -44.83 -20.97
N GLN A 803 -23.10 -44.62 -20.24
CA GLN A 803 -23.39 -43.29 -19.70
C GLN A 803 -22.31 -42.83 -18.74
N SER A 804 -21.95 -43.68 -17.78
CA SER A 804 -20.86 -43.34 -16.87
C SER A 804 -19.58 -43.07 -17.63
N GLY A 805 -19.37 -43.79 -18.74
CA GLY A 805 -18.18 -43.55 -19.54
C GLY A 805 -18.11 -42.13 -20.05
N TRP A 806 -19.26 -41.55 -20.40
CA TRP A 806 -19.29 -40.14 -20.76
C TRP A 806 -19.20 -39.25 -19.53
N PHE A 807 -19.77 -39.69 -18.41
CA PHE A 807 -19.91 -38.81 -17.25
C PHE A 807 -18.56 -38.28 -16.79
N VAL A 808 -17.59 -39.17 -16.60
CA VAL A 808 -16.27 -38.74 -16.17
C VAL A 808 -15.64 -37.81 -17.21
N VAL A 809 -15.87 -38.08 -18.50
CA VAL A 809 -15.40 -37.16 -19.53
C VAL A 809 -16.19 -35.85 -19.46
N GLY A 810 -17.49 -35.93 -19.18
CA GLY A 810 -18.31 -34.73 -19.17
C GLY A 810 -17.92 -33.76 -18.07
N LEU A 811 -17.72 -34.29 -16.86
CA LEU A 811 -17.45 -33.42 -15.71
C LEU A 811 -16.04 -32.86 -15.72
N LEU A 812 -15.04 -33.70 -15.99
CA LEU A 812 -13.65 -33.26 -15.88
C LEU A 812 -13.30 -32.27 -16.98
N SER A 813 -13.64 -32.59 -18.24
CA SER A 813 -13.33 -31.67 -19.34
C SER A 813 -13.97 -30.31 -19.10
N GLN A 814 -15.26 -30.31 -18.77
CA GLN A 814 -15.95 -29.07 -18.41
C GLN A 814 -15.22 -28.32 -17.31
N THR A 815 -14.64 -29.06 -16.36
CA THR A 815 -13.88 -28.42 -15.30
C THR A 815 -12.50 -28.00 -15.80
N LEU A 816 -11.88 -28.80 -16.67
CA LEU A 816 -10.51 -28.49 -17.10
C LEU A 816 -10.49 -27.34 -18.10
N ILE A 817 -11.44 -27.33 -19.04
CA ILE A 817 -11.46 -26.36 -20.11
C ILE A 817 -11.38 -24.92 -19.63
N VAL A 818 -11.79 -24.66 -18.38
CA VAL A 818 -11.71 -23.31 -17.82
C VAL A 818 -10.28 -22.79 -17.90
N HIS A 819 -9.31 -23.60 -17.44
CA HIS A 819 -7.92 -23.16 -17.46
C HIS A 819 -7.40 -22.90 -18.87
N MET A 820 -8.10 -23.39 -19.89
CA MET A 820 -7.73 -23.11 -21.28
C MET A 820 -8.48 -21.91 -21.84
N ILE A 821 -9.69 -21.63 -21.35
CA ILE A 821 -10.55 -20.62 -21.95
C ILE A 821 -10.72 -19.40 -21.04
N ARG A 822 -9.86 -19.25 -20.04
CA ARG A 822 -9.93 -18.08 -19.18
C ARG A 822 -8.99 -16.96 -19.61
N THR A 823 -7.96 -17.27 -20.39
CA THR A 823 -6.98 -16.29 -20.81
C THR A 823 -6.70 -16.44 -22.30
N ARG A 824 -6.39 -15.32 -22.95
CA ARG A 824 -5.93 -15.34 -24.33
C ARG A 824 -4.47 -15.80 -24.43
N ARG A 825 -3.73 -15.71 -23.35
CA ARG A 825 -2.32 -16.08 -23.31
C ARG A 825 -2.21 -17.57 -23.01
N VAL A 826 -1.06 -18.17 -23.29
CA VAL A 826 -0.91 -19.62 -23.14
C VAL A 826 -0.87 -19.99 -21.66
N PRO A 827 -1.69 -20.93 -21.23
CA PRO A 827 -1.83 -21.20 -19.80
C PRO A 827 -0.61 -21.86 -19.19
N PHE A 828 -0.48 -21.68 -17.87
CA PHE A 828 0.45 -22.42 -17.02
C PHE A 828 1.90 -21.99 -17.22
N ILE A 829 2.18 -21.16 -18.23
CA ILE A 829 3.51 -20.60 -18.44
C ILE A 829 3.46 -19.09 -18.61
N GLN A 830 2.54 -18.58 -19.43
CA GLN A 830 2.41 -17.14 -19.64
C GLN A 830 1.31 -16.51 -18.79
N SER A 831 0.34 -17.30 -18.34
CA SER A 831 -0.71 -16.82 -17.45
C SER A 831 -1.20 -17.98 -16.61
N CYS A 832 -1.44 -17.72 -15.33
CA CYS A 832 -1.84 -18.76 -14.39
C CYS A 832 -3.06 -18.30 -13.62
N ALA A 833 -3.88 -19.27 -13.20
CA ALA A 833 -5.05 -18.99 -12.40
C ALA A 833 -4.65 -18.78 -10.95
N SER A 834 -5.63 -18.67 -10.07
CA SER A 834 -5.40 -18.46 -8.64
C SER A 834 -5.45 -19.80 -7.92
N TRP A 835 -4.75 -19.86 -6.78
CA TRP A 835 -4.63 -21.10 -6.01
C TRP A 835 -5.97 -21.70 -5.63
N PRO A 836 -6.95 -20.93 -5.14
CA PRO A 836 -8.26 -21.54 -4.86
C PRO A 836 -8.91 -22.17 -6.09
N LEU A 837 -8.79 -21.55 -7.26
CA LEU A 837 -9.39 -22.10 -8.46
C LEU A 837 -8.73 -23.44 -8.83
N MET A 838 -7.41 -23.49 -8.79
CA MET A 838 -6.72 -24.74 -9.09
C MET A 838 -7.07 -25.82 -8.08
N ILE A 839 -7.14 -25.45 -6.81
CA ILE A 839 -7.49 -26.41 -5.76
C ILE A 839 -8.88 -26.98 -6.00
N MET A 840 -9.84 -26.11 -6.31
CA MET A 840 -11.20 -26.57 -6.57
C MET A 840 -11.25 -27.43 -7.81
N THR A 841 -10.50 -27.06 -8.86
CA THR A 841 -10.48 -27.86 -10.08
C THR A 841 -9.97 -29.27 -9.79
N VAL A 842 -8.85 -29.38 -9.08
CA VAL A 842 -8.28 -30.69 -8.78
C VAL A 842 -9.22 -31.50 -7.90
N ILE A 843 -9.81 -30.86 -6.88
CA ILE A 843 -10.69 -31.58 -5.96
C ILE A 843 -11.92 -32.10 -6.69
N VAL A 844 -12.51 -31.27 -7.55
CA VAL A 844 -13.71 -31.68 -8.26
C VAL A 844 -13.38 -32.76 -9.28
N MET A 845 -12.21 -32.67 -9.92
CA MET A 845 -11.78 -33.73 -10.83
C MET A 845 -11.63 -35.05 -10.09
N ILE A 846 -11.03 -35.00 -8.89
CA ILE A 846 -10.85 -36.21 -8.09
C ILE A 846 -12.21 -36.79 -7.69
N VAL A 847 -13.14 -35.92 -7.29
CA VAL A 847 -14.47 -36.39 -6.89
C VAL A 847 -15.19 -37.03 -8.08
N GLY A 848 -15.09 -36.42 -9.26
CA GLY A 848 -15.72 -36.99 -10.44
C GLY A 848 -15.11 -38.32 -10.82
N ILE A 849 -13.79 -38.45 -10.69
CA ILE A 849 -13.12 -39.72 -10.99
C ILE A 849 -13.58 -40.79 -10.00
N ALA A 850 -13.65 -40.45 -8.71
CA ALA A 850 -13.95 -41.43 -7.68
C ALA A 850 -15.43 -41.75 -7.55
N LEU A 851 -16.31 -40.95 -8.16
CA LEU A 851 -17.74 -41.22 -8.06
C LEU A 851 -18.14 -42.57 -8.63
N PRO A 852 -17.72 -42.97 -9.84
CA PRO A 852 -18.05 -44.33 -10.32
C PRO A 852 -17.50 -45.44 -9.43
N PHE A 853 -16.36 -45.24 -8.78
CA PHE A 853 -15.79 -46.25 -7.91
C PHE A 853 -16.31 -46.19 -6.48
N SER A 854 -17.05 -45.14 -6.13
CA SER A 854 -17.59 -45.01 -4.79
C SER A 854 -18.78 -45.92 -4.59
N PRO A 855 -19.07 -46.30 -3.34
CA PRO A 855 -20.27 -47.13 -3.08
C PRO A 855 -21.56 -46.45 -3.48
N LEU A 856 -21.60 -45.12 -3.53
CA LEU A 856 -22.80 -44.41 -3.94
C LEU A 856 -23.12 -44.63 -5.42
N ALA A 857 -22.15 -45.09 -6.22
CA ALA A 857 -22.36 -45.23 -7.65
C ALA A 857 -23.50 -46.19 -7.95
N SER A 858 -23.67 -47.23 -7.12
CA SER A 858 -24.78 -48.15 -7.30
C SER A 858 -26.11 -47.43 -7.13
N TYR A 859 -26.21 -46.54 -6.14
CA TYR A 859 -27.44 -45.79 -5.94
C TYR A 859 -27.65 -44.76 -7.05
N LEU A 860 -26.56 -44.19 -7.57
CA LEU A 860 -26.63 -43.22 -8.65
C LEU A 860 -26.65 -43.86 -10.04
N GLN A 861 -26.83 -45.18 -10.10
CA GLN A 861 -26.87 -45.92 -11.37
C GLN A 861 -25.57 -45.72 -12.16
N LEU A 862 -24.45 -45.77 -11.46
CA LEU A 862 -23.13 -45.62 -12.07
C LEU A 862 -22.35 -46.92 -11.91
N GLN A 863 -21.70 -47.35 -12.98
CA GLN A 863 -20.94 -48.59 -13.00
C GLN A 863 -19.44 -48.30 -12.98
N ALA A 864 -18.68 -49.16 -12.33
CA ALA A 864 -17.24 -48.99 -12.23
C ALA A 864 -16.59 -49.03 -13.61
N LEU A 865 -15.52 -48.26 -13.78
CA LEU A 865 -14.83 -48.10 -15.04
C LEU A 865 -13.59 -48.98 -15.08
N PRO A 866 -13.33 -49.67 -16.19
CA PRO A 866 -12.11 -50.48 -16.29
C PRO A 866 -10.87 -49.60 -16.36
N LEU A 867 -9.74 -50.18 -15.95
CA LEU A 867 -8.49 -49.44 -15.92
C LEU A 867 -7.99 -49.04 -17.30
N SER A 868 -8.42 -49.74 -18.36
CA SER A 868 -8.03 -49.40 -19.71
C SER A 868 -8.67 -48.10 -20.20
N TYR A 869 -9.71 -47.62 -19.51
CA TYR A 869 -10.40 -46.41 -19.95
C TYR A 869 -9.64 -45.16 -19.54
N PHE A 870 -8.79 -45.26 -18.51
CA PHE A 870 -8.05 -44.11 -18.04
C PHE A 870 -7.08 -43.53 -19.07
N PRO A 871 -6.24 -44.33 -19.75
CA PRO A 871 -5.40 -43.72 -20.80
C PRO A 871 -6.19 -43.06 -21.91
N TRP A 872 -7.32 -43.66 -22.30
CA TRP A 872 -8.15 -43.05 -23.33
C TRP A 872 -8.72 -41.72 -22.87
N LEU A 873 -9.17 -41.67 -21.61
CA LEU A 873 -9.70 -40.42 -21.06
C LEU A 873 -8.62 -39.35 -21.01
N VAL A 874 -7.41 -39.74 -20.59
CA VAL A 874 -6.31 -38.78 -20.51
C VAL A 874 -5.97 -38.25 -21.90
N ALA A 875 -5.93 -39.14 -22.89
CA ALA A 875 -5.66 -38.71 -24.26
C ALA A 875 -6.75 -37.77 -24.78
N ILE A 876 -8.02 -38.07 -24.47
CA ILE A 876 -9.12 -37.22 -24.90
C ILE A 876 -8.99 -35.84 -24.28
N LEU A 877 -8.70 -35.78 -22.99
CA LEU A 877 -8.55 -34.49 -22.31
C LEU A 877 -7.39 -33.70 -22.88
N ALA A 878 -6.24 -34.35 -23.11
CA ALA A 878 -5.09 -33.66 -23.67
C ALA A 878 -5.38 -33.14 -25.07
N GLY A 879 -6.04 -33.95 -25.89
CA GLY A 879 -6.40 -33.49 -27.23
C GLY A 879 -7.36 -32.33 -27.20
N TYR A 880 -8.34 -32.37 -26.29
CA TYR A 880 -9.29 -31.27 -26.17
C TYR A 880 -8.58 -29.98 -25.78
N MET A 881 -7.69 -30.06 -24.79
CA MET A 881 -6.96 -28.87 -24.35
C MET A 881 -6.08 -28.33 -25.47
N THR A 882 -5.36 -29.20 -26.17
CA THR A 882 -4.48 -28.75 -27.25
C THR A 882 -5.28 -28.12 -28.39
N LEU A 883 -6.39 -28.75 -28.76
CA LEU A 883 -7.19 -28.22 -29.87
C LEU A 883 -7.78 -26.86 -29.51
N THR A 884 -8.30 -26.70 -28.28
CA THR A 884 -8.87 -25.41 -27.91
C THR A 884 -7.77 -24.35 -27.82
N GLN A 885 -6.57 -24.73 -27.36
CA GLN A 885 -5.48 -23.77 -27.31
C GLN A 885 -5.07 -23.31 -28.71
N LEU A 886 -5.01 -24.23 -29.67
CA LEU A 886 -4.65 -23.85 -31.02
C LEU A 886 -5.78 -23.10 -31.73
N VAL A 887 -7.02 -23.32 -31.30
CA VAL A 887 -8.17 -22.68 -31.94
C VAL A 887 -8.44 -21.27 -31.39
N LYS A 888 -8.04 -21.00 -30.15
CA LYS A 888 -8.30 -19.69 -29.54
C LYS A 888 -7.74 -18.55 -30.39
N GLY A 889 -6.68 -18.81 -31.15
CA GLY A 889 -6.09 -17.77 -31.97
C GLY A 889 -7.04 -17.24 -33.03
N PHE A 890 -7.81 -18.12 -33.65
CA PHE A 890 -8.76 -17.68 -34.67
C PHE A 890 -9.85 -16.79 -34.07
N TYR A 891 -10.34 -17.16 -32.89
CA TYR A 891 -11.31 -16.32 -32.20
C TYR A 891 -10.70 -14.97 -31.85
N SER A 892 -9.44 -14.96 -31.44
CA SER A 892 -8.76 -13.70 -31.12
C SER A 892 -8.65 -12.81 -32.35
N ARG A 893 -8.28 -13.39 -33.49
CA ARG A 893 -8.13 -12.60 -34.72
C ARG A 893 -9.47 -12.07 -35.21
N ARG A 894 -10.48 -12.95 -35.33
CA ARG A 894 -11.71 -12.55 -36.00
C ARG A 894 -12.54 -11.60 -35.15
N TYR A 895 -12.70 -11.91 -33.86
CA TYR A 895 -13.56 -11.12 -32.98
C TYR A 895 -12.79 -10.40 -31.88
N GLY A 896 -11.80 -11.06 -31.28
CA GLY A 896 -11.06 -10.48 -30.20
C GLY A 896 -11.56 -10.93 -28.84
N TRP A 897 -10.67 -10.88 -27.86
CA TRP A 897 -11.01 -11.32 -26.51
C TRP A 897 -11.81 -10.25 -25.77
N GLN A 898 -11.24 -9.06 -25.62
CA GLN A 898 -11.91 -7.98 -24.92
C GLN A 898 -12.59 -7.02 -25.90
N MET B 1 34.79 -25.06 33.27
CA MET B 1 34.18 -24.58 32.04
C MET B 1 35.16 -24.62 30.87
N PHE B 2 35.96 -23.56 30.75
CA PHE B 2 36.94 -23.43 29.68
C PHE B 2 36.30 -23.63 28.32
N LYS B 3 36.39 -24.83 27.77
CA LYS B 3 35.77 -25.18 26.49
C LYS B 3 36.26 -24.28 25.36
N GLU B 4 37.58 -24.12 25.25
CA GLU B 4 38.15 -23.40 24.13
C GLU B 4 37.89 -24.11 22.80
N ILE B 5 37.88 -25.45 22.80
CA ILE B 5 37.61 -26.22 21.59
C ILE B 5 36.21 -25.97 21.05
N PHE B 6 35.36 -25.26 21.79
CA PHE B 6 34.08 -24.83 21.25
C PHE B 6 34.27 -23.95 20.01
N THR B 7 35.41 -23.26 19.92
CA THR B 7 35.71 -22.50 18.70
C THR B 7 35.70 -23.42 17.48
N ARG B 8 36.20 -24.65 17.65
CA ARG B 8 36.08 -25.65 16.59
C ARG B 8 34.62 -26.03 16.35
N LEU B 9 33.86 -26.20 17.44
CA LEU B 9 32.48 -26.65 17.37
C LEU B 9 31.58 -25.62 16.68
N ILE B 10 31.62 -24.37 17.13
CA ILE B 10 30.76 -23.33 16.59
C ILE B 10 31.19 -22.97 15.17
N ARG B 11 30.25 -23.07 14.24
CA ARG B 11 30.49 -22.55 12.90
C ARG B 11 29.87 -21.17 12.76
N HIS B 12 30.68 -20.22 12.28
CA HIS B 12 30.26 -18.84 12.15
C HIS B 12 29.66 -18.61 10.77
N LEU B 13 28.62 -17.79 10.71
CA LEU B 13 27.97 -17.42 9.45
C LEU B 13 28.96 -16.66 8.58
N PRO B 14 28.81 -16.69 7.26
CA PRO B 14 29.72 -15.92 6.40
C PRO B 14 29.70 -14.44 6.75
N SER B 15 30.87 -13.81 6.66
CA SER B 15 31.06 -12.44 7.12
C SER B 15 30.42 -11.40 6.20
N ARG B 16 29.63 -11.82 5.22
CA ARG B 16 28.95 -10.87 4.32
C ARG B 16 27.49 -10.70 4.68
N LEU B 17 26.83 -11.76 5.15
CA LEU B 17 25.46 -11.62 5.63
C LEU B 17 25.40 -10.82 6.92
N VAL B 18 26.30 -11.10 7.86
CA VAL B 18 26.41 -10.36 9.10
C VAL B 18 27.68 -9.50 9.02
N HIS B 19 27.71 -8.48 9.88
CA HIS B 19 28.81 -7.51 9.94
C HIS B 19 28.85 -6.64 8.68
N ARG B 20 29.32 -5.41 8.82
CA ARG B 20 29.28 -4.44 7.73
C ARG B 20 30.45 -4.65 6.78
N ASP B 21 30.52 -3.78 5.78
CA ASP B 21 31.56 -3.75 4.75
C ASP B 21 32.70 -2.85 5.18
N PRO B 22 33.88 -2.99 4.55
CA PRO B 22 35.03 -2.19 4.97
C PRO B 22 34.81 -0.68 4.96
N LEU B 23 34.07 -0.15 3.96
CA LEU B 23 33.83 1.29 3.85
C LEU B 23 35.13 2.09 3.86
N PRO B 24 35.81 2.24 2.73
CA PRO B 24 37.17 2.79 2.74
C PRO B 24 37.23 4.24 3.21
N GLY B 25 36.78 4.47 4.45
CA GLY B 25 37.00 5.73 5.14
C GLY B 25 37.10 5.49 6.64
N ALA B 26 38.32 5.26 7.12
CA ALA B 26 38.56 4.87 8.51
C ALA B 26 40.05 4.69 8.76
N GLN B 27 40.44 4.61 10.03
CA GLN B 27 41.81 4.27 10.41
C GLN B 27 42.83 5.18 9.74
N GLN B 28 42.79 6.48 10.04
CA GLN B 28 43.69 7.45 9.43
C GLN B 28 45.15 7.22 9.80
N THR B 29 45.44 6.28 10.70
CA THR B 29 46.83 5.95 11.01
C THR B 29 47.49 5.28 9.81
N VAL B 30 48.80 5.17 9.86
CA VAL B 30 49.57 4.64 8.74
C VAL B 30 49.61 3.12 8.82
N ASN B 31 48.65 2.46 8.17
CA ASN B 31 48.67 1.01 8.08
C ASN B 31 49.79 0.57 7.16
N THR B 32 50.66 -0.32 7.66
CA THR B 32 51.87 -0.75 6.96
C THR B 32 52.78 0.42 6.60
N VAL B 33 52.59 1.56 7.27
CA VAL B 33 53.35 2.78 7.07
C VAL B 33 53.57 3.08 5.60
N VAL B 34 52.49 3.10 4.82
CA VAL B 34 52.55 3.38 3.38
C VAL B 34 53.57 2.46 2.73
N PRO B 35 53.28 1.17 2.59
CA PRO B 35 54.31 0.19 2.23
C PRO B 35 55.06 0.59 0.97
N PRO B 36 56.39 0.40 0.96
CA PRO B 36 57.21 0.94 -0.14
C PRO B 36 56.80 0.48 -1.53
N SER B 37 56.38 -0.78 -1.68
CA SER B 37 56.00 -1.27 -2.99
C SER B 37 54.80 -0.50 -3.54
N LEU B 38 53.74 -0.38 -2.74
CA LEU B 38 52.54 0.33 -3.18
C LEU B 38 52.83 1.81 -3.44
N SER B 39 53.57 2.45 -2.54
CA SER B 39 53.87 3.87 -2.70
C SER B 39 54.70 4.11 -3.96
N ALA B 40 55.72 3.28 -4.18
CA ALA B 40 56.55 3.44 -5.36
C ALA B 40 55.75 3.19 -6.63
N HIS B 41 54.89 2.17 -6.62
CA HIS B 41 54.07 1.89 -7.80
C HIS B 41 53.14 3.05 -8.12
N CYS B 42 52.49 3.61 -7.08
CA CYS B 42 51.60 4.74 -7.30
C CYS B 42 52.37 5.95 -7.81
N LEU B 43 53.55 6.22 -7.24
CA LEU B 43 54.34 7.37 -7.66
C LEU B 43 54.79 7.23 -9.10
N LYS B 44 55.20 6.03 -9.50
CA LYS B 44 55.63 5.79 -10.87
C LYS B 44 54.44 5.88 -11.83
N MET B 45 53.27 5.41 -11.39
CA MET B 45 52.10 5.41 -12.26
C MET B 45 51.52 6.81 -12.41
N ALA B 46 51.75 7.69 -11.45
CA ALA B 46 51.19 9.04 -11.50
C ALA B 46 51.72 9.80 -12.71
N VAL B 47 53.05 9.97 -12.80
CA VAL B 47 53.67 10.72 -13.89
C VAL B 47 53.92 9.88 -15.12
N MET B 48 53.35 8.69 -15.20
CA MET B 48 53.53 7.81 -16.35
C MET B 48 53.07 8.51 -17.63
N PRO B 49 53.88 8.52 -18.68
CA PRO B 49 53.42 9.08 -19.96
C PRO B 49 52.20 8.34 -20.49
N GLU B 50 51.30 9.10 -21.14
CA GLU B 50 50.03 8.54 -21.58
C GLU B 50 50.22 7.50 -22.67
N GLU B 51 51.28 7.62 -23.47
CA GLU B 51 51.48 6.71 -24.59
C GLU B 51 51.71 5.29 -24.12
N GLU B 52 52.65 5.09 -23.21
CA GLU B 52 52.95 3.74 -22.74
C GLU B 52 51.93 3.23 -21.71
N LEU B 53 51.03 4.09 -21.26
CA LEU B 53 49.95 3.63 -20.38
C LEU B 53 49.06 2.61 -21.07
N TRP B 54 48.83 2.77 -22.37
CA TRP B 54 48.03 1.82 -23.12
C TRP B 54 48.69 0.45 -23.13
N LYS B 55 50.01 0.42 -23.34
CA LYS B 55 50.72 -0.86 -23.38
C LYS B 55 50.85 -1.48 -21.99
N THR B 56 50.96 -0.63 -20.95
CA THR B 56 51.17 -1.16 -19.61
C THR B 56 50.00 -2.03 -19.15
N PHE B 57 48.77 -1.59 -19.40
CA PHE B 57 47.59 -2.32 -18.97
C PHE B 57 46.87 -3.01 -20.12
N ASP B 58 47.48 -3.06 -21.31
CA ASP B 58 46.89 -3.73 -22.48
C ASP B 58 45.52 -3.14 -22.79
N THR B 59 45.45 -1.82 -22.89
CA THR B 59 44.21 -1.10 -23.10
C THR B 59 44.29 -0.28 -24.39
N HIS B 60 43.17 -0.21 -25.10
CA HIS B 60 43.05 0.58 -26.30
C HIS B 60 42.16 1.80 -26.05
N PRO B 61 42.34 2.88 -26.81
CA PRO B 61 41.48 4.06 -26.60
C PRO B 61 40.01 3.77 -26.76
N GLU B 62 39.63 2.88 -27.68
CA GLU B 62 38.22 2.58 -27.89
C GLU B 62 37.63 1.76 -26.75
N GLY B 63 38.47 1.13 -25.92
CA GLY B 63 38.01 0.35 -24.79
C GLY B 63 38.47 -1.09 -24.88
N LEU B 64 37.72 -1.97 -24.22
CA LEU B 64 38.06 -3.39 -24.17
C LEU B 64 36.87 -4.21 -24.65
N ASN B 65 37.16 -5.28 -25.39
CA ASN B 65 36.12 -6.20 -25.82
C ASN B 65 36.00 -7.35 -24.81
N GLN B 66 35.16 -8.32 -25.13
CA GLN B 66 34.84 -9.40 -24.20
C GLN B 66 36.08 -10.21 -23.82
N ALA B 67 36.66 -10.90 -24.81
CA ALA B 67 37.76 -11.82 -24.51
C ALA B 67 38.83 -11.13 -23.68
N GLU B 68 39.12 -9.87 -23.99
CA GLU B 68 40.09 -9.11 -23.21
C GLU B 68 39.61 -8.89 -21.78
N VAL B 69 38.31 -8.60 -21.59
CA VAL B 69 37.87 -8.27 -20.23
C VAL B 69 37.85 -9.51 -19.34
N GLU B 70 37.39 -10.66 -19.87
CA GLU B 70 37.52 -11.89 -19.08
C GLU B 70 38.97 -12.29 -18.88
N SER B 71 39.85 -12.07 -19.87
CA SER B 71 41.26 -12.38 -19.67
C SER B 71 41.83 -11.53 -18.54
N ALA B 72 41.52 -10.24 -18.52
CA ALA B 72 42.01 -9.36 -17.47
C ALA B 72 41.42 -9.73 -16.11
N ARG B 73 40.14 -10.10 -16.08
CA ARG B 73 39.53 -10.51 -14.82
C ARG B 73 40.19 -11.78 -14.28
N GLU B 74 40.49 -12.73 -15.16
CA GLU B 74 41.18 -13.94 -14.72
C GLU B 74 42.59 -13.62 -14.23
N GLN B 75 43.28 -12.72 -14.91
CA GLN B 75 44.67 -12.42 -14.52
C GLN B 75 44.74 -11.65 -13.21
N HIS B 76 43.88 -10.64 -13.04
CA HIS B 76 43.98 -9.73 -11.91
C HIS B 76 42.88 -9.93 -10.88
N GLY B 77 42.09 -11.00 -10.98
CA GLY B 77 41.03 -11.24 -10.03
C GLY B 77 39.81 -10.37 -10.28
N GLU B 78 38.96 -10.30 -9.26
CA GLU B 78 37.71 -9.57 -9.32
C GLU B 78 37.77 -8.35 -8.41
N ASN B 79 36.98 -7.33 -8.74
CA ASN B 79 36.99 -6.06 -8.00
C ASN B 79 36.15 -6.21 -6.72
N LYS B 80 36.65 -7.06 -5.83
CA LYS B 80 35.99 -7.31 -4.55
C LYS B 80 37.07 -7.59 -3.50
N LEU B 81 36.68 -7.44 -2.25
CA LEU B 81 37.53 -7.76 -1.11
C LEU B 81 37.56 -9.26 -0.89
N PRO B 82 38.59 -9.80 -0.23
CA PRO B 82 38.65 -11.25 -0.01
C PRO B 82 37.50 -11.79 0.81
N ALA B 83 36.82 -10.96 1.59
CA ALA B 83 35.69 -11.38 2.40
C ALA B 83 34.36 -11.30 1.66
N GLN B 84 34.35 -10.94 0.38
CA GLN B 84 33.13 -10.75 -0.37
C GLN B 84 32.85 -11.86 -1.39
N GLN B 85 33.78 -12.80 -1.57
CA GLN B 85 33.58 -13.88 -2.53
C GLN B 85 32.85 -15.04 -1.85
N PRO B 86 31.64 -15.38 -2.28
CA PRO B 86 30.96 -16.54 -1.71
C PRO B 86 31.67 -17.84 -2.05
N SER B 87 31.60 -18.79 -1.12
CA SER B 87 32.20 -20.09 -1.33
C SER B 87 31.37 -20.93 -2.31
N PRO B 88 32.00 -21.88 -2.99
CA PRO B 88 31.23 -22.76 -3.89
C PRO B 88 30.26 -23.62 -3.11
N TRP B 89 29.18 -24.03 -3.80
CA TRP B 89 28.11 -24.77 -3.15
C TRP B 89 28.58 -26.10 -2.58
N TRP B 90 29.45 -26.80 -3.31
CA TRP B 90 29.95 -28.08 -2.79
C TRP B 90 30.82 -27.87 -1.55
N VAL B 91 31.59 -26.79 -1.50
CA VAL B 91 32.36 -26.48 -0.30
C VAL B 91 31.43 -26.22 0.87
N HIS B 92 30.33 -25.48 0.63
CA HIS B 92 29.36 -25.23 1.69
C HIS B 92 28.72 -26.51 2.18
N LEU B 93 28.37 -27.41 1.26
CA LEU B 93 27.80 -28.70 1.64
C LEU B 93 28.79 -29.51 2.46
N TRP B 94 30.06 -29.52 2.05
CA TRP B 94 31.08 -30.27 2.78
C TRP B 94 31.28 -29.71 4.19
N VAL B 95 31.35 -28.38 4.32
CA VAL B 95 31.56 -27.78 5.63
C VAL B 95 30.34 -27.97 6.52
N CYS B 96 29.14 -28.04 5.91
CA CYS B 96 27.96 -28.40 6.70
C CYS B 96 28.03 -29.84 7.19
N TYR B 97 28.49 -30.75 6.33
CA TYR B 97 28.57 -32.16 6.70
C TYR B 97 29.75 -32.46 7.61
N ARG B 98 30.82 -31.67 7.54
CA ARG B 98 32.04 -31.95 8.28
C ARG B 98 31.95 -31.58 9.76
N ASN B 99 30.77 -31.22 10.25
CA ASN B 99 30.64 -30.83 11.64
C ASN B 99 30.90 -32.03 12.55
N PRO B 100 31.39 -31.79 13.77
CA PRO B 100 31.74 -32.91 14.66
C PRO B 100 30.56 -33.81 15.01
N PHE B 101 29.35 -33.25 15.12
CA PHE B 101 28.22 -34.03 15.60
C PHE B 101 27.83 -35.13 14.61
N ASN B 102 27.69 -34.77 13.33
CA ASN B 102 27.30 -35.76 12.34
C ASN B 102 28.38 -36.82 12.14
N ILE B 103 29.64 -36.40 12.11
CA ILE B 103 30.74 -37.35 11.95
C ILE B 103 30.78 -38.31 13.13
N LEU B 104 30.63 -37.78 14.34
CA LEU B 104 30.62 -38.64 15.53
C LEU B 104 29.42 -39.57 15.53
N LEU B 105 28.27 -39.08 15.07
CA LEU B 105 27.08 -39.95 14.97
C LEU B 105 27.34 -41.11 14.01
N THR B 106 27.92 -40.81 12.85
CA THR B 106 28.19 -41.86 11.88
C THR B 106 29.22 -42.86 12.41
N ILE B 107 30.26 -42.35 13.06
CA ILE B 107 31.30 -43.24 13.60
C ILE B 107 30.72 -44.14 14.69
N LEU B 108 29.91 -43.56 15.59
CA LEU B 108 29.29 -44.34 16.64
C LEU B 108 28.30 -45.35 16.07
N GLY B 109 27.57 -44.99 15.01
CA GLY B 109 26.70 -45.95 14.37
C GLY B 109 27.45 -47.12 13.79
N ALA B 110 28.56 -46.85 13.09
CA ALA B 110 29.37 -47.92 12.54
C ALA B 110 29.93 -48.81 13.64
N ILE B 111 30.42 -48.21 14.73
CA ILE B 111 30.99 -48.98 15.82
C ILE B 111 29.91 -49.84 16.49
N SER B 112 28.73 -49.27 16.75
CA SER B 112 27.71 -49.97 17.50
C SER B 112 27.06 -51.08 16.68
N TYR B 113 26.86 -50.85 15.38
CA TYR B 113 26.18 -51.81 14.54
C TYR B 113 27.12 -52.48 13.53
N ALA B 114 28.42 -52.51 13.83
CA ALA B 114 29.36 -53.27 13.02
C ALA B 114 29.35 -54.75 13.34
N THR B 115 28.63 -55.16 14.37
CA THR B 115 28.52 -56.57 14.73
C THR B 115 27.53 -57.28 13.82
N GLU B 116 27.80 -57.28 12.51
CA GLU B 116 26.97 -57.89 11.48
C GLU B 116 25.57 -57.27 11.39
N ASP B 117 25.33 -56.17 12.11
CA ASP B 117 24.03 -55.50 12.10
C ASP B 117 24.05 -54.32 11.13
N LEU B 118 24.23 -54.62 9.86
CA LEU B 118 24.24 -53.59 8.82
C LEU B 118 22.80 -53.11 8.59
N PHE B 119 22.66 -52.06 7.77
CA PHE B 119 21.38 -51.47 7.42
C PHE B 119 20.80 -50.74 8.63
N ALA B 120 21.47 -50.83 9.78
CA ALA B 120 21.13 -50.00 10.92
C ALA B 120 21.96 -48.72 10.92
N ALA B 121 23.28 -48.87 10.98
CA ALA B 121 24.17 -47.72 10.84
C ALA B 121 23.98 -47.07 9.48
N GLY B 122 23.64 -47.86 8.46
CA GLY B 122 23.37 -47.29 7.16
C GLY B 122 22.19 -46.33 7.17
N VAL B 123 21.09 -46.74 7.82
CA VAL B 123 19.92 -45.87 7.92
C VAL B 123 20.22 -44.67 8.81
N ILE B 124 21.03 -44.86 9.85
CA ILE B 124 21.41 -43.73 10.70
C ILE B 124 22.18 -42.70 9.88
N ALA B 125 23.15 -43.16 9.10
CA ALA B 125 23.91 -42.25 8.24
C ALA B 125 23.02 -41.62 7.18
N LEU B 126 22.03 -42.37 6.68
CA LEU B 126 21.10 -41.82 5.72
C LEU B 126 20.29 -40.67 6.33
N MET B 127 19.83 -40.85 7.57
CA MET B 127 19.10 -39.79 8.25
C MET B 127 20.00 -38.58 8.51
N VAL B 128 21.25 -38.84 8.89
CA VAL B 128 22.24 -37.79 9.10
C VAL B 128 22.41 -36.99 7.83
N ALA B 129 22.56 -37.70 6.70
CA ALA B 129 22.72 -37.04 5.41
C ALA B 129 21.47 -36.26 5.02
N ILE B 130 20.29 -36.80 5.30
CA ILE B 130 19.06 -36.09 4.96
C ILE B 130 18.97 -34.78 5.74
N SER B 131 19.30 -34.82 7.04
CA SER B 131 19.31 -33.59 7.82
C SER B 131 20.36 -32.62 7.29
N THR B 132 21.54 -33.13 6.92
CA THR B 132 22.59 -32.26 6.41
C THR B 132 22.17 -31.58 5.11
N LEU B 133 21.57 -32.33 4.18
CA LEU B 133 21.09 -31.72 2.94
C LEU B 133 19.94 -30.77 3.18
N LEU B 134 19.06 -31.05 4.14
CA LEU B 134 18.00 -30.10 4.48
C LEU B 134 18.60 -28.77 4.94
N ASN B 135 19.54 -28.83 5.88
CA ASN B 135 20.17 -27.62 6.39
C ASN B 135 20.91 -26.89 5.27
N PHE B 136 21.63 -27.65 4.43
CA PHE B 136 22.39 -27.03 3.35
C PHE B 136 21.49 -26.36 2.33
N ILE B 137 20.36 -27.00 1.99
CA ILE B 137 19.43 -26.41 1.04
C ILE B 137 18.86 -25.11 1.60
N GLN B 138 18.44 -25.14 2.87
CA GLN B 138 17.93 -23.92 3.49
C GLN B 138 18.96 -22.80 3.45
N GLU B 139 20.18 -23.08 3.91
CA GLU B 139 21.22 -22.06 3.96
C GLU B 139 21.58 -21.56 2.57
N ALA B 140 21.70 -22.45 1.59
CA ALA B 140 22.10 -22.06 0.25
C ALA B 140 21.03 -21.17 -0.39
N ARG B 141 19.76 -21.58 -0.28
CA ARG B 141 18.69 -20.76 -0.86
C ARG B 141 18.64 -19.38 -0.21
N SER B 142 18.72 -19.34 1.12
CA SER B 142 18.63 -18.05 1.80
C SER B 142 19.82 -17.16 1.50
N THR B 143 21.03 -17.73 1.46
CA THR B 143 22.22 -16.94 1.12
C THR B 143 22.16 -16.45 -0.31
N LYS B 144 21.68 -17.27 -1.24
CA LYS B 144 21.53 -16.81 -2.61
C LYS B 144 20.55 -15.64 -2.70
N ALA B 145 19.42 -15.74 -1.98
CA ALA B 145 18.47 -14.64 -1.96
C ALA B 145 19.09 -13.37 -1.38
N ALA B 146 19.83 -13.51 -0.27
CA ALA B 146 20.44 -12.35 0.37
C ALA B 146 21.49 -11.72 -0.53
N ASP B 147 22.30 -12.52 -1.21
CA ASP B 147 23.31 -11.99 -2.11
C ASP B 147 22.66 -11.29 -3.30
N ALA B 148 21.57 -11.86 -3.83
CA ALA B 148 20.85 -11.18 -4.90
C ALA B 148 20.30 -9.84 -4.43
N LEU B 149 19.76 -9.80 -3.20
CA LEU B 149 19.23 -8.54 -2.67
C LEU B 149 20.34 -7.51 -2.51
N LYS B 150 21.51 -7.94 -2.01
CA LYS B 150 22.63 -7.03 -1.86
C LYS B 150 23.17 -6.55 -3.21
N ALA B 151 23.08 -7.38 -4.25
CA ALA B 151 23.52 -6.98 -5.58
C ALA B 151 22.46 -6.15 -6.32
N MET B 152 21.22 -6.13 -5.83
CA MET B 152 20.20 -5.29 -6.46
C MET B 152 20.57 -3.81 -6.35
N VAL B 153 21.02 -3.38 -5.17
CA VAL B 153 21.44 -2.00 -4.98
C VAL B 153 22.95 -1.95 -4.74
N SER B 154 23.71 -1.80 -5.81
CA SER B 154 25.16 -1.74 -5.76
C SER B 154 25.65 -0.56 -6.59
N ASN B 155 26.74 0.04 -6.14
CA ASN B 155 27.31 1.17 -6.86
C ASN B 155 27.73 0.75 -8.26
N THR B 156 27.34 1.54 -9.25
CA THR B 156 27.63 1.26 -10.65
C THR B 156 28.57 2.29 -11.22
N ALA B 157 29.23 1.92 -12.32
CA ALA B 157 30.15 2.78 -13.02
C ALA B 157 29.86 2.71 -14.51
N THR B 158 30.18 3.81 -15.21
CA THR B 158 29.95 3.91 -16.64
C THR B 158 31.25 3.58 -17.37
N VAL B 159 31.20 2.55 -18.22
CA VAL B 159 32.39 2.03 -18.89
C VAL B 159 32.19 2.07 -20.39
N LEU B 160 33.29 2.17 -21.12
CA LEU B 160 33.26 2.13 -22.58
C LEU B 160 32.77 0.79 -23.09
N ARG B 161 33.53 -0.27 -22.83
CA ARG B 161 33.24 -1.62 -23.26
C ARG B 161 32.98 -1.71 -24.77
N VAL B 162 32.43 -2.83 -25.22
CA VAL B 162 32.11 -3.06 -26.62
C VAL B 162 30.70 -3.63 -26.70
N ILE B 163 29.89 -3.08 -27.60
CA ILE B 163 28.51 -3.49 -27.79
C ILE B 163 28.39 -4.25 -29.11
N ASN B 164 27.78 -5.44 -29.06
CA ASN B 164 27.48 -6.25 -30.23
C ASN B 164 28.75 -6.75 -30.92
N ASP B 165 28.57 -7.57 -31.95
CA ASP B 165 29.71 -8.12 -32.68
C ASP B 165 30.34 -7.09 -33.62
N LYS B 166 29.60 -6.04 -33.98
CA LYS B 166 30.13 -5.03 -34.90
C LYS B 166 31.27 -4.24 -34.28
N GLY B 167 31.44 -4.32 -32.96
CA GLY B 167 32.46 -3.55 -32.28
C GLY B 167 32.07 -2.16 -31.88
N GLU B 168 30.79 -1.81 -31.98
CA GLU B 168 30.34 -0.47 -31.60
C GLU B 168 30.53 -0.25 -30.10
N ASN B 169 30.90 0.99 -29.75
CA ASN B 169 31.18 1.36 -28.37
C ASN B 169 30.07 2.22 -27.82
N GLY B 170 29.67 1.91 -26.59
CA GLY B 170 28.66 2.66 -25.86
C GLY B 170 29.16 3.05 -24.49
N TRP B 171 28.22 3.19 -23.57
CA TRP B 171 28.53 3.55 -22.18
C TRP B 171 27.66 2.66 -21.27
N LEU B 172 28.20 1.51 -20.90
CA LEU B 172 27.47 0.54 -20.10
C LEU B 172 27.54 0.90 -18.62
N GLU B 173 26.41 0.76 -17.94
CA GLU B 173 26.35 0.95 -16.48
C GLU B 173 26.53 -0.42 -15.84
N ILE B 174 27.73 -0.71 -15.37
CA ILE B 174 28.04 -2.03 -14.83
C ILE B 174 28.38 -1.92 -13.35
N PRO B 175 28.09 -2.94 -12.55
CA PRO B 175 28.49 -2.89 -11.13
C PRO B 175 30.00 -2.78 -10.99
N ILE B 176 30.42 -2.12 -9.91
CA ILE B 176 31.84 -1.84 -9.70
C ILE B 176 32.67 -3.12 -9.54
N ASP B 177 32.06 -4.20 -9.06
CA ASP B 177 32.80 -5.44 -8.87
C ASP B 177 33.22 -6.07 -10.19
N GLN B 178 32.63 -5.66 -11.31
CA GLN B 178 32.98 -6.19 -12.62
C GLN B 178 34.14 -5.45 -13.27
N LEU B 179 34.69 -4.44 -12.62
CA LEU B 179 35.78 -3.66 -13.19
C LEU B 179 37.06 -4.48 -13.22
N VAL B 180 37.84 -4.30 -14.29
CA VAL B 180 39.14 -4.96 -14.44
C VAL B 180 40.20 -3.88 -14.61
N PRO B 181 41.47 -4.15 -14.31
CA PRO B 181 42.51 -3.14 -14.54
C PRO B 181 42.62 -2.79 -16.01
N GLY B 182 43.01 -1.54 -16.27
CA GLY B 182 43.07 -1.05 -17.62
C GLY B 182 41.71 -0.89 -18.27
N ASP B 183 40.74 -0.39 -17.52
CA ASP B 183 39.40 -0.16 -18.03
C ASP B 183 39.11 1.35 -17.99
N ILE B 184 38.53 1.85 -19.07
CA ILE B 184 38.26 3.27 -19.23
C ILE B 184 36.86 3.56 -18.71
N ILE B 185 36.75 4.48 -17.76
CA ILE B 185 35.49 4.90 -17.19
C ILE B 185 35.39 6.42 -17.26
N LYS B 186 34.18 6.92 -17.07
CA LYS B 186 33.94 8.35 -17.00
C LYS B 186 33.33 8.71 -15.65
N LEU B 187 33.70 9.87 -15.14
CA LEU B 187 33.32 10.33 -13.80
C LEU B 187 32.56 11.63 -13.91
N ALA B 188 31.44 11.70 -13.20
CA ALA B 188 30.61 12.90 -13.13
C ALA B 188 30.42 13.28 -11.67
N ALA B 189 29.61 14.31 -11.43
CA ALA B 189 29.38 14.79 -10.07
C ALA B 189 28.61 13.75 -9.26
N GLY B 190 29.07 13.50 -8.05
CA GLY B 190 28.40 12.61 -7.14
C GLY B 190 28.78 11.15 -7.25
N ASP B 191 29.59 10.78 -8.25
CA ASP B 191 30.01 9.39 -8.43
C ASP B 191 31.30 9.15 -7.66
N MET B 192 31.28 8.14 -6.78
CA MET B 192 32.47 7.80 -6.02
C MET B 192 33.50 7.12 -6.91
N ILE B 193 34.76 7.17 -6.49
CA ILE B 193 35.85 6.52 -7.21
C ILE B 193 35.79 5.03 -6.92
N PRO B 194 35.63 4.19 -7.94
CA PRO B 194 35.43 2.75 -7.69
C PRO B 194 36.74 2.00 -7.46
N ALA B 195 37.83 2.52 -8.01
CA ALA B 195 39.14 1.88 -7.88
C ALA B 195 40.20 2.90 -8.23
N ASP B 196 41.47 2.50 -8.08
CA ASP B 196 42.57 3.38 -8.42
C ASP B 196 42.50 3.78 -9.89
N LEU B 197 42.60 5.08 -10.15
CA LEU B 197 42.37 5.62 -11.48
C LEU B 197 43.53 6.51 -11.91
N ARG B 198 43.83 6.47 -13.21
CA ARG B 198 44.74 7.41 -13.85
C ARG B 198 43.93 8.32 -14.74
N ILE B 199 43.97 9.62 -14.46
CA ILE B 199 43.09 10.56 -15.15
C ILE B 199 43.60 10.78 -16.56
N LEU B 200 42.80 10.38 -17.54
CA LEU B 200 43.14 10.64 -18.94
C LEU B 200 42.78 12.07 -19.34
N GLN B 201 41.58 12.52 -18.95
CA GLN B 201 41.19 13.91 -19.18
C GLN B 201 40.28 14.35 -18.05
N ALA B 202 40.29 15.66 -17.78
CA ALA B 202 39.52 16.20 -16.67
C ALA B 202 39.10 17.62 -16.99
N ARG B 203 37.82 17.92 -16.75
CA ARG B 203 37.25 19.25 -16.90
C ARG B 203 36.77 19.69 -15.52
N ASP B 204 37.57 20.55 -14.87
CA ASP B 204 37.26 21.14 -13.58
C ASP B 204 36.91 20.07 -12.54
N LEU B 205 37.70 19.00 -12.52
CA LEU B 205 37.43 17.87 -11.64
C LEU B 205 37.90 18.19 -10.23
N PHE B 206 36.95 18.35 -9.31
CA PHE B 206 37.22 18.52 -7.89
C PHE B 206 36.65 17.31 -7.16
N VAL B 207 37.49 16.65 -6.37
CA VAL B 207 37.13 15.43 -5.66
C VAL B 207 37.33 15.63 -4.17
N ALA B 208 36.57 14.89 -3.36
CA ALA B 208 36.64 14.96 -1.91
C ALA B 208 37.48 13.80 -1.40
N GLN B 209 38.68 14.11 -0.91
CA GLN B 209 39.57 13.10 -0.35
C GLN B 209 39.67 13.18 1.18
N ALA B 210 38.64 13.72 1.83
CA ALA B 210 38.65 13.82 3.28
C ALA B 210 38.69 12.45 3.93
N SER B 211 38.24 11.41 3.22
CA SER B 211 38.27 10.07 3.77
C SER B 211 39.69 9.58 3.96
N LEU B 212 40.57 9.83 2.99
CA LEU B 212 41.92 9.28 3.04
C LEU B 212 42.91 10.27 3.65
N THR B 213 43.05 11.45 3.03
CA THR B 213 44.05 12.42 3.48
C THR B 213 43.57 13.25 4.67
N GLY B 214 42.29 13.21 4.99
CA GLY B 214 41.78 13.94 6.14
C GLY B 214 41.53 15.41 5.91
N GLU B 215 41.63 15.89 4.67
CA GLU B 215 41.41 17.29 4.34
C GLU B 215 39.99 17.46 3.78
N SER B 216 39.20 18.29 4.44
CA SER B 216 37.79 18.44 4.06
C SER B 216 37.62 19.11 2.70
N LEU B 217 38.48 20.08 2.38
CA LEU B 217 38.33 20.81 1.12
C LEU B 217 38.57 19.88 -0.07
N PRO B 218 37.75 19.97 -1.12
CA PRO B 218 38.03 19.18 -2.32
C PRO B 218 39.32 19.63 -3.00
N VAL B 219 39.95 18.69 -3.68
CA VAL B 219 41.21 18.93 -4.39
C VAL B 219 40.98 18.74 -5.88
N GLU B 220 41.83 19.39 -6.67
CA GLU B 220 41.69 19.37 -8.12
C GLU B 220 42.49 18.23 -8.71
N LYS B 221 41.87 17.47 -9.61
CA LYS B 221 42.53 16.39 -10.35
C LYS B 221 42.58 16.78 -11.81
N ALA B 222 43.78 16.76 -12.39
CA ALA B 222 43.98 17.16 -13.78
C ALA B 222 44.45 15.96 -14.61
N ALA B 223 44.33 16.11 -15.94
CA ALA B 223 44.80 15.07 -16.84
C ALA B 223 46.30 14.85 -16.72
N THR B 224 47.07 15.94 -16.64
CA THR B 224 48.50 15.88 -16.48
C THR B 224 48.90 16.56 -15.18
N THR B 225 49.95 16.06 -14.54
CA THR B 225 50.39 16.62 -13.27
C THR B 225 50.86 18.06 -13.44
N ARG B 226 50.61 18.86 -12.41
CA ARG B 226 50.99 20.27 -12.42
C ARG B 226 51.87 20.64 -11.24
N GLN B 227 52.39 19.67 -10.50
CA GLN B 227 53.18 19.91 -9.30
C GLN B 227 54.46 19.08 -9.36
N PRO B 228 55.55 19.59 -8.81
CA PRO B 228 56.78 18.78 -8.70
C PRO B 228 56.52 17.53 -7.86
N GLU B 229 57.28 16.47 -8.16
CA GLU B 229 57.04 15.17 -7.56
C GLU B 229 57.10 15.23 -6.04
N HIS B 230 56.11 14.60 -5.40
CA HIS B 230 56.00 14.57 -3.95
C HIS B 230 55.80 13.13 -3.52
N SER B 231 56.33 12.79 -2.34
CA SER B 231 56.32 11.40 -1.88
C SER B 231 54.90 10.88 -1.68
N ASN B 232 54.03 11.69 -1.07
CA ASN B 232 52.71 11.26 -0.66
C ASN B 232 51.87 10.80 -1.85
N PRO B 233 51.53 9.51 -1.93
CA PRO B 233 50.71 9.04 -3.05
C PRO B 233 49.31 9.66 -3.07
N LEU B 234 48.73 9.93 -1.91
CA LEU B 234 47.37 10.46 -1.85
C LEU B 234 47.28 11.92 -2.29
N GLU B 235 48.40 12.62 -2.42
CA GLU B 235 48.39 14.00 -2.86
C GLU B 235 48.60 14.15 -4.36
N CYS B 236 48.76 13.06 -5.09
CA CYS B 236 48.95 13.12 -6.54
C CYS B 236 47.75 13.77 -7.20
N ASP B 237 48.01 14.76 -8.06
CA ASP B 237 46.96 15.52 -8.73
C ASP B 237 46.49 14.84 -10.01
N THR B 238 46.94 13.61 -10.27
CA THR B 238 46.53 12.87 -11.46
C THR B 238 46.00 11.48 -11.18
N LEU B 239 46.09 10.98 -9.95
CA LEU B 239 45.59 9.66 -9.59
C LEU B 239 44.43 9.79 -8.61
N CYS B 240 43.35 9.06 -8.88
CA CYS B 240 42.25 8.96 -7.94
C CYS B 240 42.45 7.74 -7.04
N PHE B 241 41.61 7.60 -6.02
CA PHE B 241 41.72 6.50 -5.08
C PHE B 241 40.33 6.05 -4.66
N MET B 242 40.19 4.74 -4.44
CA MET B 242 38.90 4.18 -4.04
C MET B 242 38.48 4.71 -2.68
N GLY B 243 37.19 4.97 -2.54
CA GLY B 243 36.63 5.51 -1.32
C GLY B 243 36.35 7.00 -1.35
N THR B 244 36.83 7.71 -2.36
CA THR B 244 36.61 9.14 -2.49
C THR B 244 35.52 9.41 -3.53
N THR B 245 34.94 10.61 -3.44
CA THR B 245 33.86 11.02 -4.31
C THR B 245 34.29 12.18 -5.20
N VAL B 246 33.54 12.41 -6.26
CA VAL B 246 33.77 13.51 -7.18
C VAL B 246 32.80 14.63 -6.80
N VAL B 247 33.34 15.72 -6.24
CA VAL B 247 32.49 16.83 -5.82
C VAL B 247 31.90 17.53 -7.03
N SER B 248 32.74 17.82 -8.03
CA SER B 248 32.27 18.59 -9.18
C SER B 248 33.18 18.31 -10.38
N GLY B 249 32.69 18.69 -11.55
CA GLY B 249 33.44 18.53 -12.78
C GLY B 249 33.27 17.15 -13.40
N THR B 250 33.87 17.00 -14.58
CA THR B 250 33.78 15.76 -15.33
C THR B 250 35.17 15.22 -15.58
N ALA B 251 35.25 13.91 -15.86
CA ALA B 251 36.55 13.33 -16.15
C ALA B 251 36.38 12.03 -16.91
N GLN B 252 37.46 11.59 -17.55
CA GLN B 252 37.56 10.26 -18.11
C GLN B 252 38.91 9.69 -17.68
N ALA B 253 38.89 8.52 -17.06
CA ALA B 253 40.08 7.95 -16.44
C ALA B 253 40.18 6.47 -16.77
N MET B 254 41.30 5.88 -16.37
CA MET B 254 41.61 4.48 -16.59
C MET B 254 41.90 3.79 -15.26
N VAL B 255 41.35 2.59 -15.09
CA VAL B 255 41.58 1.81 -13.87
C VAL B 255 42.98 1.25 -13.90
N ILE B 256 43.74 1.50 -12.84
CA ILE B 256 45.11 0.99 -12.73
C ILE B 256 45.26 -0.07 -11.65
N ALA B 257 44.32 -0.19 -10.73
CA ALA B 257 44.36 -1.22 -9.70
C ALA B 257 42.92 -1.58 -9.34
N THR B 258 42.75 -2.79 -8.81
CA THR B 258 41.41 -3.28 -8.52
C THR B 258 41.48 -4.29 -7.39
N GLY B 259 40.33 -4.52 -6.76
CA GLY B 259 40.24 -5.50 -5.69
C GLY B 259 41.17 -5.14 -4.53
N ALA B 260 41.87 -6.17 -4.03
CA ALA B 260 42.83 -5.97 -2.95
C ALA B 260 44.07 -5.22 -3.38
N ASN B 261 44.36 -5.16 -4.69
CA ASN B 261 45.52 -4.43 -5.18
C ASN B 261 45.34 -2.92 -5.03
N THR B 262 44.12 -2.46 -4.80
CA THR B 262 43.85 -1.04 -4.63
C THR B 262 44.50 -0.56 -3.32
N TRP B 263 44.74 0.76 -3.24
CA TRP B 263 45.34 1.38 -2.07
C TRP B 263 44.62 0.95 -0.78
N PHE B 264 43.29 1.02 -0.77
CA PHE B 264 42.56 0.60 0.42
C PHE B 264 42.57 -0.92 0.56
N GLY B 265 42.78 -1.64 -0.53
CA GLY B 265 42.80 -3.08 -0.50
C GLY B 265 43.82 -3.61 0.48
N GLN B 266 45.00 -2.99 0.50
CA GLN B 266 45.97 -3.29 1.54
C GLN B 266 45.52 -2.76 2.89
N LEU B 267 45.06 -1.50 2.92
CA LEU B 267 44.70 -0.82 4.16
C LEU B 267 43.59 -1.55 4.91
N ALA B 268 43.93 -2.05 6.09
CA ALA B 268 43.00 -2.73 7.01
C ALA B 268 42.52 -4.06 6.44
N GLY B 269 42.89 -4.36 5.20
CA GLY B 269 42.58 -5.67 4.65
C GLY B 269 43.79 -6.59 4.68
N ARG B 270 44.93 -6.08 4.24
CA ARG B 270 46.20 -6.81 4.26
C ARG B 270 47.29 -6.07 5.02
N VAL B 271 47.24 -4.73 5.05
CA VAL B 271 48.22 -3.97 5.82
C VAL B 271 48.07 -4.26 7.30
N SER B 272 46.84 -4.28 7.79
CA SER B 272 46.55 -4.63 9.18
C SER B 272 46.20 -6.11 9.33
N GLU B 273 45.16 -6.57 8.64
CA GLU B 273 44.73 -7.96 8.64
C GLU B 273 44.53 -8.47 10.07
N GLN B 274 43.88 -7.65 10.88
CA GLN B 274 43.60 -7.97 12.28
C GLN B 274 42.24 -8.62 12.42
N GLU B 275 42.00 -9.20 13.59
CA GLU B 275 40.74 -9.86 13.89
C GLU B 275 39.70 -8.80 14.25
N SER B 276 38.67 -8.65 13.41
CA SER B 276 37.65 -7.65 13.64
C SER B 276 36.77 -8.06 14.82
N GLU B 277 36.51 -7.12 15.72
CA GLU B 277 35.67 -7.40 16.87
C GLU B 277 34.23 -7.61 16.41
N PRO B 278 33.58 -8.70 16.84
CA PRO B 278 32.21 -8.98 16.39
C PRO B 278 31.23 -7.92 16.86
N ASN B 279 30.19 -7.71 16.06
CA ASN B 279 29.16 -6.73 16.36
C ASN B 279 28.13 -7.28 17.34
N ALA B 280 27.02 -6.58 17.51
CA ALA B 280 25.99 -6.97 18.47
C ALA B 280 25.37 -8.32 18.11
N PHE B 281 25.05 -8.52 16.83
CA PHE B 281 24.39 -9.75 16.39
C PHE B 281 25.29 -10.96 16.58
N GLN B 282 26.54 -10.86 16.13
CA GLN B 282 27.46 -11.99 16.24
C GLN B 282 27.70 -12.37 17.68
N GLN B 283 27.80 -11.37 18.57
CA GLN B 283 27.95 -11.66 19.99
C GLN B 283 26.75 -12.41 20.55
N GLY B 284 25.54 -12.01 20.17
CA GLY B 284 24.36 -12.70 20.66
C GLY B 284 24.27 -14.13 20.14
N ILE B 285 24.61 -14.32 18.86
CA ILE B 285 24.61 -15.66 18.29
C ILE B 285 25.65 -16.54 18.98
N SER B 286 26.83 -15.98 19.27
CA SER B 286 27.85 -16.73 19.99
C SER B 286 27.38 -17.09 21.38
N ARG B 287 26.69 -16.16 22.06
CA ARG B 287 26.15 -16.45 23.39
C ARG B 287 25.14 -17.60 23.33
N VAL B 288 24.24 -17.56 22.35
CA VAL B 288 23.24 -18.61 22.23
C VAL B 288 23.91 -19.96 21.96
N SER B 289 24.87 -19.99 21.04
CA SER B 289 25.56 -21.23 20.72
C SER B 289 26.32 -21.76 21.92
N MET B 290 26.98 -20.87 22.68
CA MET B 290 27.71 -21.29 23.86
C MET B 290 26.78 -21.86 24.92
N LEU B 291 25.61 -21.23 25.10
CA LEU B 291 24.63 -21.73 26.06
C LEU B 291 24.15 -23.12 25.68
N LEU B 292 23.83 -23.32 24.39
CA LEU B 292 23.42 -24.64 23.94
C LEU B 292 24.53 -25.67 24.12
N ILE B 293 25.78 -25.29 23.84
CA ILE B 293 26.91 -26.20 24.02
C ILE B 293 27.06 -26.57 25.50
N ARG B 294 26.91 -25.59 26.38
CA ARG B 294 27.01 -25.85 27.81
C ARG B 294 25.94 -26.86 28.24
N PHE B 295 24.69 -26.62 27.85
CA PHE B 295 23.62 -27.53 28.23
C PHE B 295 23.86 -28.94 27.70
N MET B 296 24.27 -29.03 26.42
CA MET B 296 24.52 -30.34 25.82
C MET B 296 25.66 -31.07 26.52
N LEU B 297 26.81 -30.42 26.66
CA LEU B 297 27.98 -31.01 27.29
C LEU B 297 27.79 -31.26 28.76
N VAL B 298 26.78 -30.69 29.40
CA VAL B 298 26.45 -30.99 30.78
C VAL B 298 25.55 -32.22 30.88
N MET B 299 24.50 -32.29 30.04
CA MET B 299 23.49 -33.31 30.25
C MET B 299 23.77 -34.60 29.49
N ALA B 300 24.31 -34.51 28.28
CA ALA B 300 24.58 -35.73 27.50
C ALA B 300 25.56 -36.68 28.19
N PRO B 301 26.70 -36.23 28.73
CA PRO B 301 27.58 -37.17 29.43
C PRO B 301 26.93 -37.87 30.61
N VAL B 302 26.00 -37.21 31.29
CA VAL B 302 25.29 -37.86 32.40
C VAL B 302 24.44 -39.02 31.88
N VAL B 303 23.74 -38.81 30.76
CA VAL B 303 22.96 -39.87 30.15
C VAL B 303 23.87 -41.02 29.73
N LEU B 304 25.00 -40.68 29.11
CA LEU B 304 25.99 -41.69 28.72
C LEU B 304 26.44 -42.52 29.90
N LEU B 305 26.81 -41.85 31.01
CA LEU B 305 27.29 -42.55 32.19
C LEU B 305 26.21 -43.46 32.76
N ILE B 306 24.98 -42.95 32.87
CA ILE B 306 23.90 -43.73 33.46
C ILE B 306 23.63 -44.98 32.63
N ASN B 307 23.51 -44.80 31.31
CA ASN B 307 23.18 -45.93 30.44
C ASN B 307 24.32 -46.94 30.41
N GLY B 308 25.58 -46.46 30.38
CA GLY B 308 26.69 -47.39 30.38
C GLY B 308 26.79 -48.17 31.67
N TYR B 309 26.53 -47.50 32.81
CA TYR B 309 26.61 -48.18 34.09
C TYR B 309 25.48 -49.19 34.26
N THR B 310 24.29 -48.86 33.77
CA THR B 310 23.13 -49.71 34.01
C THR B 310 22.87 -50.68 32.86
N LYS B 311 22.67 -50.15 31.65
CA LYS B 311 22.21 -50.96 30.53
C LYS B 311 23.21 -52.03 30.11
N GLY B 312 24.49 -51.68 30.07
CA GLY B 312 25.45 -52.58 29.46
C GLY B 312 26.31 -51.92 28.41
N ASP B 313 26.09 -52.30 27.14
CA ASP B 313 26.89 -51.83 26.02
C ASP B 313 27.13 -50.33 26.07
N TRP B 314 28.41 -49.94 26.14
CA TRP B 314 28.77 -48.54 26.26
C TRP B 314 28.62 -47.79 24.94
N TRP B 315 28.91 -48.47 23.83
CA TRP B 315 28.89 -47.82 22.54
C TRP B 315 27.48 -47.37 22.15
N GLU B 316 26.50 -48.26 22.35
CA GLU B 316 25.12 -47.89 22.07
C GLU B 316 24.65 -46.78 23.00
N ALA B 317 25.13 -46.81 24.26
CA ALA B 317 24.79 -45.75 25.19
C ALA B 317 25.32 -44.40 24.73
N ALA B 318 26.57 -44.36 24.26
CA ALA B 318 27.14 -43.13 23.75
C ALA B 318 26.40 -42.67 22.50
N LEU B 319 26.04 -43.60 21.62
CA LEU B 319 25.28 -43.25 20.42
C LEU B 319 23.93 -42.64 20.80
N PHE B 320 23.26 -43.24 21.78
CA PHE B 320 21.95 -42.74 22.22
C PHE B 320 22.08 -41.36 22.85
N ALA B 321 23.11 -41.17 23.68
CA ALA B 321 23.33 -39.86 24.30
C ALA B 321 23.62 -38.80 23.24
N LEU B 322 24.45 -39.13 22.25
CA LEU B 322 24.73 -38.19 21.18
C LEU B 322 23.47 -37.89 20.37
N SER B 323 22.64 -38.92 20.13
CA SER B 323 21.42 -38.71 19.38
C SER B 323 20.46 -37.77 20.10
N VAL B 324 20.29 -37.94 21.40
CA VAL B 324 19.42 -37.02 22.12
C VAL B 324 20.05 -35.64 22.21
N ALA B 325 21.39 -35.56 22.29
CA ALA B 325 22.04 -34.25 22.36
C ALA B 325 22.00 -33.52 21.03
N VAL B 326 21.80 -34.25 19.94
CA VAL B 326 21.71 -33.66 18.60
C VAL B 326 20.54 -32.67 18.57
N GLY B 327 19.51 -32.94 19.37
CA GLY B 327 18.39 -32.01 19.44
C GLY B 327 18.82 -30.61 19.83
N LEU B 328 19.77 -30.50 20.76
CA LEU B 328 20.28 -29.21 21.21
C LEU B 328 21.58 -28.83 20.51
N THR B 329 21.76 -29.21 19.25
CA THR B 329 22.99 -28.88 18.55
C THR B 329 23.08 -27.38 18.32
N PRO B 330 24.28 -26.80 18.38
CA PRO B 330 24.44 -25.37 18.12
C PRO B 330 24.59 -25.00 16.66
N GLU B 331 24.74 -25.99 15.76
CA GLU B 331 24.94 -25.70 14.35
C GLU B 331 23.63 -25.54 13.59
N MET B 332 22.49 -25.63 14.29
CA MET B 332 21.23 -25.22 13.69
C MET B 332 21.11 -23.71 13.55
N LEU B 333 21.82 -22.95 14.38
CA LEU B 333 21.75 -21.49 14.32
C LEU B 333 22.18 -20.92 12.97
N PRO B 334 23.29 -21.40 12.33
CA PRO B 334 23.64 -20.86 11.01
C PRO B 334 22.52 -20.97 9.99
N MET B 335 21.71 -22.02 10.07
CA MET B 335 20.55 -22.12 9.21
C MET B 335 19.43 -21.20 9.70
N ILE B 336 19.05 -21.33 10.97
CA ILE B 336 17.87 -20.66 11.51
C ILE B 336 17.90 -19.17 11.15
N VAL B 337 18.92 -18.46 11.62
CA VAL B 337 19.08 -17.05 11.30
C VAL B 337 18.97 -16.84 9.81
N THR B 338 19.81 -17.54 9.04
CA THR B 338 19.82 -17.36 7.60
C THR B 338 18.46 -17.71 7.00
N SER B 339 17.78 -18.72 7.57
CA SER B 339 16.49 -19.11 7.03
C SER B 339 15.41 -18.10 7.38
N THR B 340 15.57 -17.38 8.48
CA THR B 340 14.51 -16.46 8.90
C THR B 340 14.75 -15.06 8.34
N LEU B 341 15.88 -14.44 8.71
CA LEU B 341 16.12 -13.04 8.36
C LEU B 341 16.03 -12.83 6.85
N ALA B 342 16.69 -13.68 6.07
CA ALA B 342 16.62 -13.55 4.62
C ALA B 342 15.18 -13.52 4.13
N ARG B 343 14.32 -14.40 4.67
CA ARG B 343 12.91 -14.37 4.31
C ARG B 343 12.34 -12.97 4.53
N GLY B 344 12.53 -12.42 5.73
CA GLY B 344 12.08 -11.07 5.99
C GLY B 344 12.68 -10.08 5.01
N ALA B 345 13.98 -10.24 4.73
CA ALA B 345 14.63 -9.39 3.74
C ALA B 345 13.89 -9.45 2.42
N VAL B 346 13.54 -10.65 1.97
CA VAL B 346 12.79 -10.77 0.72
C VAL B 346 11.46 -10.03 0.84
N LYS B 347 10.75 -10.21 1.96
CA LYS B 347 9.53 -9.46 2.18
C LYS B 347 9.82 -7.97 2.19
N LEU B 348 10.93 -7.57 2.81
CA LEU B 348 11.29 -6.16 2.82
C LEU B 348 11.57 -5.66 1.40
N SER B 349 12.04 -6.55 0.52
CA SER B 349 12.26 -6.15 -0.86
C SER B 349 10.94 -5.91 -1.59
N LYS B 350 9.83 -6.42 -1.08
CA LYS B 350 8.53 -6.13 -1.64
C LYS B 350 7.87 -4.90 -0.99
N GLN B 351 8.50 -4.33 0.03
CA GLN B 351 8.05 -3.09 0.65
C GLN B 351 8.97 -1.92 0.34
N LYS B 352 9.73 -2.01 -0.76
CA LYS B 352 10.65 -0.94 -1.20
C LYS B 352 11.73 -0.68 -0.14
N VAL B 353 12.17 -1.75 0.53
CA VAL B 353 13.22 -1.66 1.54
C VAL B 353 14.22 -2.78 1.31
N ILE B 354 15.34 -2.47 0.64
CA ILE B 354 16.38 -3.44 0.36
C ILE B 354 17.34 -3.48 1.53
N VAL B 355 17.62 -4.68 2.03
CA VAL B 355 18.52 -4.89 3.16
C VAL B 355 19.83 -5.44 2.61
N LYS B 356 20.90 -4.67 2.74
CA LYS B 356 22.19 -5.09 2.19
C LYS B 356 22.80 -6.26 2.95
N HIS B 357 22.70 -6.26 4.28
CA HIS B 357 23.22 -7.34 5.11
C HIS B 357 22.19 -7.69 6.17
N LEU B 358 22.02 -8.99 6.42
CA LEU B 358 20.92 -9.46 7.27
C LEU B 358 21.01 -8.91 8.69
N ASP B 359 22.22 -8.63 9.17
CA ASP B 359 22.40 -8.11 10.53
C ASP B 359 21.52 -6.89 10.76
N ALA B 360 21.42 -6.02 9.76
CA ALA B 360 20.64 -4.79 9.87
C ALA B 360 19.22 -5.08 10.34
N ILE B 361 18.64 -6.20 9.87
CA ILE B 361 17.28 -6.54 10.21
C ILE B 361 17.05 -6.61 11.72
N GLN B 362 18.08 -6.97 12.48
CA GLN B 362 17.98 -6.86 13.94
C GLN B 362 17.92 -5.40 14.36
N ASN B 363 18.97 -4.64 14.03
CA ASN B 363 19.05 -3.24 14.46
C ASN B 363 17.89 -2.42 13.89
N PHE B 364 17.49 -2.73 12.65
CA PHE B 364 16.39 -2.00 12.04
C PHE B 364 15.08 -2.21 12.79
N GLY B 365 15.01 -3.26 13.60
CA GLY B 365 13.86 -3.47 14.46
C GLY B 365 14.08 -2.94 15.86
N ALA B 366 15.34 -2.77 16.26
CA ALA B 366 15.69 -2.28 17.58
C ALA B 366 15.88 -0.77 17.62
N MET B 367 15.70 -0.09 16.49
CA MET B 367 15.88 1.36 16.44
C MET B 367 14.83 2.06 17.30
N ASP B 368 15.28 3.04 18.08
CA ASP B 368 14.37 3.87 18.87
C ASP B 368 14.64 5.36 18.71
N ILE B 369 15.75 5.74 18.10
CA ILE B 369 16.04 7.15 17.79
C ILE B 369 16.46 7.20 16.33
N LEU B 370 15.73 7.95 15.52
CA LEU B 370 15.98 8.06 14.08
C LEU B 370 16.34 9.50 13.75
N CYS B 371 17.62 9.74 13.49
CA CYS B 371 18.07 11.05 13.06
C CYS B 371 17.91 11.20 11.55
N THR B 372 17.43 12.36 11.12
CA THR B 372 17.12 12.58 9.71
C THR B 372 17.43 14.02 9.29
N ASP B 373 16.92 14.41 8.14
CA ASP B 373 17.07 15.77 7.62
C ASP B 373 15.72 16.24 7.12
N LYS B 374 15.51 17.56 7.16
CA LYS B 374 14.22 18.12 6.76
C LYS B 374 13.95 17.87 5.27
N THR B 375 14.96 18.01 4.43
CA THR B 375 14.79 17.82 3.00
C THR B 375 14.55 16.34 2.69
N GLY B 376 13.64 16.10 1.74
CA GLY B 376 13.36 14.74 1.30
C GLY B 376 12.43 13.97 2.20
N THR B 377 12.77 13.85 3.48
CA THR B 377 11.95 13.07 4.41
C THR B 377 10.72 13.86 4.86
N LEU B 378 10.95 14.99 5.52
CA LEU B 378 9.85 15.81 6.01
C LEU B 378 9.20 16.57 4.86
N THR B 379 9.98 17.40 4.17
CA THR B 379 9.47 18.14 3.04
C THR B 379 9.85 17.46 1.72
N GLN B 380 9.22 17.91 0.64
CA GLN B 380 9.52 17.36 -0.67
C GLN B 380 10.86 17.89 -1.18
N ASP B 381 11.31 17.35 -2.31
CA ASP B 381 12.52 17.84 -2.96
C ASP B 381 12.21 18.87 -4.03
N LYS B 382 10.93 19.18 -4.26
CA LYS B 382 10.50 20.15 -5.25
C LYS B 382 9.85 21.33 -4.54
N ILE B 383 10.25 22.55 -4.94
CA ILE B 383 9.78 23.77 -4.30
C ILE B 383 8.68 24.37 -5.16
N VAL B 384 7.61 24.83 -4.51
CA VAL B 384 6.42 25.25 -5.24
C VAL B 384 6.47 26.74 -5.55
N LEU B 385 6.61 27.57 -4.53
CA LEU B 385 6.61 29.02 -4.69
C LEU B 385 8.02 29.55 -4.58
N GLU B 386 8.41 30.41 -5.53
CA GLU B 386 9.70 31.05 -5.49
C GLU B 386 9.58 32.42 -6.14
N ASN B 387 10.15 33.42 -5.50
CA ASN B 387 10.17 34.78 -6.02
C ASN B 387 11.58 35.34 -5.94
N HIS B 388 12.04 35.91 -7.05
CA HIS B 388 13.39 36.46 -7.15
C HIS B 388 13.29 37.98 -7.04
N THR B 389 13.75 38.51 -5.92
CA THR B 389 13.65 39.93 -5.61
C THR B 389 15.01 40.48 -5.20
N ASP B 390 15.17 41.78 -5.33
CA ASP B 390 16.37 42.47 -4.86
C ASP B 390 16.22 42.79 -3.38
N ILE B 391 17.13 43.63 -2.86
CA ILE B 391 17.09 43.97 -1.43
C ILE B 391 15.85 44.79 -1.08
N SER B 392 15.31 45.55 -2.04
CA SER B 392 14.15 46.40 -1.78
C SER B 392 12.83 45.62 -1.79
N GLY B 393 12.84 44.37 -2.25
CA GLY B 393 11.65 43.53 -2.27
C GLY B 393 10.99 43.43 -3.61
N LYS B 394 11.25 44.35 -4.54
CA LYS B 394 10.68 44.28 -5.87
C LYS B 394 11.34 43.16 -6.66
N THR B 395 10.56 42.51 -7.55
CA THR B 395 11.11 41.46 -8.40
C THR B 395 12.21 42.03 -9.30
N SER B 396 13.32 41.33 -9.39
CA SER B 396 14.46 41.77 -10.18
C SER B 396 14.85 40.67 -11.17
N GLU B 397 14.93 41.03 -12.45
CA GLU B 397 15.34 40.06 -13.46
C GLU B 397 16.84 39.79 -13.40
N ARG B 398 17.61 40.75 -12.89
CA ARG B 398 19.06 40.56 -12.78
C ARG B 398 19.40 39.40 -11.84
N VAL B 399 18.69 39.33 -10.71
CA VAL B 399 18.95 38.25 -9.75
C VAL B 399 18.63 36.90 -10.38
N LEU B 400 17.50 36.81 -11.07
CA LEU B 400 17.11 35.55 -11.71
C LEU B 400 18.11 35.15 -12.79
N HIS B 401 18.59 36.12 -13.58
CA HIS B 401 19.56 35.80 -14.63
C HIS B 401 20.90 35.36 -14.03
N SER B 402 21.35 36.02 -12.97
CA SER B 402 22.59 35.60 -12.32
C SER B 402 22.46 34.20 -11.75
N ALA B 403 21.33 33.90 -11.10
CA ALA B 403 21.11 32.56 -10.58
C ALA B 403 21.05 31.54 -11.71
N TRP B 404 20.43 31.90 -12.84
CA TRP B 404 20.39 31.00 -13.98
C TRP B 404 21.79 30.72 -14.51
N LEU B 405 22.63 31.75 -14.60
CA LEU B 405 24.00 31.55 -15.05
C LEU B 405 24.74 30.60 -14.11
N ASN B 406 24.63 30.85 -12.80
CA ASN B 406 25.33 30.02 -11.83
C ASN B 406 24.83 28.57 -11.87
N SER B 407 23.52 28.37 -12.03
CA SER B 407 22.98 27.02 -12.03
C SER B 407 23.29 26.29 -13.33
N HIS B 408 23.28 27.00 -14.46
CA HIS B 408 23.48 26.35 -15.74
C HIS B 408 24.95 26.02 -15.97
N TYR B 409 25.85 26.87 -15.52
CA TYR B 409 27.27 26.66 -15.74
C TYR B 409 27.97 25.93 -14.60
N GLN B 410 27.22 25.48 -13.60
CA GLN B 410 27.80 24.65 -12.56
C GLN B 410 28.00 23.22 -13.04
N THR B 411 28.87 22.49 -12.36
CA THR B 411 29.10 21.08 -12.64
C THR B 411 29.01 20.21 -11.40
N GLY B 412 28.54 20.73 -10.27
CA GLY B 412 28.39 19.96 -9.06
C GLY B 412 27.08 19.20 -9.04
N LEU B 413 26.68 18.84 -7.82
CA LEU B 413 25.42 18.13 -7.63
C LEU B 413 24.23 19.03 -7.98
N LYS B 414 23.23 18.44 -8.64
CA LYS B 414 22.01 19.18 -8.92
C LYS B 414 21.27 19.50 -7.62
N ASN B 415 20.68 20.68 -7.58
CA ASN B 415 19.96 21.14 -6.39
C ASN B 415 18.56 21.56 -6.77
N LEU B 416 17.67 21.58 -5.77
CA LEU B 416 16.29 21.98 -6.02
C LEU B 416 16.21 23.43 -6.48
N LEU B 417 17.04 24.31 -5.91
CA LEU B 417 17.07 25.69 -6.36
C LEU B 417 17.54 25.77 -7.81
N ASP B 418 18.55 24.99 -8.18
CA ASP B 418 19.04 25.02 -9.54
C ASP B 418 17.97 24.59 -10.53
N THR B 419 17.25 23.50 -10.22
CA THR B 419 16.19 23.04 -11.09
C THR B 419 15.06 24.07 -11.20
N ALA B 420 14.69 24.67 -10.05
CA ALA B 420 13.62 25.66 -10.08
C ALA B 420 14.01 26.89 -10.90
N VAL B 421 15.25 27.34 -10.75
CA VAL B 421 15.71 28.49 -11.52
C VAL B 421 15.75 28.16 -13.00
N LEU B 422 16.24 26.97 -13.36
CA LEU B 422 16.27 26.58 -14.76
C LEU B 422 14.87 26.49 -15.35
N GLU B 423 13.90 25.96 -14.61
CA GLU B 423 12.54 25.85 -15.10
C GLU B 423 11.81 27.17 -15.16
N GLY B 424 12.11 28.09 -14.24
CA GLY B 424 11.43 29.37 -14.18
C GLY B 424 11.92 30.43 -15.12
N THR B 425 12.97 30.16 -15.89
CA THR B 425 13.51 31.10 -16.85
C THR B 425 12.96 30.77 -18.24
N ASP B 426 12.46 31.78 -18.93
CA ASP B 426 11.89 31.56 -20.25
C ASP B 426 12.97 31.10 -21.24
N GLU B 427 12.52 30.34 -22.25
CA GLU B 427 13.45 29.73 -23.18
C GLU B 427 14.24 30.78 -23.96
N GLU B 428 13.60 31.88 -24.34
CA GLU B 428 14.28 32.90 -25.13
C GLU B 428 15.43 33.53 -24.35
N SER B 429 15.17 33.98 -23.12
CA SER B 429 16.22 34.59 -22.31
C SER B 429 17.29 33.56 -21.95
N ALA B 430 16.87 32.32 -21.68
CA ALA B 430 17.84 31.28 -21.33
C ALA B 430 18.79 31.02 -22.48
N ARG B 431 18.26 30.89 -23.70
CA ARG B 431 19.14 30.66 -24.85
C ARG B 431 19.97 31.89 -25.17
N SER B 432 19.44 33.09 -24.96
CA SER B 432 20.24 34.29 -25.17
C SER B 432 21.42 34.34 -24.21
N LEU B 433 21.19 34.00 -22.93
CA LEU B 433 22.28 33.97 -21.97
C LEU B 433 23.27 32.86 -22.30
N ALA B 434 22.77 31.70 -22.74
CA ALA B 434 23.67 30.59 -23.07
C ALA B 434 24.57 30.95 -24.25
N SER B 435 24.02 31.58 -25.28
CA SER B 435 24.82 31.98 -26.43
C SER B 435 25.60 33.26 -26.18
N ARG B 436 25.30 33.97 -25.09
CA ARG B 436 25.96 35.22 -24.78
C ARG B 436 27.08 35.07 -23.76
N TRP B 437 27.05 34.03 -22.94
CA TRP B 437 28.04 33.81 -21.90
C TRP B 437 28.69 32.44 -22.09
N GLN B 438 29.94 32.33 -21.65
CA GLN B 438 30.68 31.08 -21.71
C GLN B 438 31.41 30.85 -20.39
N LYS B 439 31.43 29.59 -19.95
CA LYS B 439 32.05 29.24 -18.69
C LYS B 439 33.57 29.24 -18.80
N ILE B 440 34.22 29.65 -17.71
CA ILE B 440 35.68 29.60 -17.59
C ILE B 440 36.12 28.74 -16.42
N ASP B 441 35.69 29.08 -15.20
CA ASP B 441 36.15 28.37 -14.02
C ASP B 441 34.99 28.18 -13.05
N GLU B 442 35.21 27.32 -12.06
CA GLU B 442 34.20 27.02 -11.07
C GLU B 442 34.85 26.79 -9.72
N ILE B 443 34.31 27.42 -8.68
CA ILE B 443 34.75 27.22 -7.31
C ILE B 443 33.66 26.45 -6.59
N PRO B 444 33.87 25.17 -6.29
CA PRO B 444 32.78 24.30 -5.81
C PRO B 444 32.30 24.64 -4.41
N PHE B 445 31.35 23.84 -3.92
CA PHE B 445 30.74 24.07 -2.62
C PHE B 445 31.52 23.34 -1.53
N ASP B 446 31.79 24.04 -0.43
CA ASP B 446 32.42 23.46 0.74
C ASP B 446 31.87 24.15 1.98
N PHE B 447 31.89 23.43 3.10
CA PHE B 447 31.21 23.88 4.30
C PHE B 447 31.99 24.93 5.08
N GLU B 448 33.26 25.17 4.77
CA GLU B 448 33.98 26.23 5.46
C GLU B 448 33.44 27.61 5.08
N ARG B 449 32.93 27.75 3.86
CA ARG B 449 32.38 29.02 3.39
C ARG B 449 30.94 28.91 2.92
N ARG B 450 30.47 27.71 2.56
CA ARG B 450 29.09 27.44 2.15
C ARG B 450 28.64 28.32 0.99
N ARG B 451 29.53 28.61 0.04
CA ARG B 451 29.22 29.40 -1.13
C ARG B 451 29.73 28.68 -2.37
N MET B 452 28.96 28.76 -3.47
CA MET B 452 29.41 28.21 -4.74
C MET B 452 29.59 29.33 -5.75
N SER B 453 30.61 29.21 -6.58
CA SER B 453 30.91 30.30 -7.50
C SER B 453 31.20 29.73 -8.89
N VAL B 454 30.85 30.50 -9.91
CA VAL B 454 31.18 30.19 -11.30
C VAL B 454 31.68 31.46 -11.95
N VAL B 455 32.85 31.39 -12.59
CA VAL B 455 33.43 32.53 -13.29
C VAL B 455 33.25 32.30 -14.79
N VAL B 456 32.46 33.18 -15.41
CA VAL B 456 32.16 33.12 -16.83
C VAL B 456 32.69 34.39 -17.48
N ALA B 457 32.48 34.51 -18.79
CA ALA B 457 32.89 35.71 -19.50
C ALA B 457 32.00 35.91 -20.71
N GLU B 458 31.67 37.18 -20.97
CA GLU B 458 30.97 37.57 -22.18
C GLU B 458 31.91 37.91 -23.32
N ASN B 459 33.21 38.05 -23.04
CA ASN B 459 34.22 38.38 -24.03
C ASN B 459 35.57 37.93 -23.49
N THR B 460 36.64 38.38 -24.15
CA THR B 460 38.00 38.06 -23.72
C THR B 460 38.63 39.19 -22.92
N GLU B 461 37.88 40.23 -22.60
CA GLU B 461 38.40 41.39 -21.87
C GLU B 461 38.21 41.28 -20.37
N HIS B 462 36.99 40.98 -19.91
CA HIS B 462 36.69 40.89 -18.50
C HIS B 462 35.90 39.63 -18.21
N HIS B 463 36.01 39.15 -16.97
CA HIS B 463 35.28 37.98 -16.51
C HIS B 463 34.35 38.38 -15.37
N GLN B 464 33.23 37.68 -15.28
CA GLN B 464 32.24 37.89 -14.24
C GLN B 464 32.19 36.66 -13.34
N LEU B 465 32.43 36.87 -12.05
CA LEU B 465 32.29 35.83 -11.04
C LEU B 465 30.90 35.96 -10.43
N VAL B 466 30.09 34.91 -10.54
CA VAL B 466 28.74 34.88 -9.99
C VAL B 466 28.74 33.79 -8.91
N CYS B 467 28.45 34.18 -7.67
CA CYS B 467 28.42 33.26 -6.56
C CYS B 467 27.05 33.28 -5.91
N LYS B 468 26.68 32.17 -5.28
CA LYS B 468 25.41 32.07 -4.58
C LYS B 468 25.58 31.20 -3.35
N GLY B 469 24.73 31.45 -2.35
CA GLY B 469 24.80 30.66 -1.13
C GLY B 469 23.89 31.22 -0.07
N ALA B 470 24.09 30.73 1.16
CA ALA B 470 23.31 31.20 2.29
C ALA B 470 23.52 32.71 2.49
N LEU B 471 22.51 33.36 3.07
CA LEU B 471 22.51 34.82 3.12
C LEU B 471 23.71 35.36 3.91
N GLN B 472 23.96 34.79 5.09
CA GLN B 472 25.01 35.34 5.95
C GLN B 472 26.38 35.19 5.31
N GLU B 473 26.65 34.04 4.71
CA GLU B 473 27.96 33.82 4.08
C GLU B 473 28.17 34.76 2.90
N ILE B 474 27.13 34.98 2.10
CA ILE B 474 27.25 35.94 0.99
C ILE B 474 27.46 37.35 1.52
N LEU B 475 26.72 37.74 2.56
CA LEU B 475 26.86 39.08 3.11
C LEU B 475 28.23 39.29 3.74
N ASN B 476 28.85 38.22 4.24
CA ASN B 476 30.18 38.35 4.83
C ASN B 476 31.20 38.79 3.79
N VAL B 477 31.01 38.41 2.53
CA VAL B 477 31.95 38.73 1.47
C VAL B 477 31.38 39.75 0.48
N CYS B 478 30.37 40.51 0.87
CA CYS B 478 29.78 41.54 0.03
C CYS B 478 30.06 42.92 0.61
N SER B 479 30.54 43.82 -0.24
CA SER B 479 30.79 45.20 0.15
C SER B 479 29.92 46.21 -0.58
N GLN B 480 29.38 45.85 -1.74
CA GLN B 480 28.52 46.74 -2.53
C GLN B 480 27.22 46.02 -2.83
N VAL B 481 26.17 46.81 -3.07
CA VAL B 481 24.86 46.28 -3.40
C VAL B 481 24.27 47.13 -4.53
N ARG B 482 23.60 46.46 -5.47
CA ARG B 482 22.97 47.13 -6.60
C ARG B 482 21.56 47.52 -6.19
N HIS B 483 21.40 48.75 -5.71
CA HIS B 483 20.13 49.25 -5.23
C HIS B 483 19.63 50.33 -6.20
N ASN B 484 18.39 50.18 -6.67
CA ASN B 484 17.76 51.13 -7.57
C ASN B 484 18.57 51.33 -8.84
N GLY B 485 19.29 50.30 -9.28
CA GLY B 485 20.11 50.38 -10.46
C GLY B 485 21.48 51.01 -10.27
N GLU B 486 21.84 51.37 -9.04
CA GLU B 486 23.12 51.99 -8.75
C GLU B 486 23.90 51.16 -7.75
N ILE B 487 25.21 51.06 -7.96
CA ILE B 487 26.08 50.32 -7.06
C ILE B 487 26.40 51.21 -5.86
N VAL B 488 25.86 50.88 -4.70
CA VAL B 488 26.05 51.69 -3.50
C VAL B 488 26.75 50.83 -2.45
N PRO B 489 27.68 51.39 -1.66
CA PRO B 489 28.29 50.61 -0.59
C PRO B 489 27.26 50.07 0.39
N LEU B 490 27.49 48.85 0.86
CA LEU B 490 26.56 48.15 1.74
C LEU B 490 26.90 48.50 3.18
N ASP B 491 26.14 49.44 3.75
CA ASP B 491 26.36 49.89 5.11
C ASP B 491 25.63 49.00 6.11
N ASP B 492 25.71 49.36 7.38
CA ASP B 492 25.12 48.55 8.44
C ASP B 492 23.59 48.60 8.43
N ILE B 493 23.01 49.75 8.06
CA ILE B 493 21.56 49.88 8.06
C ILE B 493 20.93 48.91 7.05
N MET B 494 21.50 48.87 5.84
CA MET B 494 21.01 47.94 4.84
C MET B 494 21.23 46.49 5.27
N LEU B 495 22.35 46.21 5.94
CA LEU B 495 22.60 44.86 6.43
C LEU B 495 21.53 44.44 7.44
N ARG B 496 21.19 45.33 8.37
CA ARG B 496 20.18 44.99 9.38
C ARG B 496 18.79 44.86 8.75
N LYS B 497 18.48 45.72 7.78
CA LYS B 497 17.19 45.61 7.09
C LYS B 497 17.08 44.29 6.33
N ILE B 498 18.15 43.91 5.64
CA ILE B 498 18.18 42.63 4.93
C ILE B 498 18.02 41.49 5.91
N LYS B 499 18.72 41.58 7.05
CA LYS B 499 18.63 40.51 8.05
C LYS B 499 17.22 40.37 8.57
N ARG B 500 16.54 41.48 8.87
CA ARG B 500 15.19 41.37 9.42
C ARG B 500 14.20 40.86 8.37
N VAL B 501 14.34 41.31 7.12
CA VAL B 501 13.45 40.83 6.07
C VAL B 501 13.63 39.34 5.85
N THR B 502 14.88 38.87 5.80
CA THR B 502 15.13 37.46 5.59
C THR B 502 14.72 36.64 6.81
N ASP B 503 14.82 37.21 8.01
CA ASP B 503 14.32 36.52 9.19
C ASP B 503 12.82 36.34 9.13
N THR B 504 12.09 37.38 8.68
CA THR B 504 10.64 37.24 8.51
C THR B 504 10.32 36.19 7.46
N LEU B 505 11.04 36.19 6.34
CA LEU B 505 10.82 35.18 5.31
C LEU B 505 11.10 33.77 5.82
N ASN B 506 12.17 33.60 6.60
CA ASN B 506 12.46 32.31 7.20
C ASN B 506 11.35 31.88 8.16
N ARG B 507 10.85 32.82 8.97
CA ARG B 507 9.74 32.55 9.87
C ARG B 507 8.48 32.16 9.11
N GLN B 508 8.31 32.64 7.88
CA GLN B 508 7.21 32.20 7.04
C GLN B 508 7.49 30.87 6.35
N GLY B 509 8.65 30.27 6.60
CA GLY B 509 9.01 29.00 5.99
C GLY B 509 9.73 29.11 4.66
N LEU B 510 10.07 30.31 4.22
CA LEU B 510 10.77 30.51 2.95
C LEU B 510 12.27 30.42 3.19
N ARG B 511 12.94 29.58 2.40
CA ARG B 511 14.40 29.56 2.40
C ARG B 511 14.92 30.66 1.49
N VAL B 512 15.95 31.36 1.95
CA VAL B 512 16.49 32.52 1.24
C VAL B 512 17.92 32.21 0.83
N VAL B 513 18.23 32.40 -0.44
CA VAL B 513 19.56 32.19 -0.99
C VAL B 513 19.99 33.47 -1.69
N ALA B 514 21.14 34.00 -1.29
CA ALA B 514 21.64 35.26 -1.82
C ALA B 514 22.61 35.00 -2.98
N VAL B 515 22.67 35.98 -3.89
CA VAL B 515 23.48 35.90 -5.10
C VAL B 515 24.30 37.18 -5.21
N ALA B 516 25.59 37.03 -5.53
CA ALA B 516 26.48 38.16 -5.73
C ALA B 516 27.23 38.01 -7.04
N THR B 517 27.57 39.14 -7.65
CA THR B 517 28.34 39.19 -8.88
C THR B 517 29.48 40.17 -8.74
N LYS B 518 30.56 39.90 -9.46
CA LYS B 518 31.73 40.77 -9.46
C LYS B 518 32.40 40.71 -10.83
N TYR B 519 33.04 41.81 -11.21
CA TYR B 519 33.76 41.91 -12.47
C TYR B 519 35.26 42.01 -12.21
N LEU B 520 36.03 41.19 -12.92
CA LEU B 520 37.48 41.17 -12.79
C LEU B 520 38.13 41.23 -14.16
N PRO B 521 39.37 41.70 -14.24
CA PRO B 521 40.10 41.64 -15.52
C PRO B 521 40.40 40.21 -15.91
N ALA B 522 40.50 39.99 -17.20
CA ALA B 522 40.78 38.65 -17.72
C ALA B 522 42.15 38.17 -17.25
N ARG B 523 42.22 36.90 -16.85
CA ARG B 523 43.46 36.31 -16.38
C ARG B 523 43.49 34.83 -16.73
N GLU B 524 44.70 34.27 -16.79
CA GLU B 524 44.87 32.88 -17.18
C GLU B 524 44.82 31.93 -15.99
N GLY B 525 45.22 32.38 -14.80
CA GLY B 525 45.23 31.51 -13.65
C GLY B 525 43.85 31.12 -13.18
N ASP B 526 43.77 29.97 -12.53
CA ASP B 526 42.51 29.48 -12.00
C ASP B 526 42.06 30.34 -10.82
N TYR B 527 40.74 30.48 -10.69
CA TYR B 527 40.16 31.27 -9.61
C TYR B 527 40.06 30.44 -8.34
N GLN B 528 40.54 31.00 -7.24
CA GLN B 528 40.56 30.35 -5.95
C GLN B 528 39.48 30.95 -5.05
N ARG B 529 39.40 30.43 -3.83
CA ARG B 529 38.41 30.92 -2.88
C ARG B 529 38.70 32.35 -2.44
N ALA B 530 39.93 32.83 -2.61
CA ALA B 530 40.26 34.19 -2.18
C ALA B 530 39.63 35.24 -3.08
N ASP B 531 39.18 34.84 -4.26
CA ASP B 531 38.57 35.78 -5.21
C ASP B 531 37.17 36.21 -4.80
N GLU B 532 36.56 35.57 -3.80
CA GLU B 532 35.22 35.93 -3.35
C GLU B 532 35.31 37.05 -2.30
N SER B 533 35.57 38.26 -2.79
CA SER B 533 35.68 39.42 -1.93
C SER B 533 35.23 40.66 -2.68
N ASP B 534 34.71 41.63 -1.93
CA ASP B 534 34.23 42.90 -2.49
C ASP B 534 33.20 42.65 -3.59
N LEU B 535 32.28 41.74 -3.31
CA LEU B 535 31.26 41.36 -4.28
C LEU B 535 30.13 42.40 -4.30
N ILE B 536 29.28 42.28 -5.32
CA ILE B 536 28.09 43.12 -5.47
C ILE B 536 26.87 42.23 -5.27
N LEU B 537 26.14 42.46 -4.19
CA LEU B 537 24.97 41.64 -3.85
C LEU B 537 23.82 42.01 -4.79
N GLU B 538 23.48 41.12 -5.72
CA GLU B 538 22.40 41.43 -6.65
C GLU B 538 21.04 41.31 -5.98
N GLY B 539 20.87 40.32 -5.11
CA GLY B 539 19.60 40.13 -4.42
C GLY B 539 19.54 38.73 -3.83
N TYR B 540 18.33 38.35 -3.42
CA TYR B 540 18.11 37.04 -2.84
C TYR B 540 16.85 36.42 -3.42
N ILE B 541 16.83 35.09 -3.46
CA ILE B 541 15.70 34.34 -3.98
C ILE B 541 15.08 33.56 -2.83
N ALA B 542 13.80 33.79 -2.58
CA ALA B 542 13.07 33.09 -1.53
C ALA B 542 12.17 32.05 -2.17
N PHE B 543 12.28 30.81 -1.71
CA PHE B 543 11.52 29.70 -2.27
C PHE B 543 10.89 28.89 -1.16
N LEU B 544 9.71 28.35 -1.41
CA LEU B 544 8.97 27.56 -0.43
C LEU B 544 9.06 26.09 -0.80
N ASP B 545 9.48 25.26 0.17
CA ASP B 545 9.53 23.81 0.02
C ASP B 545 8.43 23.20 0.87
N PRO B 546 7.34 22.73 0.28
CA PRO B 546 6.18 22.32 1.06
C PRO B 546 6.43 20.98 1.73
N PRO B 547 5.94 20.79 2.95
CA PRO B 547 6.05 19.48 3.59
C PRO B 547 5.22 18.44 2.88
N LYS B 548 5.69 17.20 2.94
CA LYS B 548 4.96 16.10 2.31
C LYS B 548 3.63 15.87 3.02
N GLU B 549 2.64 15.44 2.23
CA GLU B 549 1.31 15.20 2.78
C GLU B 549 1.31 14.05 3.77
N THR B 550 2.19 13.07 3.59
CA THR B 550 2.22 11.87 4.42
C THR B 550 3.23 11.96 5.56
N THR B 551 3.87 13.13 5.75
CA THR B 551 4.90 13.24 6.77
C THR B 551 4.31 13.16 8.17
N ALA B 552 3.22 13.90 8.43
CA ALA B 552 2.63 13.89 9.76
C ALA B 552 2.08 12.53 10.16
N PRO B 553 1.29 11.82 9.35
CA PRO B 553 0.87 10.46 9.75
C PRO B 553 2.02 9.51 9.95
N ALA B 554 3.07 9.62 9.12
CA ALA B 554 4.23 8.75 9.28
C ALA B 554 4.95 9.04 10.59
N LEU B 555 5.08 10.32 10.95
CA LEU B 555 5.71 10.67 12.23
C LEU B 555 4.86 10.18 13.40
N LYS B 556 3.53 10.28 13.28
CA LYS B 556 2.66 9.77 14.33
C LYS B 556 2.81 8.27 14.48
N ALA B 557 2.87 7.54 13.37
CA ALA B 557 3.06 6.08 13.43
C ALA B 557 4.41 5.74 14.04
N LEU B 558 5.46 6.48 13.68
CA LEU B 558 6.78 6.23 14.24
C LEU B 558 6.80 6.48 15.75
N LYS B 559 6.14 7.55 16.21
CA LYS B 559 6.06 7.80 17.64
C LYS B 559 5.24 6.72 18.34
N ALA B 560 4.20 6.21 17.69
CA ALA B 560 3.42 5.12 18.25
C ALA B 560 4.28 3.87 18.40
N SER B 561 5.12 3.58 17.41
CA SER B 561 6.06 2.47 17.52
C SER B 561 7.03 2.69 18.66
N GLY B 562 7.54 3.92 18.80
CA GLY B 562 8.46 4.23 19.87
C GLY B 562 9.77 4.80 19.36
N ILE B 563 9.82 5.14 18.08
CA ILE B 563 11.02 5.67 17.45
C ILE B 563 10.96 7.19 17.55
N THR B 564 11.74 7.76 18.48
CA THR B 564 11.80 9.21 18.65
C THR B 564 12.56 9.81 17.48
N VAL B 565 11.89 10.61 16.67
CA VAL B 565 12.48 11.20 15.48
C VAL B 565 13.18 12.51 15.86
N LYS B 566 14.45 12.62 15.48
CA LYS B 566 15.24 13.82 15.71
C LYS B 566 15.74 14.34 14.37
N ILE B 567 15.82 15.66 14.26
CA ILE B 567 16.19 16.32 13.00
C ILE B 567 17.58 16.91 13.17
N LEU B 568 18.52 16.47 12.33
CA LEU B 568 19.86 17.03 12.26
C LEU B 568 20.01 17.66 10.88
N THR B 569 19.86 18.99 10.81
CA THR B 569 19.87 19.70 9.54
C THR B 569 20.83 20.88 9.63
N GLY B 570 21.44 21.20 8.49
CA GLY B 570 22.34 22.33 8.37
C GLY B 570 21.69 23.62 7.96
N ASP B 571 20.36 23.65 7.85
CA ASP B 571 19.64 24.85 7.44
C ASP B 571 19.46 25.79 8.63
N SER B 572 18.81 26.92 8.38
CA SER B 572 18.54 27.88 9.44
C SER B 572 17.55 27.32 10.45
N GLU B 573 17.67 27.76 11.70
CA GLU B 573 16.80 27.25 12.75
C GLU B 573 15.36 27.73 12.56
N LEU B 574 15.16 28.89 11.94
CA LEU B 574 13.81 29.38 11.71
C LEU B 574 13.06 28.50 10.72
N VAL B 575 13.70 28.18 9.59
CA VAL B 575 13.06 27.34 8.59
C VAL B 575 12.82 25.94 9.14
N ALA B 576 13.79 25.39 9.85
CA ALA B 576 13.62 24.06 10.43
C ALA B 576 12.50 24.04 11.45
N ALA B 577 12.42 25.08 12.30
CA ALA B 577 11.35 25.15 13.28
C ALA B 577 9.99 25.27 12.61
N LYS B 578 9.90 26.09 11.55
CA LYS B 578 8.63 26.21 10.84
C LYS B 578 8.22 24.88 10.20
N VAL B 579 9.18 24.18 9.60
CA VAL B 579 8.89 22.88 8.99
C VAL B 579 8.43 21.89 10.04
N CYS B 580 9.11 21.85 11.20
CA CYS B 580 8.72 20.94 12.26
C CYS B 580 7.33 21.26 12.79
N HIS B 581 7.01 22.54 12.93
CA HIS B 581 5.66 22.92 13.36
C HIS B 581 4.63 22.54 12.32
N GLU B 582 4.97 22.69 11.03
CA GLU B 582 4.04 22.30 9.97
C GLU B 582 3.76 20.81 9.98
N VAL B 583 4.80 19.99 10.18
CA VAL B 583 4.64 18.54 10.16
C VAL B 583 4.16 17.99 11.49
N GLY B 584 3.98 18.83 12.49
CA GLY B 584 3.47 18.41 13.78
C GLY B 584 4.52 18.02 14.80
N LEU B 585 5.80 17.96 14.39
CA LEU B 585 6.86 17.63 15.34
C LEU B 585 7.04 18.76 16.34
N ASP B 586 7.38 18.39 17.58
CA ASP B 586 7.60 19.36 18.65
C ASP B 586 9.07 19.79 18.62
N ALA B 587 9.32 21.00 18.12
CA ALA B 587 10.69 21.49 18.06
C ALA B 587 11.26 21.76 19.45
N GLY B 588 10.43 22.21 20.38
CA GLY B 588 10.93 22.55 21.70
C GLY B 588 11.93 23.69 21.62
N GLU B 589 13.10 23.47 22.20
CA GLU B 589 14.21 24.43 22.13
C GLU B 589 15.24 23.92 21.12
N VAL B 590 15.66 24.79 20.23
CA VAL B 590 16.59 24.43 19.17
C VAL B 590 18.01 24.61 19.66
N VAL B 591 18.91 23.78 19.13
CA VAL B 591 20.33 23.84 19.43
C VAL B 591 21.09 24.01 18.12
N ILE B 592 21.88 25.07 18.02
CA ILE B 592 22.66 25.33 16.84
C ILE B 592 24.03 24.69 16.99
N GLY B 593 24.73 24.52 15.86
CA GLY B 593 26.04 23.89 15.89
C GLY B 593 27.06 24.67 16.70
N SER B 594 27.06 25.99 16.58
CA SER B 594 28.04 26.80 17.30
C SER B 594 27.89 26.67 18.81
N ASP B 595 26.77 26.14 19.29
CA ASP B 595 26.54 25.95 20.71
C ASP B 595 26.87 24.53 21.19
N ILE B 596 27.44 23.69 20.33
CA ILE B 596 27.86 22.36 20.77
C ILE B 596 29.37 22.17 20.73
N GLU B 597 30.11 23.05 20.05
CA GLU B 597 31.56 22.96 20.06
C GLU B 597 32.12 23.19 21.46
N THR B 598 31.58 24.19 22.17
CA THR B 598 32.03 24.46 23.53
C THR B 598 31.59 23.36 24.50
N LEU B 599 30.41 22.78 24.26
CA LEU B 599 29.90 21.74 25.14
C LEU B 599 30.78 20.49 25.09
N SER B 600 30.99 19.88 26.25
CA SER B 600 31.76 18.66 26.34
C SER B 600 30.93 17.47 25.85
N ASP B 601 31.55 16.30 25.82
CA ASP B 601 30.86 15.09 25.37
C ASP B 601 29.68 14.76 26.28
N ASP B 602 29.89 14.83 27.59
CA ASP B 602 28.82 14.52 28.54
C ASP B 602 27.68 15.52 28.41
N GLU B 603 28.00 16.81 28.28
CA GLU B 603 26.96 17.82 28.16
C GLU B 603 26.14 17.64 26.89
N LEU B 604 26.81 17.37 25.76
CA LEU B 604 26.10 17.17 24.52
C LEU B 604 25.25 15.90 24.57
N ALA B 605 25.78 14.83 25.17
CA ALA B 605 25.00 13.61 25.33
C ALA B 605 23.80 13.79 26.24
N ASN B 606 23.90 14.66 27.26
CA ASN B 606 22.77 14.96 28.13
C ASN B 606 21.75 15.89 27.47
N LEU B 607 22.19 16.75 26.55
CA LEU B 607 21.28 17.63 25.84
C LEU B 607 20.64 16.98 24.62
N ALA B 608 21.31 16.01 24.00
CA ALA B 608 20.75 15.33 22.85
C ALA B 608 19.61 14.38 23.20
N GLN B 609 19.43 14.07 24.48
CA GLN B 609 18.34 13.21 24.92
C GLN B 609 17.06 13.98 25.20
N ARG B 610 17.07 15.30 25.05
CA ARG B 610 15.90 16.13 25.29
C ARG B 610 15.57 17.04 24.13
N THR B 611 16.54 17.38 23.29
CA THR B 611 16.35 18.28 22.16
C THR B 611 15.91 17.47 20.95
N THR B 612 14.90 17.97 20.25
CA THR B 612 14.36 17.27 19.08
C THR B 612 14.92 17.82 17.77
N LEU B 613 15.09 19.14 17.67
CA LEU B 613 15.52 19.77 16.43
C LEU B 613 16.91 20.38 16.64
N PHE B 614 17.84 20.01 15.76
CA PHE B 614 19.19 20.60 15.75
C PHE B 614 19.39 21.29 14.40
N ALA B 615 19.88 22.52 14.44
CA ALA B 615 20.03 23.34 13.24
C ALA B 615 21.46 23.84 13.09
N ARG B 616 21.80 24.25 11.87
CA ARG B 616 23.12 24.78 11.53
C ARG B 616 24.22 23.80 11.95
N LEU B 617 24.15 22.60 11.42
CA LEU B 617 25.07 21.53 11.79
C LEU B 617 26.04 21.24 10.64
N THR B 618 27.32 21.19 10.96
CA THR B 618 28.31 20.68 10.04
C THR B 618 28.31 19.15 10.10
N PRO B 619 28.83 18.49 9.06
CA PRO B 619 28.87 17.01 9.09
C PRO B 619 29.60 16.45 10.30
N MET B 620 30.65 17.12 10.77
CA MET B 620 31.31 16.70 12.00
C MET B 620 30.35 16.78 13.19
N HIS B 621 29.55 17.84 13.24
CA HIS B 621 28.56 17.97 14.32
C HIS B 621 27.53 16.86 14.24
N LYS B 622 27.08 16.52 13.03
CA LYS B 622 26.13 15.43 12.87
C LYS B 622 26.73 14.11 13.35
N GLU B 623 27.99 13.84 12.97
CA GLU B 623 28.64 12.61 13.40
C GLU B 623 28.78 12.56 14.91
N ARG B 624 29.17 13.67 15.53
CA ARG B 624 29.32 13.70 16.98
C ARG B 624 27.98 13.48 17.68
N ILE B 625 26.94 14.14 17.21
CA ILE B 625 25.62 14.00 17.83
C ILE B 625 25.12 12.56 17.70
N VAL B 626 25.30 11.96 16.52
CA VAL B 626 24.88 10.57 16.34
C VAL B 626 25.69 9.64 17.24
N THR B 627 27.00 9.87 17.36
CA THR B 627 27.83 9.01 18.20
C THR B 627 27.43 9.10 19.66
N LEU B 628 27.15 10.31 20.15
CA LEU B 628 26.81 10.48 21.56
C LEU B 628 25.38 10.09 21.88
N LEU B 629 24.57 9.75 20.88
CA LEU B 629 23.18 9.38 21.13
C LEU B 629 22.99 7.89 21.39
N LYS B 630 24.04 7.08 21.23
CA LYS B 630 23.92 5.63 21.39
C LYS B 630 24.42 5.12 22.73
N ARG B 631 25.16 5.94 23.49
CA ARG B 631 25.82 5.46 24.69
C ARG B 631 24.80 5.03 25.75
N GLU B 632 23.72 5.78 25.90
CA GLU B 632 22.74 5.51 26.95
C GLU B 632 21.73 4.43 26.50
N GLY B 633 22.29 3.30 26.05
CA GLY B 633 21.50 2.15 25.70
C GLY B 633 20.44 2.38 24.64
N HIS B 634 20.79 3.14 23.60
CA HIS B 634 19.86 3.46 22.53
C HIS B 634 20.45 3.03 21.20
N VAL B 635 19.64 2.36 20.38
CA VAL B 635 20.04 1.99 19.03
C VAL B 635 19.64 3.12 18.10
N VAL B 636 20.62 3.75 17.45
CA VAL B 636 20.41 4.97 16.68
C VAL B 636 20.45 4.65 15.19
N GLY B 637 19.46 5.16 14.47
CA GLY B 637 19.45 5.07 13.03
C GLY B 637 19.55 6.43 12.39
N PHE B 638 20.44 6.57 11.41
CA PHE B 638 20.65 7.83 10.72
C PHE B 638 20.23 7.67 9.26
N MET B 639 19.39 8.58 8.79
CA MET B 639 18.91 8.59 7.41
C MET B 639 19.45 9.82 6.70
N GLY B 640 20.21 9.62 5.64
CA GLY B 640 20.80 10.71 4.90
C GLY B 640 21.22 10.27 3.52
N ASP B 641 21.30 11.23 2.60
CA ASP B 641 21.67 10.96 1.22
C ASP B 641 22.59 12.05 0.68
N GLY B 642 23.49 12.55 1.53
CA GLY B 642 24.42 13.59 1.15
C GLY B 642 25.82 13.05 0.93
N ILE B 643 26.68 13.94 0.41
CA ILE B 643 28.07 13.57 0.16
C ILE B 643 28.79 13.26 1.47
N ASN B 644 28.58 14.08 2.48
CA ASN B 644 29.29 13.97 3.75
C ASN B 644 28.52 13.18 4.80
N ASP B 645 27.51 12.43 4.39
CA ASP B 645 26.74 11.62 5.32
C ASP B 645 27.36 10.26 5.60
N ALA B 646 28.47 9.92 4.93
CA ALA B 646 29.11 8.63 5.17
C ALA B 646 29.59 8.46 6.60
N PRO B 647 30.32 9.42 7.21
CA PRO B 647 30.66 9.26 8.63
C PRO B 647 29.44 9.13 9.52
N ALA B 648 28.38 9.89 9.25
CA ALA B 648 27.18 9.81 10.07
C ALA B 648 26.48 8.46 9.90
N LEU B 649 26.37 7.99 8.66
CA LEU B 649 25.72 6.70 8.41
C LEU B 649 26.51 5.56 9.05
N ARG B 650 27.85 5.60 8.94
CA ARG B 650 28.66 4.52 9.50
C ARG B 650 28.71 4.58 11.03
N ALA B 651 28.75 5.78 11.61
CA ALA B 651 28.81 5.90 13.06
C ALA B 651 27.51 5.53 13.74
N ALA B 652 26.39 5.63 13.06
CA ALA B 652 25.11 5.24 13.63
C ALA B 652 25.03 3.72 13.76
N ASP B 653 24.17 3.28 14.68
CA ASP B 653 23.93 1.84 14.82
C ASP B 653 23.36 1.25 13.53
N ILE B 654 22.52 2.00 12.83
CA ILE B 654 22.07 1.60 11.50
C ILE B 654 21.98 2.84 10.61
N GLY B 655 22.35 2.66 9.35
CA GLY B 655 22.31 3.73 8.36
C GLY B 655 21.32 3.39 7.25
N ILE B 656 20.43 4.34 6.96
CA ILE B 656 19.40 4.18 5.95
C ILE B 656 19.60 5.26 4.90
N SER B 657 19.58 4.86 3.63
CA SER B 657 19.77 5.78 2.52
C SER B 657 18.68 5.55 1.48
N VAL B 658 18.77 6.28 0.38
CA VAL B 658 17.79 6.21 -0.70
C VAL B 658 18.49 5.68 -1.94
N ASP B 659 17.71 5.04 -2.82
CA ASP B 659 18.29 4.48 -4.04
C ASP B 659 18.90 5.57 -4.91
N GLY B 660 18.21 6.70 -5.04
CA GLY B 660 18.76 7.83 -5.77
C GLY B 660 19.54 8.76 -4.87
N ALA B 661 20.87 8.59 -4.85
CA ALA B 661 21.73 9.39 -3.98
C ALA B 661 23.16 9.23 -4.46
N VAL B 662 24.07 9.96 -3.80
CA VAL B 662 25.48 9.82 -4.10
C VAL B 662 25.95 8.43 -3.68
N ASP B 663 27.02 7.95 -4.33
CA ASP B 663 27.46 6.59 -4.11
C ASP B 663 27.94 6.36 -2.68
N ILE B 664 28.68 7.33 -2.12
CA ILE B 664 29.22 7.16 -0.78
C ILE B 664 28.14 7.13 0.30
N ALA B 665 26.95 7.65 0.01
CA ALA B 665 25.84 7.54 0.93
C ALA B 665 25.08 6.23 0.79
N ARG B 666 25.36 5.46 -0.28
CA ARG B 666 24.78 4.14 -0.47
C ARG B 666 25.74 3.03 -0.04
N GLU B 667 27.04 3.23 -0.27
CA GLU B 667 28.02 2.25 0.20
C GLU B 667 28.06 2.21 1.72
N ALA B 668 27.95 3.36 2.37
CA ALA B 668 28.02 3.43 3.83
C ALA B 668 26.73 3.02 4.51
N ALA B 669 25.62 2.96 3.78
CA ALA B 669 24.34 2.65 4.38
C ALA B 669 24.18 1.14 4.55
N ASP B 670 23.28 0.77 5.47
CA ASP B 670 22.92 -0.62 5.68
C ASP B 670 21.54 -0.97 5.11
N ILE B 671 20.65 0.01 4.98
CA ILE B 671 19.33 -0.17 4.40
C ILE B 671 19.17 0.83 3.27
N ILE B 672 18.55 0.41 2.17
CA ILE B 672 18.32 1.27 1.02
C ILE B 672 16.82 1.27 0.75
N LEU B 673 16.20 2.44 0.87
CA LEU B 673 14.80 2.58 0.52
C LEU B 673 14.68 2.99 -0.95
N LEU B 674 13.81 2.28 -1.68
CA LEU B 674 13.63 2.59 -3.09
C LEU B 674 13.04 3.98 -3.30
N GLU B 675 12.29 4.48 -2.33
CA GLU B 675 11.82 5.86 -2.35
C GLU B 675 12.02 6.47 -0.97
N LYS B 676 12.24 7.79 -0.95
CA LYS B 676 12.53 8.51 0.28
C LYS B 676 11.22 8.90 0.94
N SER B 677 10.73 8.04 1.83
CA SER B 677 9.48 8.29 2.52
C SER B 677 9.55 7.68 3.92
N LEU B 678 8.94 8.36 4.89
CA LEU B 678 8.94 7.87 6.26
C LEU B 678 7.94 6.74 6.47
N MET B 679 6.83 6.73 5.72
CA MET B 679 5.85 5.66 5.87
C MET B 679 6.45 4.31 5.47
N VAL B 680 7.21 4.28 4.38
CA VAL B 680 7.89 3.05 3.97
C VAL B 680 8.84 2.59 5.05
N LEU B 681 9.58 3.53 5.66
CA LEU B 681 10.50 3.18 6.74
C LEU B 681 9.77 2.60 7.93
N GLU B 682 8.63 3.18 8.30
CA GLU B 682 7.86 2.67 9.44
C GLU B 682 7.33 1.27 9.17
N GLU B 683 6.78 1.05 7.98
CA GLU B 683 6.29 -0.29 7.63
C GLU B 683 7.43 -1.30 7.62
N GLY B 684 8.58 -0.91 7.08
CA GLY B 684 9.73 -1.79 7.10
C GLY B 684 10.20 -2.12 8.50
N VAL B 685 10.16 -1.13 9.40
CA VAL B 685 10.54 -1.36 10.79
C VAL B 685 9.60 -2.37 11.43
N ILE B 686 8.29 -2.21 11.17
CA ILE B 686 7.32 -3.15 11.73
C ILE B 686 7.58 -4.56 11.21
N GLU B 687 7.81 -4.69 9.90
CA GLU B 687 8.02 -6.03 9.33
C GLU B 687 9.33 -6.64 9.81
N GLY B 688 10.38 -5.85 9.98
CA GLY B 688 11.61 -6.36 10.54
C GLY B 688 11.48 -6.80 11.98
N ARG B 689 10.70 -6.06 12.78
CA ARG B 689 10.39 -6.52 14.13
C ARG B 689 9.67 -7.86 14.09
N ARG B 690 8.73 -8.02 13.15
CA ARG B 690 8.05 -9.30 13.01
C ARG B 690 9.03 -10.41 12.66
N THR B 691 9.97 -10.14 11.74
CA THR B 691 10.93 -11.16 11.33
C THR B 691 11.83 -11.57 12.49
N PHE B 692 12.33 -10.60 13.25
CA PHE B 692 13.20 -10.93 14.37
C PHE B 692 12.43 -11.67 15.45
N ALA B 693 11.17 -11.30 15.68
CA ALA B 693 10.35 -12.04 16.62
C ALA B 693 10.16 -13.48 16.17
N ASN B 694 9.96 -13.68 14.86
CA ASN B 694 9.83 -15.04 14.34
C ASN B 694 11.10 -15.84 14.59
N MET B 695 12.27 -15.23 14.34
CA MET B 695 13.53 -15.94 14.56
C MET B 695 13.69 -16.31 16.03
N LEU B 696 13.41 -15.36 16.93
CA LEU B 696 13.55 -15.65 18.35
C LEU B 696 12.58 -16.74 18.79
N LYS B 697 11.34 -16.70 18.28
CA LYS B 697 10.38 -17.74 18.60
C LYS B 697 10.84 -19.11 18.12
N TYR B 698 11.39 -19.17 16.91
CA TYR B 698 11.94 -20.42 16.38
C TYR B 698 12.99 -20.98 17.32
N ILE B 699 13.97 -20.16 17.68
CA ILE B 699 15.07 -20.63 18.53
C ILE B 699 14.53 -21.09 19.88
N LYS B 700 13.65 -20.28 20.48
CA LYS B 700 13.12 -20.59 21.80
C LYS B 700 12.37 -21.91 21.80
N MET B 701 11.45 -22.09 20.84
CA MET B 701 10.64 -23.30 20.81
C MET B 701 11.49 -24.53 20.55
N THR B 702 12.39 -24.47 19.56
CA THR B 702 13.21 -25.63 19.26
C THR B 702 14.08 -26.01 20.46
N ALA B 703 14.75 -25.02 21.06
CA ALA B 703 15.61 -25.30 22.19
C ALA B 703 14.82 -25.86 23.37
N SER B 704 13.65 -25.28 23.66
CA SER B 704 12.86 -25.74 24.80
C SER B 704 12.40 -27.17 24.60
N SER B 705 11.87 -27.49 23.40
CA SER B 705 11.39 -28.85 23.17
C SER B 705 12.52 -29.87 23.22
N ASN B 706 13.65 -29.56 22.59
CA ASN B 706 14.74 -30.52 22.59
C ASN B 706 15.36 -30.68 23.98
N PHE B 707 15.46 -29.59 24.75
CA PHE B 707 15.93 -29.70 26.13
C PHE B 707 14.98 -30.51 26.98
N GLY B 708 13.67 -30.35 26.76
CA GLY B 708 12.71 -31.18 27.48
C GLY B 708 12.86 -32.64 27.17
N ASN B 709 13.07 -32.97 25.90
CA ASN B 709 13.32 -34.37 25.53
C ASN B 709 14.58 -34.90 26.19
N VAL B 710 15.65 -34.09 26.19
CA VAL B 710 16.90 -34.52 26.83
C VAL B 710 16.70 -34.74 28.31
N PHE B 711 15.98 -33.85 28.98
CA PHE B 711 15.73 -33.98 30.41
C PHE B 711 14.92 -35.24 30.71
N SER B 712 13.90 -35.51 29.89
CA SER B 712 13.11 -36.72 30.07
C SER B 712 13.98 -37.96 29.94
N VAL B 713 14.83 -37.99 28.90
CA VAL B 713 15.74 -39.12 28.71
C VAL B 713 16.65 -39.27 29.92
N LEU B 714 17.20 -38.17 30.40
CA LEU B 714 18.14 -38.24 31.52
C LEU B 714 17.47 -38.77 32.79
N VAL B 715 16.26 -38.29 33.09
CA VAL B 715 15.64 -38.66 34.35
C VAL B 715 15.09 -40.09 34.29
N ALA B 716 14.53 -40.49 33.15
CA ALA B 716 13.76 -41.73 33.08
C ALA B 716 14.54 -42.92 32.54
N SER B 717 15.82 -42.75 32.22
CA SER B 717 16.59 -43.85 31.64
C SER B 717 16.99 -44.88 32.69
N ALA B 718 17.24 -44.45 33.92
CA ALA B 718 17.80 -45.35 34.93
C ALA B 718 16.82 -46.48 35.28
N PHE B 719 15.54 -46.15 35.46
CA PHE B 719 14.58 -47.14 35.92
C PHE B 719 14.30 -48.17 34.83
N LEU B 720 14.21 -47.74 33.58
CA LEU B 720 13.87 -48.65 32.50
C LEU B 720 15.02 -49.63 32.24
N PRO B 721 14.70 -50.86 31.86
CA PRO B 721 15.74 -51.84 31.51
C PRO B 721 16.17 -51.80 30.05
N PHE B 722 15.72 -50.81 29.28
CA PHE B 722 16.12 -50.66 27.88
C PHE B 722 16.01 -49.19 27.53
N LEU B 723 16.47 -48.86 26.32
CA LEU B 723 16.42 -47.48 25.87
C LEU B 723 14.97 -47.03 25.73
N PRO B 724 14.60 -45.87 26.27
CA PRO B 724 13.21 -45.40 26.14
C PRO B 724 12.77 -45.25 24.69
N MET B 725 13.69 -44.87 23.80
CA MET B 725 13.42 -44.81 22.37
C MET B 725 14.71 -45.12 21.64
N LEU B 726 14.60 -45.84 20.52
CA LEU B 726 15.78 -46.11 19.72
C LEU B 726 16.33 -44.80 19.15
N PRO B 727 17.65 -44.61 19.14
CA PRO B 727 18.21 -43.36 18.62
C PRO B 727 17.84 -43.10 17.17
N LEU B 728 17.62 -44.15 16.38
CA LEU B 728 17.15 -43.95 15.02
C LEU B 728 15.78 -43.28 15.01
N HIS B 729 14.89 -43.70 15.93
CA HIS B 729 13.60 -43.04 16.06
C HIS B 729 13.75 -41.60 16.51
N LEU B 730 14.73 -41.32 17.37
CA LEU B 730 14.99 -39.94 17.78
C LEU B 730 15.46 -39.09 16.61
N LEU B 731 16.32 -39.64 15.76
CA LEU B 731 16.75 -38.91 14.58
C LEU B 731 15.59 -38.66 13.64
N ILE B 732 14.71 -39.65 13.48
CA ILE B 732 13.51 -39.46 12.66
C ILE B 732 12.65 -38.34 13.24
N GLN B 733 12.47 -38.35 14.56
CA GLN B 733 11.68 -37.31 15.22
C GLN B 733 12.29 -35.95 14.99
N ASN B 734 13.60 -35.82 15.15
CA ASN B 734 14.26 -34.52 14.95
C ASN B 734 14.11 -34.05 13.52
N LEU B 735 14.31 -34.94 12.55
CA LEU B 735 14.19 -34.56 11.14
C LEU B 735 12.78 -34.09 10.81
N LEU B 736 11.78 -34.86 11.25
CA LEU B 736 10.39 -34.50 10.95
C LEU B 736 9.99 -33.21 11.66
N TYR B 737 10.46 -33.02 12.90
CA TYR B 737 10.15 -31.79 13.62
C TYR B 737 10.79 -30.59 12.92
N ASP B 738 12.02 -30.73 12.43
CA ASP B 738 12.66 -29.65 11.69
C ASP B 738 11.90 -29.35 10.40
N VAL B 739 11.45 -30.39 9.70
CA VAL B 739 10.65 -30.18 8.49
C VAL B 739 9.37 -29.43 8.83
N SER B 740 8.74 -29.76 9.96
CA SER B 740 7.56 -29.01 10.39
C SER B 740 7.90 -27.56 10.70
N GLN B 741 9.03 -27.33 11.36
CA GLN B 741 9.39 -25.98 11.79
C GLN B 741 9.84 -25.12 10.61
N VAL B 742 10.15 -25.74 9.48
CA VAL B 742 10.55 -25.01 8.27
C VAL B 742 9.61 -23.83 7.98
N ALA B 743 8.33 -24.00 8.29
CA ALA B 743 7.31 -22.99 8.00
C ALA B 743 7.23 -21.88 9.04
N ILE B 744 8.00 -21.97 10.12
CA ILE B 744 7.95 -20.92 11.15
C ILE B 744 8.35 -19.56 10.61
N PRO B 745 9.41 -19.41 9.78
CA PRO B 745 9.71 -18.09 9.20
C PRO B 745 8.51 -17.39 8.56
N PHE B 746 7.47 -18.15 8.22
CA PHE B 746 6.26 -17.61 7.63
C PHE B 746 5.13 -17.42 8.65
N ASP B 747 5.46 -17.51 9.94
CA ASP B 747 4.44 -17.41 10.98
C ASP B 747 3.92 -15.97 11.10
N ASN B 748 2.82 -15.83 11.83
CA ASN B 748 2.27 -14.53 12.16
C ASN B 748 2.73 -14.11 13.55
N VAL B 749 2.91 -12.79 13.73
CA VAL B 749 3.40 -12.22 14.97
C VAL B 749 2.35 -11.27 15.52
N ASP B 750 2.05 -11.41 16.81
CA ASP B 750 1.07 -10.53 17.44
C ASP B 750 1.57 -9.09 17.44
N ASP B 751 0.63 -8.15 17.33
CA ASP B 751 0.98 -6.74 17.34
C ASP B 751 1.54 -6.29 18.68
N GLU B 752 1.35 -7.08 19.74
CA GLU B 752 1.90 -6.72 21.04
C GLU B 752 3.41 -6.91 21.08
N GLN B 753 3.93 -7.92 20.38
CA GLN B 753 5.37 -8.18 20.40
C GLN B 753 6.13 -7.17 19.55
N ILE B 754 5.45 -6.50 18.62
CA ILE B 754 6.09 -5.58 17.69
C ILE B 754 5.63 -4.14 17.91
N GLN B 755 4.98 -3.86 19.04
CA GLN B 755 4.51 -2.51 19.34
C GLN B 755 5.62 -1.61 19.89
N LYS B 756 6.73 -2.19 20.34
CA LYS B 756 7.81 -1.45 20.94
C LYS B 756 9.13 -1.94 20.34
N PRO B 757 10.19 -1.12 20.41
CA PRO B 757 11.49 -1.59 19.93
C PRO B 757 11.92 -2.86 20.65
N GLN B 758 12.52 -3.78 19.89
CA GLN B 758 12.89 -5.08 20.41
C GLN B 758 14.26 -5.03 21.08
N ARG B 759 14.35 -5.66 22.25
CA ARG B 759 15.61 -5.86 22.95
C ARG B 759 15.84 -7.36 23.08
N TRP B 760 17.01 -7.81 22.65
CA TRP B 760 17.33 -9.23 22.59
C TRP B 760 18.29 -9.57 23.72
N ASN B 761 17.89 -10.49 24.59
CA ASN B 761 18.71 -10.96 25.69
C ASN B 761 19.02 -12.44 25.51
N PRO B 762 20.25 -12.80 25.16
CA PRO B 762 20.56 -14.23 24.96
C PRO B 762 20.36 -15.08 26.19
N ALA B 763 20.46 -14.50 27.39
CA ALA B 763 20.25 -15.28 28.61
C ALA B 763 18.79 -15.66 28.81
N ASP B 764 17.86 -14.99 28.11
CA ASP B 764 16.45 -15.33 28.25
C ASP B 764 16.15 -16.72 27.68
N LEU B 765 16.94 -17.17 26.70
CA LEU B 765 16.72 -18.48 26.12
C LEU B 765 16.93 -19.58 27.16
N GLY B 766 17.95 -19.43 28.01
CA GLY B 766 18.17 -20.41 29.05
C GLY B 766 17.01 -20.49 30.04
N ARG B 767 16.49 -19.32 30.44
CA ARG B 767 15.34 -19.31 31.33
C ARG B 767 14.13 -19.95 30.67
N PHE B 768 13.90 -19.66 29.38
CA PHE B 768 12.78 -20.26 28.67
C PHE B 768 12.93 -21.78 28.61
N MET B 769 14.13 -22.27 28.32
CA MET B 769 14.35 -23.71 28.26
C MET B 769 14.12 -24.35 29.63
N ILE B 770 14.67 -23.74 30.68
CA ILE B 770 14.50 -24.28 32.03
C ILE B 770 13.03 -24.31 32.41
N PHE B 771 12.28 -23.30 32.00
CA PHE B 771 10.86 -23.23 32.36
C PHE B 771 10.03 -24.24 31.59
N PHE B 772 10.33 -24.45 30.31
CA PHE B 772 9.47 -25.24 29.44
C PHE B 772 9.99 -26.65 29.17
N GLY B 773 11.08 -27.06 29.81
CA GLY B 773 11.56 -28.42 29.66
C GLY B 773 10.83 -29.43 30.52
N PRO B 774 10.84 -29.23 31.85
CA PRO B 774 10.13 -30.16 32.75
C PRO B 774 8.65 -30.29 32.45
N ILE B 775 8.05 -29.28 31.82
CA ILE B 775 6.64 -29.37 31.50
C ILE B 775 6.43 -30.57 30.59
N SER B 776 7.19 -30.61 29.50
CA SER B 776 7.13 -31.72 28.56
C SER B 776 7.59 -33.02 29.24
N SER B 777 8.63 -32.91 30.07
CA SER B 777 9.18 -34.05 30.77
C SER B 777 8.14 -34.81 31.59
N ILE B 778 7.31 -34.06 32.32
CA ILE B 778 6.27 -34.66 33.15
C ILE B 778 5.38 -35.58 32.31
N PHE B 779 4.94 -35.09 31.14
CA PHE B 779 4.12 -35.92 30.27
C PHE B 779 4.90 -37.03 29.60
N ASP B 780 6.21 -36.85 29.37
CA ASP B 780 7.03 -37.97 28.92
C ASP B 780 7.08 -39.07 29.96
N ILE B 781 7.21 -38.70 31.24
CA ILE B 781 7.19 -39.68 32.32
C ILE B 781 5.82 -40.36 32.39
N LEU B 782 4.75 -39.59 32.21
CA LEU B 782 3.41 -40.17 32.21
C LEU B 782 3.24 -41.18 31.09
N THR B 783 3.74 -40.86 29.89
CA THR B 783 3.68 -41.80 28.77
C THR B 783 4.53 -43.04 29.06
N PHE B 784 5.68 -42.85 29.70
CA PHE B 784 6.51 -43.99 30.08
C PHE B 784 5.76 -44.91 31.05
N CYS B 785 5.09 -44.34 32.04
CA CYS B 785 4.31 -45.15 32.97
C CYS B 785 3.17 -45.85 32.26
N LEU B 786 2.50 -45.16 31.36
CA LEU B 786 1.39 -45.75 30.61
C LEU B 786 1.87 -46.95 29.79
N MET B 787 3.02 -46.82 29.13
CA MET B 787 3.54 -47.93 28.34
C MET B 787 4.08 -49.05 29.22
N TRP B 788 4.60 -48.71 30.40
CA TRP B 788 5.18 -49.74 31.26
C TRP B 788 4.11 -50.60 31.93
N TRP B 789 3.08 -49.97 32.49
CA TRP B 789 2.06 -50.72 33.23
C TRP B 789 0.82 -51.03 32.41
N VAL B 790 0.19 -50.01 31.82
CA VAL B 790 -1.09 -50.22 31.13
C VAL B 790 -0.91 -51.15 29.95
N PHE B 791 0.12 -50.94 29.14
CA PHE B 791 0.35 -51.75 27.95
C PHE B 791 1.33 -52.90 28.17
N HIS B 792 1.82 -53.07 29.40
CA HIS B 792 2.59 -54.25 29.79
C HIS B 792 3.83 -54.44 28.92
N ALA B 793 4.59 -53.37 28.74
CA ALA B 793 5.89 -53.43 28.08
C ALA B 793 7.01 -53.53 29.11
N ASN B 794 6.99 -54.63 29.85
CA ASN B 794 7.85 -54.80 31.02
C ASN B 794 9.16 -55.51 30.73
N THR B 795 9.38 -55.98 29.50
CA THR B 795 10.56 -56.75 29.16
C THR B 795 11.20 -56.18 27.89
N PRO B 796 12.51 -56.34 27.73
CA PRO B 796 13.15 -55.94 26.48
C PRO B 796 12.60 -56.67 25.26
N GLU B 797 12.11 -57.89 25.44
CA GLU B 797 11.58 -58.65 24.31
C GLU B 797 10.42 -57.92 23.64
N THR B 798 9.69 -57.11 24.39
CA THR B 798 8.60 -56.28 23.86
C THR B 798 8.96 -54.80 23.91
N GLN B 799 10.26 -54.48 23.89
CA GLN B 799 10.67 -53.08 23.96
C GLN B 799 10.26 -52.30 22.71
N THR B 800 10.12 -52.98 21.57
CA THR B 800 9.76 -52.29 20.33
C THR B 800 8.41 -51.61 20.46
N LEU B 801 7.46 -52.26 21.14
CA LEU B 801 6.19 -51.61 21.42
C LEU B 801 6.37 -50.38 22.30
N PHE B 802 7.25 -50.48 23.30
CA PHE B 802 7.43 -49.37 24.23
C PHE B 802 7.98 -48.13 23.52
N GLN B 803 9.08 -48.30 22.79
CA GLN B 803 9.76 -47.15 22.19
C GLN B 803 8.84 -46.45 21.20
N SER B 804 8.25 -47.20 20.27
CA SER B 804 7.31 -46.61 19.33
C SER B 804 6.16 -45.93 20.07
N GLY B 805 5.76 -46.49 21.21
CA GLY B 805 4.71 -45.87 22.00
C GLY B 805 5.06 -44.45 22.42
N TRP B 806 6.33 -44.22 22.75
CA TRP B 806 6.78 -42.87 23.04
C TRP B 806 6.94 -42.06 21.76
N PHE B 807 7.34 -42.70 20.66
CA PHE B 807 7.73 -41.98 19.46
C PHE B 807 6.58 -41.10 18.96
N VAL B 808 5.39 -41.67 18.82
CA VAL B 808 4.25 -40.88 18.36
C VAL B 808 3.94 -39.77 19.34
N VAL B 809 4.09 -40.02 20.63
CA VAL B 809 3.94 -38.95 21.61
C VAL B 809 5.07 -37.94 21.48
N GLY B 810 6.28 -38.42 21.22
CA GLY B 810 7.42 -37.51 21.14
C GLY B 810 7.32 -36.54 19.99
N LEU B 811 6.97 -37.03 18.81
CA LEU B 811 6.96 -36.18 17.61
C LEU B 811 5.76 -35.23 17.59
N LEU B 812 4.57 -35.73 17.89
CA LEU B 812 3.37 -34.91 17.74
C LEU B 812 3.33 -33.80 18.80
N SER B 813 3.57 -34.14 20.06
CA SER B 813 3.56 -33.12 21.11
C SER B 813 4.57 -32.02 20.81
N GLN B 814 5.80 -32.42 20.48
CA GLN B 814 6.82 -31.46 20.07
C GLN B 814 6.34 -30.59 18.92
N THR B 815 5.56 -31.17 18.01
CA THR B 815 4.99 -30.40 16.92
C THR B 815 3.81 -29.55 17.38
N LEU B 816 2.98 -30.09 18.29
CA LEU B 816 1.78 -29.37 18.70
C LEU B 816 2.11 -28.21 19.63
N ILE B 817 3.03 -28.43 20.57
CA ILE B 817 3.35 -27.45 21.59
C ILE B 817 3.69 -26.08 21.02
N VAL B 818 4.15 -26.02 19.77
CA VAL B 818 4.46 -24.74 19.15
C VAL B 818 3.25 -23.82 19.19
N HIS B 819 2.08 -24.33 18.77
CA HIS B 819 0.88 -23.50 18.74
C HIS B 819 0.47 -23.03 20.13
N MET B 820 1.00 -23.64 21.19
CA MET B 820 0.75 -23.18 22.54
C MET B 820 1.82 -22.23 23.04
N ILE B 821 3.05 -22.36 22.55
CA ILE B 821 4.17 -21.61 23.11
C ILE B 821 4.69 -20.55 22.14
N ARG B 822 3.91 -20.20 21.12
CA ARG B 822 4.31 -19.15 20.20
C ARG B 822 3.74 -17.79 20.56
N THR B 823 2.67 -17.74 21.35
CA THR B 823 2.03 -16.48 21.70
C THR B 823 1.73 -16.47 23.19
N ARG B 824 1.78 -15.27 23.78
CA ARG B 824 1.34 -15.08 25.16
C ARG B 824 -0.19 -15.08 25.28
N ARG B 825 -0.88 -14.85 24.17
CA ARG B 825 -2.34 -14.79 24.15
C ARG B 825 -2.89 -16.20 23.93
N VAL B 826 -4.17 -16.42 24.24
CA VAL B 826 -4.75 -17.76 24.17
C VAL B 826 -4.89 -18.17 22.71
N PRO B 827 -4.39 -19.34 22.33
CA PRO B 827 -4.33 -19.72 20.92
C PRO B 827 -5.70 -20.01 20.34
N PHE B 828 -5.79 -19.88 19.01
CA PHE B 828 -6.89 -20.35 18.19
C PHE B 828 -8.16 -19.51 18.36
N ILE B 829 -8.16 -18.58 19.31
CA ILE B 829 -9.27 -17.64 19.48
C ILE B 829 -8.78 -16.20 19.56
N GLN B 830 -7.75 -15.94 20.36
CA GLN B 830 -7.20 -14.59 20.49
C GLN B 830 -5.97 -14.37 19.63
N SER B 831 -5.28 -15.42 19.23
CA SER B 831 -4.14 -15.32 18.33
C SER B 831 -4.02 -16.62 17.55
N CYS B 832 -3.73 -16.52 16.26
CA CYS B 832 -3.66 -17.68 15.38
C CYS B 832 -2.36 -17.64 14.59
N ALA B 833 -1.87 -18.83 14.24
CA ALA B 833 -0.66 -18.95 13.43
C ALA B 833 -1.01 -18.70 11.96
N SER B 834 -0.04 -18.94 11.09
CA SER B 834 -0.20 -18.75 9.66
C SER B 834 -0.56 -20.08 9.01
N TRP B 835 -1.26 -20.00 7.88
CA TRP B 835 -1.75 -21.17 7.16
C TRP B 835 -0.65 -22.18 6.83
N PRO B 836 0.52 -21.75 6.31
CA PRO B 836 1.60 -22.73 6.07
C PRO B 836 2.03 -23.46 7.33
N LEU B 837 2.11 -22.76 8.47
CA LEU B 837 2.53 -23.41 9.71
C LEU B 837 1.51 -24.47 10.15
N MET B 838 0.22 -24.13 10.09
CA MET B 838 -0.80 -25.10 10.46
C MET B 838 -0.80 -26.29 9.50
N ILE B 839 -0.61 -26.03 8.21
CA ILE B 839 -0.58 -27.10 7.21
C ILE B 839 0.59 -28.04 7.51
N MET B 840 1.76 -27.47 7.77
CA MET B 840 2.93 -28.30 8.07
C MET B 840 2.73 -29.07 9.36
N THR B 841 2.14 -28.44 10.37
CA THR B 841 1.88 -29.13 11.64
C THR B 841 0.98 -30.34 11.42
N VAL B 842 -0.13 -30.15 10.71
CA VAL B 842 -1.06 -31.25 10.48
C VAL B 842 -0.41 -32.35 9.64
N ILE B 843 0.33 -31.98 8.60
CA ILE B 843 0.95 -32.98 7.73
C ILE B 843 1.98 -33.79 8.49
N VAL B 844 2.80 -33.12 9.31
CA VAL B 844 3.83 -33.83 10.06
C VAL B 844 3.21 -34.71 11.13
N MET B 845 2.12 -34.24 11.75
CA MET B 845 1.41 -35.07 12.71
C MET B 845 0.87 -36.34 12.03
N ILE B 846 0.30 -36.17 10.83
CA ILE B 846 -0.23 -37.33 10.10
C ILE B 846 0.89 -38.29 9.74
N VAL B 847 2.03 -37.76 9.30
CA VAL B 847 3.17 -38.62 8.94
C VAL B 847 3.66 -39.38 10.17
N GLY B 848 3.77 -38.70 11.31
CA GLY B 848 4.21 -39.38 12.51
C GLY B 848 3.24 -40.44 12.98
N ILE B 849 1.94 -40.18 12.85
CA ILE B 849 0.93 -41.18 13.20
C ILE B 849 1.03 -42.38 12.27
N ALA B 850 1.20 -42.15 10.97
CA ALA B 850 1.20 -43.23 9.99
C ALA B 850 2.51 -43.98 9.90
N LEU B 851 3.60 -43.44 10.48
CA LEU B 851 4.88 -44.13 10.39
C LEU B 851 4.87 -45.51 11.05
N PRO B 852 4.35 -45.70 12.27
CA PRO B 852 4.28 -47.06 12.82
C PRO B 852 3.43 -48.01 12.00
N PHE B 853 2.39 -47.51 11.31
CA PHE B 853 1.53 -48.37 10.49
C PHE B 853 2.04 -48.52 9.08
N SER B 854 3.06 -47.77 8.67
CA SER B 854 3.60 -47.86 7.34
C SER B 854 4.47 -49.11 7.20
N PRO B 855 4.62 -49.63 5.98
CA PRO B 855 5.52 -50.78 5.78
C PRO B 855 6.97 -50.49 6.13
N LEU B 856 7.39 -49.23 6.12
CA LEU B 856 8.75 -48.89 6.51
C LEU B 856 9.00 -49.11 7.99
N ALA B 857 7.95 -49.21 8.79
CA ALA B 857 8.11 -49.34 10.24
C ALA B 857 8.93 -50.57 10.60
N SER B 858 8.77 -51.65 9.83
CA SER B 858 9.57 -52.85 10.07
C SER B 858 11.05 -52.57 9.88
N TYR B 859 11.39 -51.79 8.84
CA TYR B 859 12.79 -51.45 8.61
C TYR B 859 13.30 -50.48 9.67
N LEU B 860 12.43 -49.59 10.15
CA LEU B 860 12.80 -48.62 11.17
C LEU B 860 12.63 -49.16 12.59
N GLN B 861 12.42 -50.47 12.72
CA GLN B 861 12.25 -51.12 14.03
C GLN B 861 11.08 -50.52 14.81
N LEU B 862 9.98 -50.26 14.09
CA LEU B 862 8.77 -49.71 14.68
C LEU B 862 7.64 -50.72 14.59
N GLN B 863 6.90 -50.88 15.67
CA GLN B 863 5.80 -51.84 15.75
C GLN B 863 4.47 -51.11 15.71
N ALA B 864 3.47 -51.76 15.09
CA ALA B 864 2.15 -51.16 14.98
C ALA B 864 1.53 -50.95 16.34
N LEU B 865 0.73 -49.88 16.47
CA LEU B 865 0.13 -49.45 17.72
C LEU B 865 -1.32 -49.93 17.79
N PRO B 866 -1.75 -50.46 18.94
CA PRO B 866 -3.16 -50.86 19.08
C PRO B 866 -4.09 -49.65 19.08
N LEU B 867 -5.34 -49.90 18.70
CA LEU B 867 -6.32 -48.82 18.61
C LEU B 867 -6.66 -48.22 19.97
N SER B 868 -6.46 -48.96 21.06
CA SER B 868 -6.72 -48.43 22.39
C SER B 868 -5.72 -47.36 22.81
N TYR B 869 -4.57 -47.27 22.12
CA TYR B 869 -3.56 -46.29 22.49
C TYR B 869 -3.92 -44.89 22.01
N PHE B 870 -4.77 -44.80 20.98
CA PHE B 870 -5.15 -43.50 20.45
C PHE B 870 -5.89 -42.61 21.43
N PRO B 871 -6.93 -43.08 22.15
CA PRO B 871 -7.55 -42.20 23.15
C PRO B 871 -6.59 -41.74 24.23
N TRP B 872 -5.69 -42.62 24.67
CA TRP B 872 -4.71 -42.24 25.68
C TRP B 872 -3.78 -41.16 25.13
N LEU B 873 -3.33 -41.31 23.88
CA LEU B 873 -2.47 -40.30 23.28
C LEU B 873 -3.19 -38.96 23.15
N VAL B 874 -4.46 -38.99 22.75
CA VAL B 874 -5.23 -37.77 22.61
C VAL B 874 -5.38 -37.08 23.96
N ALA B 875 -5.67 -37.87 25.00
CA ALA B 875 -5.79 -37.30 26.34
C ALA B 875 -4.48 -36.70 26.81
N ILE B 876 -3.36 -37.38 26.53
CA ILE B 876 -2.05 -36.87 26.93
C ILE B 876 -1.77 -35.54 26.23
N LEU B 877 -2.05 -35.47 24.93
CA LEU B 877 -1.81 -34.23 24.18
C LEU B 877 -2.69 -33.10 24.71
N ALA B 878 -3.97 -33.38 24.96
CA ALA B 878 -4.86 -32.35 25.48
C ALA B 878 -4.42 -31.87 26.85
N GLY B 879 -4.02 -32.78 27.72
CA GLY B 879 -3.52 -32.39 29.03
C GLY B 879 -2.26 -31.56 28.95
N TYR B 880 -1.34 -31.93 28.05
CA TYR B 880 -0.12 -31.17 27.87
C TYR B 880 -0.43 -29.75 27.41
N MET B 881 -1.31 -29.62 26.42
CA MET B 881 -1.66 -28.29 25.92
C MET B 881 -2.33 -27.45 27.01
N THR B 882 -3.27 -28.05 27.74
CA THR B 882 -3.97 -27.29 28.78
C THR B 882 -3.01 -26.88 29.89
N LEU B 883 -2.12 -27.78 30.32
CA LEU B 883 -1.20 -27.44 31.38
C LEU B 883 -0.24 -26.34 30.96
N THR B 884 0.29 -26.41 29.74
CA THR B 884 1.21 -25.37 29.30
C THR B 884 0.48 -24.04 29.13
N GLN B 885 -0.78 -24.07 28.69
CA GLN B 885 -1.56 -22.83 28.58
C GLN B 885 -1.79 -22.20 29.95
N LEU B 886 -2.12 -23.02 30.96
CA LEU B 886 -2.35 -22.47 32.28
C LEU B 886 -1.05 -22.06 32.97
N VAL B 887 0.09 -22.64 32.55
CA VAL B 887 1.38 -22.32 33.17
C VAL B 887 2.05 -21.10 32.54
N LYS B 888 1.74 -20.79 31.28
CA LYS B 888 2.37 -19.65 30.62
C LYS B 888 2.18 -18.35 31.39
N GLY B 889 1.09 -18.25 32.15
CA GLY B 889 0.84 -17.04 32.91
C GLY B 889 1.91 -16.75 33.95
N PHE B 890 2.39 -17.79 34.63
CA PHE B 890 3.44 -17.60 35.64
C PHE B 890 4.73 -17.10 34.99
N TYR B 891 5.09 -17.66 33.84
CA TYR B 891 6.25 -17.17 33.11
C TYR B 891 6.07 -15.73 32.68
N SER B 892 4.85 -15.37 32.26
CA SER B 892 4.58 -13.99 31.88
C SER B 892 4.74 -13.04 33.06
N ARG B 893 4.23 -13.43 34.22
CA ARG B 893 4.33 -12.56 35.40
C ARG B 893 5.77 -12.42 35.87
N ARG B 894 6.47 -13.54 36.05
CA ARG B 894 7.78 -13.50 36.71
C ARG B 894 8.84 -12.88 35.80
N TYR B 895 8.89 -13.29 34.53
CA TYR B 895 9.94 -12.84 33.62
C TYR B 895 9.41 -11.99 32.48
N GLY B 896 8.25 -12.35 31.93
CA GLY B 896 7.71 -11.62 30.80
C GLY B 896 8.05 -12.28 29.47
N TRP B 897 7.20 -12.03 28.48
CA TRP B 897 7.40 -12.62 27.16
C TRP B 897 8.48 -11.88 26.38
N GLN B 898 8.27 -10.58 26.16
CA GLN B 898 9.23 -9.78 25.40
C GLN B 898 10.17 -9.01 26.33
MG MG C . -18.87 -31.19 -22.04
MG MG D . -23.92 15.73 11.01
MG MG E . -30.66 37.01 11.28
MG MG F . 9.02 -34.15 23.81
MG MG G . 27.41 7.36 -11.64
MG MG H . 40.11 25.67 -13.00
#